data_1JYM
#
_entry.id   1JYM
#
_cell.length_a   121.263
_cell.length_b   121.263
_cell.length_c   177.272
_cell.angle_alpha   90.00
_cell.angle_beta   90.00
_cell.angle_gamma   90.00
#
_symmetry.space_group_name_H-M   'P 41'
#
loop_
_entity.id
_entity.type
_entity.pdbx_description
1 polymer 'Peptide Deformylase'
2 non-polymer 'COBALT (II) ION'
3 water water
#
_entity_poly.entity_id   1
_entity_poly.type   'polypeptide(L)'
_entity_poly.pdbx_seq_one_letter_code
;DEIKIVKYPDPILRRRSEVTNFDDNLKRVVRK(MSE)FDI(MSE)YESKGIGLSAPQVNISKRIIVWNALYEKRKEENER
IFINPSIVEQSLVKLKLIEGCLSFGIEGKVERPSIVSISYYDINGYKHLKILKGIHSRIFQHEFDHLNGTLFIDK(MSE)
TQVDKKKVRPKLNELIRDYKATHSEEPLEHHHHHH
;
_entity_poly.pdbx_strand_id   A,B,C,D,E,F,G,H,I,J
#
loop_
_chem_comp.id
_chem_comp.type
_chem_comp.name
_chem_comp.formula
CO non-polymer 'COBALT (II) ION' 'Co 2'
#
# COMPACT_ATOMS: atom_id res chain seq x y z
N ASP A 1 5.29 -55.17 4.05
CA ASP A 1 4.75 -56.26 3.19
C ASP A 1 3.33 -56.63 3.64
N GLU A 2 2.71 -55.75 4.41
CA GLU A 2 1.42 -56.06 4.99
C GLU A 2 0.22 -55.88 4.08
N ILE A 3 -0.74 -56.78 4.26
CA ILE A 3 -1.98 -56.76 3.49
C ILE A 3 -3.07 -56.02 4.23
N LYS A 4 -2.67 -55.26 5.25
CA LYS A 4 -3.62 -54.49 6.06
C LYS A 4 -3.61 -53.02 5.70
N ILE A 5 -4.73 -52.53 5.20
CA ILE A 5 -4.94 -51.11 5.05
C ILE A 5 -5.08 -50.55 6.48
N VAL A 6 -4.84 -49.26 6.69
CA VAL A 6 -5.03 -48.74 8.04
C VAL A 6 -6.11 -47.70 8.03
N LYS A 7 -6.53 -47.26 9.21
CA LYS A 7 -7.61 -46.30 9.33
C LYS A 7 -7.24 -45.13 10.23
N TYR A 8 -7.99 -44.03 10.09
CA TYR A 8 -7.76 -42.76 10.80
C TYR A 8 -7.14 -42.80 12.19
N PRO A 9 -7.77 -43.44 13.17
CA PRO A 9 -7.26 -43.29 14.53
C PRO A 9 -6.03 -44.12 14.88
N ASP A 10 -5.48 -44.87 13.93
CA ASP A 10 -4.25 -45.63 14.16
C ASP A 10 -3.20 -44.57 14.48
N PRO A 11 -2.45 -44.77 15.54
CA PRO A 11 -1.49 -43.77 16.00
C PRO A 11 -0.24 -43.72 15.15
N ILE A 12 0.02 -44.77 14.38
CA ILE A 12 1.19 -44.84 13.51
C ILE A 12 1.12 -43.79 12.40
N LEU A 13 -0.11 -43.43 12.00
CA LEU A 13 -0.37 -42.47 10.93
C LEU A 13 0.01 -41.07 11.34
N ARG A 14 0.49 -40.92 12.56
CA ARG A 14 0.96 -39.64 13.04
C ARG A 14 2.43 -39.73 13.44
N ARG A 15 3.09 -40.84 13.07
CA ARG A 15 4.49 -41.04 13.38
C ARG A 15 5.39 -40.73 12.18
N ARG A 16 6.51 -40.07 12.42
CA ARG A 16 7.44 -39.69 11.35
C ARG A 16 8.10 -40.92 10.74
N SER A 17 7.76 -41.18 9.47
CA SER A 17 8.31 -42.29 8.72
C SER A 17 9.82 -42.19 8.58
N GLU A 18 10.50 -43.31 8.74
CA GLU A 18 11.95 -43.31 8.69
C GLU A 18 12.51 -43.45 7.30
N VAL A 19 13.73 -42.96 7.13
CA VAL A 19 14.42 -42.94 5.86
C VAL A 19 14.87 -44.34 5.51
N THR A 20 14.64 -44.75 4.27
CA THR A 20 15.01 -46.09 3.80
C THR A 20 16.53 -46.17 3.60
N ASN A 21 17.09 -47.34 3.88
CA ASN A 21 18.52 -47.55 3.74
C ASN A 21 18.82 -48.60 2.71
N PHE A 22 18.62 -49.86 3.11
CA PHE A 22 18.90 -51.01 2.25
C PHE A 22 17.94 -50.97 1.08
N ASP A 23 18.48 -50.61 -0.08
CA ASP A 23 17.69 -50.32 -1.25
C ASP A 23 17.34 -51.51 -2.14
N ASP A 24 17.52 -52.73 -1.65
CA ASP A 24 17.21 -53.90 -2.49
C ASP A 24 16.50 -55.07 -1.78
N ASN A 25 16.09 -56.06 -2.59
CA ASN A 25 15.40 -57.30 -2.16
C ASN A 25 14.10 -57.10 -1.40
N LEU A 26 13.41 -56.00 -1.68
CA LEU A 26 12.20 -55.66 -0.97
C LEU A 26 11.33 -54.89 -1.93
N LYS A 27 11.36 -55.30 -3.20
CA LYS A 27 10.48 -54.74 -4.21
C LYS A 27 9.09 -55.26 -3.92
N ARG A 28 9.03 -56.34 -3.14
CA ARG A 28 7.76 -56.92 -2.71
C ARG A 28 7.05 -56.05 -1.68
N VAL A 29 7.81 -55.30 -0.88
CA VAL A 29 7.20 -54.33 0.02
C VAL A 29 6.45 -53.36 -0.87
N VAL A 30 7.13 -52.89 -1.90
CA VAL A 30 6.53 -52.02 -2.90
C VAL A 30 5.43 -52.78 -3.65
N ARG A 31 5.65 -54.06 -3.92
CA ARG A 31 4.66 -54.85 -4.63
C ARG A 31 3.39 -54.97 -3.82
N LYS A 32 3.52 -55.44 -2.58
CA LYS A 32 2.37 -55.57 -1.71
C LYS A 32 1.67 -54.23 -1.54
N MSE A 33 2.44 -53.14 -1.47
CA MSE A 33 1.89 -51.80 -1.40
C MSE A 33 0.98 -51.51 -2.57
O MSE A 33 -0.14 -51.04 -2.40
CB MSE A 33 2.99 -50.75 -1.33
CG MSE A 33 3.55 -50.56 0.05
SE MSE A 33 4.71 -49.01 0.12
CE MSE A 33 3.50 -47.77 -0.59
N PHE A 34 1.46 -51.84 -3.77
CA PHE A 34 0.65 -51.69 -4.97
C PHE A 34 -0.49 -52.68 -4.97
N ASP A 35 -0.20 -53.92 -4.57
CA ASP A 35 -1.22 -54.95 -4.49
C ASP A 35 -2.42 -54.42 -3.69
N ILE A 36 -2.13 -53.90 -2.50
CA ILE A 36 -3.18 -53.38 -1.64
C ILE A 36 -3.96 -52.27 -2.35
N MSE A 37 -3.22 -51.41 -3.03
CA MSE A 37 -3.79 -50.23 -3.67
C MSE A 37 -4.94 -50.49 -4.65
O MSE A 37 -6.01 -49.89 -4.52
CB MSE A 37 -2.69 -49.41 -4.34
CG MSE A 37 -3.05 -47.96 -4.56
SE MSE A 37 -1.82 -47.11 -5.79
CE MSE A 37 -2.44 -47.91 -7.43
N TYR A 38 -4.71 -51.36 -5.63
CA TYR A 38 -5.73 -51.64 -6.64
C TYR A 38 -7.00 -52.17 -5.98
N GLU A 39 -6.83 -53.24 -5.20
CA GLU A 39 -7.93 -53.92 -4.47
C GLU A 39 -8.68 -53.01 -3.49
N SER A 40 -8.12 -51.85 -3.18
CA SER A 40 -8.81 -50.93 -2.31
C SER A 40 -9.20 -49.64 -3.03
N LYS A 41 -9.44 -49.75 -4.34
CA LYS A 41 -9.90 -48.68 -5.24
C LYS A 41 -9.47 -47.26 -4.87
N GLY A 42 -8.17 -47.10 -4.65
CA GLY A 42 -7.58 -45.82 -4.32
C GLY A 42 -6.46 -45.51 -5.28
N ILE A 43 -6.28 -44.23 -5.58
CA ILE A 43 -5.33 -43.80 -6.58
C ILE A 43 -3.85 -43.96 -6.18
N GLY A 44 -3.54 -43.66 -4.93
CA GLY A 44 -2.17 -43.81 -4.46
C GLY A 44 -2.14 -44.59 -3.18
N LEU A 45 -0.94 -44.77 -2.63
CA LEU A 45 -0.74 -45.37 -1.31
C LEU A 45 0.65 -45.11 -0.79
N SER A 46 0.74 -44.85 0.50
CA SER A 46 2.03 -44.64 1.13
C SER A 46 2.23 -45.75 2.14
N ALA A 47 3.48 -46.09 2.44
CA ALA A 47 3.81 -47.18 3.37
C ALA A 47 3.16 -47.17 4.75
N PRO A 48 3.09 -46.03 5.46
CA PRO A 48 2.34 -46.01 6.73
C PRO A 48 0.88 -46.38 6.54
N GLN A 49 0.31 -46.16 5.35
CA GLN A 49 -1.06 -46.57 5.08
C GLN A 49 -1.25 -48.08 5.01
N VAL A 50 -0.16 -48.85 5.05
CA VAL A 50 -0.25 -50.30 5.20
C VAL A 50 0.57 -50.77 6.40
N ASN A 51 0.61 -49.91 7.41
CA ASN A 51 1.36 -50.12 8.65
C ASN A 51 2.85 -50.37 8.47
N ILE A 52 3.54 -49.45 7.79
CA ILE A 52 5.00 -49.47 7.61
C ILE A 52 5.52 -48.04 7.79
N SER A 53 6.21 -47.78 8.89
CA SER A 53 6.71 -46.43 9.16
C SER A 53 8.01 -46.09 8.43
N LYS A 54 7.96 -46.17 7.11
CA LYS A 54 9.13 -45.96 6.25
C LYS A 54 8.74 -45.11 5.04
N ARG A 55 9.53 -44.08 4.75
CA ARG A 55 9.22 -43.13 3.69
C ARG A 55 9.13 -43.67 2.24
N ILE A 56 8.00 -44.30 1.89
CA ILE A 56 7.80 -44.79 0.53
C ILE A 56 6.47 -44.21 0.04
N ILE A 57 6.35 -43.95 -1.27
CA ILE A 57 5.13 -43.42 -1.90
C ILE A 57 4.97 -44.07 -3.27
N VAL A 58 3.76 -44.48 -3.62
CA VAL A 58 3.50 -45.03 -4.95
C VAL A 58 2.14 -44.59 -5.50
N TRP A 59 2.01 -44.54 -6.82
CA TRP A 59 0.69 -44.26 -7.40
C TRP A 59 0.42 -44.68 -8.83
N ASN A 60 -0.81 -44.40 -9.27
CA ASN A 60 -1.26 -44.62 -10.63
C ASN A 60 -2.37 -43.65 -11.00
N ALA A 61 -2.10 -42.79 -11.96
CA ALA A 61 -3.09 -41.81 -12.40
C ALA A 61 -4.27 -42.52 -13.03
N LEU A 62 -3.99 -43.66 -13.65
CA LEU A 62 -4.98 -44.49 -14.30
C LEU A 62 -4.93 -45.88 -13.68
N TYR A 63 -5.65 -46.06 -12.58
CA TYR A 63 -5.63 -47.34 -11.86
C TYR A 63 -6.90 -48.15 -12.03
N GLU A 64 -7.89 -47.58 -12.72
CA GLU A 64 -9.13 -48.30 -13.01
C GLU A 64 -8.86 -49.30 -14.15
N LYS A 65 -7.63 -49.24 -14.66
CA LYS A 65 -7.09 -50.18 -15.63
C LYS A 65 -5.66 -50.37 -15.18
N ARG A 66 -5.35 -51.50 -14.57
CA ARG A 66 -3.99 -51.71 -14.08
C ARG A 66 -2.99 -51.99 -15.21
N LYS A 67 -1.95 -51.16 -15.24
CA LYS A 67 -0.91 -51.26 -16.24
C LYS A 67 0.43 -51.06 -15.54
N GLU A 68 1.24 -52.11 -15.49
CA GLU A 68 2.56 -52.04 -14.87
C GLU A 68 3.43 -51.03 -15.61
N GLU A 69 4.29 -50.33 -14.88
CA GLU A 69 5.19 -49.30 -15.42
C GLU A 69 4.45 -48.04 -15.87
N ASN A 70 3.13 -48.05 -15.66
CA ASN A 70 2.29 -46.86 -15.76
C ASN A 70 2.16 -46.46 -14.28
N GLU A 71 2.80 -47.28 -13.46
CA GLU A 71 2.97 -47.07 -12.04
C GLU A 71 4.04 -46.00 -11.85
N ARG A 72 4.13 -45.46 -10.63
CA ARG A 72 5.14 -44.47 -10.27
C ARG A 72 5.57 -44.72 -8.83
N ILE A 73 6.87 -44.76 -8.62
CA ILE A 73 7.46 -45.13 -7.33
C ILE A 73 8.39 -44.01 -6.87
N PHE A 74 8.28 -43.60 -5.60
CA PHE A 74 9.07 -42.48 -5.07
C PHE A 74 9.64 -42.76 -3.65
N ILE A 75 10.87 -43.26 -3.59
CA ILE A 75 11.49 -43.60 -2.31
C ILE A 75 12.28 -42.42 -1.76
N ASN A 76 12.20 -42.20 -0.46
CA ASN A 76 12.79 -41.06 0.25
C ASN A 76 12.58 -39.70 -0.39
N PRO A 77 11.32 -39.28 -0.51
CA PRO A 77 11.02 -38.04 -1.20
C PRO A 77 11.28 -36.84 -0.32
N SER A 78 11.29 -35.69 -0.99
CA SER A 78 11.55 -34.42 -0.34
C SER A 78 11.03 -33.36 -1.31
N ILE A 79 10.25 -32.41 -0.81
CA ILE A 79 9.69 -31.34 -1.63
C ILE A 79 10.67 -30.19 -1.59
N VAL A 80 11.22 -29.81 -2.74
CA VAL A 80 12.28 -28.81 -2.71
C VAL A 80 11.89 -27.39 -3.10
N GLU A 81 10.75 -27.23 -3.75
CA GLU A 81 10.17 -25.93 -4.09
C GLU A 81 8.74 -26.20 -4.52
N GLN A 82 7.82 -25.29 -4.18
CA GLN A 82 6.44 -25.43 -4.63
C GLN A 82 5.92 -24.21 -5.34
N SER A 83 4.86 -24.40 -6.10
CA SER A 83 4.23 -23.31 -6.85
C SER A 83 3.71 -22.21 -5.93
N LEU A 84 3.57 -21.01 -6.47
CA LEU A 84 2.97 -19.97 -5.65
C LEU A 84 1.46 -20.10 -5.79
N VAL A 85 1.03 -20.43 -7.01
CA VAL A 85 -0.37 -20.71 -7.35
C VAL A 85 -0.89 -21.90 -6.57
N LYS A 86 -1.93 -21.68 -5.78
CA LYS A 86 -2.56 -22.79 -5.07
C LYS A 86 -3.85 -23.27 -5.76
N LEU A 87 -4.42 -24.35 -5.24
CA LEU A 87 -5.56 -24.99 -5.87
C LEU A 87 -6.39 -25.77 -4.87
N LYS A 88 -7.70 -25.72 -5.00
CA LYS A 88 -8.56 -26.54 -4.14
C LYS A 88 -9.23 -27.64 -4.95
N LEU A 89 -9.02 -28.88 -4.53
CA LEU A 89 -9.63 -30.03 -5.21
C LEU A 89 -10.21 -30.96 -4.15
N ILE A 90 -11.15 -31.84 -4.54
CA ILE A 90 -11.69 -32.78 -3.57
C ILE A 90 -10.78 -33.98 -3.40
N GLU A 91 -10.26 -34.13 -2.19
CA GLU A 91 -9.35 -35.23 -1.89
C GLU A 91 -10.00 -36.23 -1.00
N GLY A 92 -9.43 -37.44 -0.96
CA GLY A 92 -9.99 -38.55 -0.22
C GLY A 92 -8.81 -39.39 0.20
N CYS A 93 -9.04 -40.40 1.05
CA CYS A 93 -7.95 -41.17 1.60
C CYS A 93 -8.40 -42.58 1.95
N LEU A 94 -7.50 -43.55 1.79
CA LEU A 94 -7.81 -44.95 2.06
C LEU A 94 -7.82 -45.29 3.55
N SER A 95 -7.61 -44.27 4.38
CA SER A 95 -7.69 -44.40 5.82
C SER A 95 -8.91 -43.66 6.31
N PHE A 96 -9.77 -43.24 5.39
CA PHE A 96 -11.00 -42.54 5.73
C PHE A 96 -12.13 -42.87 4.71
N GLY A 97 -13.38 -42.98 5.15
CA GLY A 97 -14.51 -43.05 4.23
C GLY A 97 -15.06 -41.63 4.02
N ILE A 98 -14.15 -40.64 4.08
CA ILE A 98 -14.46 -39.22 4.13
C ILE A 98 -13.78 -38.44 2.98
N GLU A 99 -14.44 -37.41 2.43
CA GLU A 99 -13.87 -36.63 1.34
C GLU A 99 -14.19 -35.13 1.37
N GLY A 100 -13.22 -34.29 0.99
CA GLY A 100 -13.41 -32.85 0.99
C GLY A 100 -12.32 -32.03 0.31
N LYS A 101 -12.45 -30.71 0.38
CA LYS A 101 -11.49 -29.82 -0.27
C LYS A 101 -10.30 -29.47 0.59
N VAL A 102 -9.13 -29.50 -0.05
CA VAL A 102 -7.82 -29.26 0.54
C VAL A 102 -7.12 -28.28 -0.38
N GLU A 103 -6.48 -27.26 0.18
CA GLU A 103 -5.73 -26.31 -0.64
C GLU A 103 -4.26 -26.69 -0.68
N ARG A 104 -3.75 -26.93 -1.88
CA ARG A 104 -2.35 -27.28 -2.07
C ARG A 104 -1.82 -26.55 -3.32
N PRO A 105 -0.52 -26.27 -3.39
CA PRO A 105 0.08 -25.68 -4.60
C PRO A 105 -0.16 -26.54 -5.83
N SER A 106 -0.20 -25.92 -7.00
CA SER A 106 -0.41 -26.62 -8.27
C SER A 106 0.77 -27.46 -8.70
N ILE A 107 1.94 -26.85 -8.80
CA ILE A 107 3.18 -27.47 -9.28
C ILE A 107 4.15 -27.71 -8.13
N VAL A 108 4.93 -28.79 -8.19
CA VAL A 108 5.97 -29.04 -7.19
C VAL A 108 7.31 -29.57 -7.70
N SER A 109 8.39 -28.98 -7.22
CA SER A 109 9.73 -29.42 -7.52
C SER A 109 10.09 -30.50 -6.52
N ILE A 110 10.37 -31.69 -7.02
CA ILE A 110 10.56 -32.86 -6.17
C ILE A 110 12.01 -33.34 -6.25
N SER A 111 12.41 -34.18 -5.31
CA SER A 111 13.62 -34.95 -5.40
C SER A 111 13.24 -36.22 -4.71
N TYR A 112 13.76 -37.36 -5.16
CA TYR A 112 13.46 -38.67 -4.55
C TYR A 112 14.52 -39.70 -4.96
N TYR A 113 14.38 -40.93 -4.51
CA TYR A 113 15.37 -41.97 -4.83
C TYR A 113 14.65 -43.15 -5.49
N ASP A 114 15.30 -43.84 -6.41
CA ASP A 114 14.62 -44.94 -7.07
C ASP A 114 14.70 -46.23 -6.29
N ILE A 115 14.06 -47.28 -6.82
CA ILE A 115 14.01 -48.58 -6.18
C ILE A 115 15.41 -49.20 -6.08
N ASN A 116 16.34 -48.73 -6.91
CA ASN A 116 17.72 -49.20 -6.88
C ASN A 116 18.57 -48.33 -5.98
N GLY A 117 18.17 -47.09 -5.77
CA GLY A 117 18.88 -46.19 -4.89
C GLY A 117 19.25 -44.84 -5.48
N TYR A 118 19.18 -44.72 -6.80
CA TYR A 118 19.65 -43.50 -7.45
C TYR A 118 18.72 -42.32 -7.24
N LYS A 119 19.31 -41.16 -6.98
CA LYS A 119 18.55 -39.94 -6.72
C LYS A 119 18.05 -39.36 -8.01
N HIS A 120 16.96 -38.61 -7.95
CA HIS A 120 16.33 -38.00 -9.12
C HIS A 120 15.74 -36.66 -8.78
N LEU A 121 15.54 -35.82 -9.79
CA LEU A 121 14.88 -34.53 -9.63
C LEU A 121 13.81 -34.38 -10.72
N LYS A 122 12.60 -33.99 -10.32
CA LYS A 122 11.47 -33.88 -11.26
C LYS A 122 10.48 -32.84 -10.83
N ILE A 123 9.93 -32.12 -11.79
CA ILE A 123 8.85 -31.20 -11.52
C ILE A 123 7.55 -31.97 -11.71
N LEU A 124 6.70 -31.97 -10.70
CA LEU A 124 5.43 -32.66 -10.81
C LEU A 124 4.32 -31.65 -10.89
N LYS A 125 3.47 -31.76 -11.90
CA LYS A 125 2.37 -30.83 -11.98
C LYS A 125 0.99 -31.40 -12.32
N GLY A 126 0.00 -30.89 -11.59
CA GLY A 126 -1.37 -31.21 -11.88
C GLY A 126 -2.02 -32.13 -10.88
N ILE A 127 -2.15 -33.38 -11.29
CA ILE A 127 -2.77 -34.35 -10.42
C ILE A 127 -1.67 -35.21 -9.80
N HIS A 128 -0.57 -35.36 -10.51
CA HIS A 128 0.59 -36.05 -9.96
C HIS A 128 1.13 -35.28 -8.76
N SER A 129 1.19 -33.97 -8.93
CA SER A 129 1.52 -33.05 -7.89
C SER A 129 0.59 -33.26 -6.73
N ARG A 130 -0.70 -33.33 -7.04
CA ARG A 130 -1.73 -33.52 -6.04
C ARG A 130 -1.55 -34.80 -5.23
N ILE A 131 -1.32 -35.89 -5.93
CA ILE A 131 -1.14 -37.16 -5.26
C ILE A 131 0.17 -37.17 -4.51
N PHE A 132 1.19 -36.52 -5.06
CA PHE A 132 2.48 -36.45 -4.36
C PHE A 132 2.35 -35.88 -2.93
N GLN A 133 1.77 -34.68 -2.82
CA GLN A 133 1.66 -34.01 -1.54
C GLN A 133 0.68 -34.66 -0.55
N HIS A 134 -0.25 -35.49 -1.03
CA HIS A 134 -1.11 -36.23 -0.10
C HIS A 134 -0.23 -37.28 0.54
N GLU A 135 0.26 -38.21 -0.28
CA GLU A 135 1.14 -39.26 0.19
C GLU A 135 2.40 -38.73 0.90
N PHE A 136 2.93 -37.59 0.47
CA PHE A 136 4.09 -37.05 1.15
C PHE A 136 3.71 -36.58 2.55
N ASP A 137 2.53 -36.01 2.70
CA ASP A 137 2.09 -35.56 3.99
C ASP A 137 1.98 -36.75 4.95
N HIS A 138 1.57 -37.90 4.43
CA HIS A 138 1.44 -39.11 5.23
C HIS A 138 2.77 -39.46 5.89
N LEU A 139 3.87 -39.25 5.16
CA LEU A 139 5.20 -39.62 5.64
C LEU A 139 5.72 -38.73 6.78
N ASN A 140 5.09 -37.59 6.98
CA ASN A 140 5.49 -36.72 8.06
C ASN A 140 4.41 -36.74 9.15
N GLY A 141 3.41 -37.58 8.94
CA GLY A 141 2.33 -37.68 9.90
C GLY A 141 1.24 -36.62 9.70
N THR A 142 1.18 -36.05 8.50
CA THR A 142 0.13 -35.08 8.20
C THR A 142 -0.97 -35.77 7.40
N LEU A 143 -2.23 -35.55 7.80
CA LEU A 143 -3.38 -36.16 7.16
C LEU A 143 -4.25 -35.07 6.54
N PHE A 144 -4.93 -35.34 5.43
CA PHE A 144 -5.62 -34.26 4.69
C PHE A 144 -6.69 -33.51 5.42
N ILE A 145 -7.01 -33.99 6.62
CA ILE A 145 -7.97 -33.30 7.44
C ILE A 145 -7.26 -32.25 8.27
N ASP A 146 -5.94 -32.13 8.11
CA ASP A 146 -5.23 -31.05 8.78
C ASP A 146 -5.39 -29.82 7.90
N LYS A 147 -5.41 -30.06 6.60
CA LYS A 147 -5.42 -28.99 5.62
C LYS A 147 -6.79 -28.73 5.06
N MSE A 148 -7.78 -29.47 5.56
CA MSE A 148 -9.15 -29.29 5.12
C MSE A 148 -9.68 -27.92 5.52
O MSE A 148 -9.29 -27.34 6.53
CB MSE A 148 -10.05 -30.34 5.73
CG MSE A 148 -11.06 -30.93 4.78
SE MSE A 148 -11.74 -32.57 5.50
CE MSE A 148 -11.45 -33.78 4.04
N THR A 149 -10.59 -27.43 4.70
CA THR A 149 -11.25 -26.15 4.93
C THR A 149 -12.09 -26.22 6.18
N GLN A 150 -12.41 -25.05 6.75
CA GLN A 150 -13.21 -24.97 7.98
C GLN A 150 -14.60 -25.56 7.79
N VAL A 151 -15.17 -25.33 6.61
CA VAL A 151 -16.49 -25.83 6.22
C VAL A 151 -16.50 -27.33 6.12
N ASP A 152 -15.60 -27.90 5.33
CA ASP A 152 -15.59 -29.35 5.13
C ASP A 152 -15.05 -30.11 6.34
N LYS A 153 -14.25 -29.44 7.18
CA LYS A 153 -13.77 -30.10 8.37
C LYS A 153 -14.99 -30.29 9.30
N LYS A 154 -15.79 -29.23 9.43
CA LYS A 154 -16.97 -29.26 10.28
C LYS A 154 -18.04 -30.21 9.75
N LYS A 155 -18.32 -30.09 8.45
CA LYS A 155 -19.29 -30.92 7.72
C LYS A 155 -18.97 -32.40 7.78
N VAL A 156 -17.79 -32.77 8.24
CA VAL A 156 -17.43 -34.18 8.21
C VAL A 156 -17.03 -34.72 9.59
N ARG A 157 -17.25 -33.88 10.59
CA ARG A 157 -16.98 -34.22 11.98
C ARG A 157 -17.67 -35.47 12.52
N PRO A 158 -19.01 -35.60 12.36
CA PRO A 158 -19.71 -36.85 12.73
C PRO A 158 -18.99 -38.09 12.25
N LYS A 159 -18.64 -38.06 10.96
CA LYS A 159 -17.95 -39.18 10.32
C LYS A 159 -16.62 -39.46 10.97
N LEU A 160 -15.80 -38.43 11.10
CA LEU A 160 -14.50 -38.55 11.74
C LEU A 160 -14.66 -39.08 13.17
N ASN A 161 -15.68 -38.63 13.87
CA ASN A 161 -15.95 -39.11 15.21
C ASN A 161 -16.37 -40.56 15.20
N GLU A 162 -17.25 -40.89 14.26
CA GLU A 162 -17.72 -42.27 14.04
C GLU A 162 -16.56 -43.23 13.84
N LEU A 163 -15.54 -42.77 13.12
CA LEU A 163 -14.37 -43.59 12.84
C LEU A 163 -13.53 -43.82 14.09
N ILE A 164 -13.63 -42.89 15.06
CA ILE A 164 -12.88 -43.04 16.30
C ILE A 164 -13.49 -44.12 17.17
N ARG A 165 -14.82 -44.10 17.26
CA ARG A 165 -15.54 -45.13 18.01
C ARG A 165 -15.29 -46.50 17.37
N ASP A 166 -15.45 -46.57 16.05
CA ASP A 166 -15.14 -47.78 15.30
C ASP A 166 -13.84 -48.35 15.78
N TYR A 167 -12.79 -47.53 15.68
CA TYR A 167 -11.45 -47.94 16.10
C TYR A 167 -11.39 -48.37 17.57
N LYS A 168 -12.20 -47.73 18.43
CA LYS A 168 -12.19 -48.07 19.85
C LYS A 168 -12.68 -49.49 20.17
N ALA A 169 -13.18 -50.16 19.14
CA ALA A 169 -13.51 -51.57 19.23
C ALA A 169 -12.29 -52.50 19.12
N THR A 170 -11.08 -51.94 19.15
CA THR A 170 -9.84 -52.74 19.10
C THR A 170 -9.73 -53.48 20.41
N HIS A 171 -10.09 -52.80 21.48
CA HIS A 171 -10.07 -53.39 22.80
C HIS A 171 -11.51 -53.44 23.33
N SER A 172 -12.45 -53.85 22.48
CA SER A 172 -13.84 -53.90 22.90
C SER A 172 -14.42 -55.28 23.13
N GLU A 173 -13.87 -56.00 24.10
CA GLU A 173 -14.51 -57.23 24.54
C GLU A 173 -15.59 -56.78 25.55
N GLU A 174 -15.45 -55.54 25.98
CA GLU A 174 -16.36 -54.88 26.91
C GLU A 174 -17.54 -54.27 26.15
N PRO A 175 -18.57 -53.82 26.87
CA PRO A 175 -19.75 -53.22 26.22
C PRO A 175 -19.78 -51.69 26.18
N LEU A 176 -18.72 -51.03 26.61
CA LEU A 176 -18.80 -49.58 26.77
C LEU A 176 -18.46 -48.76 25.51
N GLU A 177 -18.44 -49.44 24.36
CA GLU A 177 -18.25 -48.82 23.06
C GLU A 177 -19.31 -49.37 22.09
N HIS A 178 -20.17 -48.49 21.58
CA HIS A 178 -21.31 -48.90 20.72
C HIS A 178 -21.14 -48.69 19.21
N HIS A 179 -21.92 -49.43 18.43
CA HIS A 179 -21.94 -49.30 16.98
C HIS A 179 -23.37 -49.39 16.44
N ASP B 1 21.08 -2.03 -22.62
CA ASP B 1 20.61 -1.94 -24.03
C ASP B 1 21.83 -1.90 -24.96
N GLU B 2 22.97 -2.29 -24.44
CA GLU B 2 24.24 -2.09 -25.15
C GLU B 2 24.69 -3.15 -26.16
N ILE B 3 25.38 -2.66 -27.19
CA ILE B 3 26.06 -3.46 -28.22
C ILE B 3 27.51 -3.65 -27.74
N LYS B 4 27.69 -3.38 -26.46
CA LYS B 4 28.96 -3.52 -25.79
C LYS B 4 29.12 -4.91 -25.23
N ILE B 5 29.79 -5.80 -25.96
CA ILE B 5 30.16 -7.07 -25.35
C ILE B 5 31.33 -6.71 -24.43
N VAL B 6 31.45 -7.35 -23.28
CA VAL B 6 32.60 -7.02 -22.44
C VAL B 6 33.56 -8.20 -22.37
N LYS B 7 34.82 -7.94 -22.03
CA LYS B 7 35.86 -8.96 -22.05
C LYS B 7 36.40 -9.31 -20.67
N TYR B 8 37.22 -10.35 -20.62
CA TYR B 8 37.74 -10.92 -19.38
C TYR B 8 37.99 -9.97 -18.21
N PRO B 9 38.95 -9.05 -18.27
CA PRO B 9 39.33 -8.33 -17.06
C PRO B 9 38.39 -7.21 -16.60
N ASP B 10 37.32 -6.97 -17.37
CA ASP B 10 36.34 -5.95 -16.99
C ASP B 10 35.85 -6.32 -15.60
N PRO B 11 35.92 -5.37 -14.66
CA PRO B 11 35.55 -5.63 -13.26
C PRO B 11 34.06 -5.79 -13.06
N ILE B 12 33.28 -5.40 -14.06
CA ILE B 12 31.84 -5.51 -13.94
C ILE B 12 31.47 -6.99 -14.05
N LEU B 13 32.34 -7.75 -14.67
CA LEU B 13 32.12 -9.15 -14.90
C LEU B 13 32.25 -9.93 -13.60
N ARG B 14 32.79 -9.26 -12.57
CA ARG B 14 33.01 -9.87 -11.28
C ARG B 14 32.02 -9.34 -10.21
N ARG B 15 31.16 -8.41 -10.61
CA ARG B 15 30.16 -7.84 -9.72
C ARG B 15 28.95 -8.75 -9.61
N ARG B 16 28.20 -8.63 -8.52
CA ARG B 16 26.99 -9.43 -8.36
C ARG B 16 25.80 -8.66 -8.86
N SER B 17 25.16 -9.19 -9.90
CA SER B 17 24.04 -8.54 -10.57
C SER B 17 22.84 -8.33 -9.69
N GLU B 18 22.14 -7.23 -9.92
CA GLU B 18 20.99 -6.89 -9.11
C GLU B 18 19.71 -7.52 -9.64
N VAL B 19 18.78 -7.75 -8.71
CA VAL B 19 17.50 -8.38 -8.98
C VAL B 19 16.59 -7.48 -9.79
N THR B 20 16.24 -7.94 -10.99
CA THR B 20 15.35 -7.23 -11.90
C THR B 20 13.97 -7.02 -11.30
N ASN B 21 13.47 -5.79 -11.37
CA ASN B 21 12.18 -5.45 -10.78
C ASN B 21 11.07 -5.28 -11.79
N PHE B 22 11.17 -4.24 -12.59
CA PHE B 22 10.10 -3.87 -13.49
C PHE B 22 10.09 -4.74 -14.73
N ASP B 23 9.19 -5.71 -14.71
CA ASP B 23 9.10 -6.73 -15.74
C ASP B 23 8.31 -6.32 -16.97
N ASP B 24 8.53 -5.13 -17.50
CA ASP B 24 7.83 -4.75 -18.71
C ASP B 24 8.57 -3.73 -19.54
N ASN B 25 8.30 -3.80 -20.84
CA ASN B 25 8.83 -2.88 -21.85
C ASN B 25 10.33 -2.70 -21.84
N LEU B 26 11.02 -3.83 -21.67
CA LEU B 26 12.47 -3.89 -21.65
C LEU B 26 12.82 -5.17 -22.36
N LYS B 27 12.01 -5.52 -23.35
CA LYS B 27 12.21 -6.72 -24.16
C LYS B 27 13.30 -6.43 -25.15
N ARG B 28 13.53 -5.14 -25.39
CA ARG B 28 14.60 -4.68 -26.26
C ARG B 28 15.91 -5.04 -25.62
N VAL B 29 16.03 -4.81 -24.31
CA VAL B 29 17.22 -5.18 -23.54
C VAL B 29 17.62 -6.58 -23.91
N VAL B 30 16.67 -7.51 -23.77
CA VAL B 30 16.85 -8.92 -24.10
C VAL B 30 17.12 -9.11 -25.57
N ARG B 31 16.49 -8.28 -26.42
CA ARG B 31 16.70 -8.43 -27.84
C ARG B 31 18.10 -7.99 -28.21
N LYS B 32 18.55 -6.87 -27.64
CA LYS B 32 19.92 -6.42 -27.89
C LYS B 32 20.80 -7.53 -27.39
N MSE B 33 20.54 -8.00 -26.17
CA MSE B 33 21.26 -9.16 -25.64
C MSE B 33 21.36 -10.29 -26.67
O MSE B 33 22.46 -10.78 -26.93
CB MSE B 33 20.62 -9.64 -24.34
CG MSE B 33 21.00 -8.83 -23.14
SE MSE B 33 20.51 -9.64 -21.45
CE MSE B 33 21.30 -11.35 -21.67
N PHE B 34 20.24 -10.67 -27.27
CA PHE B 34 20.28 -11.72 -28.28
C PHE B 34 21.08 -11.32 -29.53
N ASP B 35 20.86 -10.09 -30.01
CA ASP B 35 21.51 -9.60 -31.22
C ASP B 35 23.02 -9.78 -31.24
N ILE B 36 23.70 -9.36 -30.17
CA ILE B 36 25.16 -9.48 -30.11
C ILE B 36 25.61 -10.93 -29.96
N MSE B 37 24.71 -11.79 -29.52
CA MSE B 37 25.08 -13.18 -29.33
C MSE B 37 25.15 -13.93 -30.65
O MSE B 37 25.94 -14.86 -30.81
CB MSE B 37 24.11 -13.87 -28.39
CG MSE B 37 24.65 -15.10 -27.73
SE MSE B 37 23.25 -16.03 -26.81
CE MSE B 37 22.35 -16.93 -28.28
N TYR B 38 24.31 -13.54 -31.59
CA TYR B 38 24.32 -14.17 -32.90
C TYR B 38 25.55 -13.72 -33.70
N GLU B 39 25.84 -12.43 -33.67
CA GLU B 39 27.01 -11.94 -34.41
C GLU B 39 28.33 -12.24 -33.74
N SER B 40 28.31 -12.55 -32.44
CA SER B 40 29.54 -12.96 -31.78
C SER B 40 29.61 -14.47 -31.75
N LYS B 41 28.75 -15.09 -32.56
CA LYS B 41 28.79 -16.51 -32.89
C LYS B 41 28.67 -17.33 -31.63
N GLY B 42 27.74 -16.95 -30.77
CA GLY B 42 27.68 -17.55 -29.45
C GLY B 42 26.40 -18.18 -29.02
N ILE B 43 26.54 -19.10 -28.07
CA ILE B 43 25.44 -19.90 -27.57
C ILE B 43 24.72 -19.28 -26.35
N GLY B 44 25.44 -18.53 -25.53
CA GLY B 44 24.85 -18.05 -24.31
C GLY B 44 25.19 -16.63 -23.95
N LEU B 45 24.31 -15.98 -23.19
CA LEU B 45 24.60 -14.63 -22.76
C LEU B 45 23.87 -14.20 -21.49
N SER B 46 24.62 -13.60 -20.57
CA SER B 46 24.02 -13.00 -19.39
C SER B 46 24.18 -11.51 -19.54
N ALA B 47 23.42 -10.76 -18.76
CA ALA B 47 23.45 -9.30 -18.86
C ALA B 47 24.75 -8.57 -18.48
N PRO B 48 25.52 -9.02 -17.47
CA PRO B 48 26.83 -8.39 -17.18
C PRO B 48 27.75 -8.43 -18.36
N GLN B 49 27.56 -9.38 -19.27
CA GLN B 49 28.41 -9.52 -20.43
C GLN B 49 28.14 -8.45 -21.47
N VAL B 50 26.96 -7.84 -21.40
CA VAL B 50 26.65 -6.71 -22.28
C VAL B 50 26.55 -5.44 -21.49
N ASN B 51 27.16 -5.47 -20.32
CA ASN B 51 27.35 -4.31 -19.46
C ASN B 51 26.10 -3.84 -18.75
N ILE B 52 25.21 -4.77 -18.44
CA ILE B 52 24.04 -4.48 -17.62
C ILE B 52 24.14 -5.35 -16.37
N SER B 53 24.34 -4.76 -15.21
CA SER B 53 24.52 -5.57 -14.03
C SER B 53 23.20 -6.12 -13.48
N LYS B 54 22.39 -6.72 -14.35
CA LYS B 54 21.08 -7.23 -13.96
C LYS B 54 20.98 -8.76 -14.08
N ARG B 55 20.12 -9.37 -13.27
CA ARG B 55 20.03 -10.83 -13.26
C ARG B 55 19.30 -11.47 -14.44
N ILE B 56 19.88 -11.36 -15.64
CA ILE B 56 19.24 -11.88 -16.84
C ILE B 56 20.12 -12.93 -17.59
N ILE B 57 19.48 -13.98 -18.11
CA ILE B 57 20.14 -15.09 -18.80
C ILE B 57 19.34 -15.45 -20.03
N VAL B 58 20.00 -15.55 -21.17
CA VAL B 58 19.33 -15.99 -22.37
C VAL B 58 20.21 -16.97 -23.16
N TRP B 59 19.60 -17.95 -23.84
CA TRP B 59 20.35 -18.83 -24.74
C TRP B 59 19.61 -19.51 -25.88
N ASN B 60 20.37 -19.93 -26.86
CA ASN B 60 19.84 -20.65 -27.99
C ASN B 60 20.80 -21.76 -28.38
N ALA B 61 20.33 -22.99 -28.23
CA ALA B 61 21.15 -24.16 -28.48
C ALA B 61 21.26 -24.53 -29.94
N LEU B 62 20.71 -23.67 -30.79
CA LEU B 62 20.78 -23.81 -32.25
C LEU B 62 20.84 -22.40 -32.81
N TYR B 63 22.01 -21.81 -32.81
CA TYR B 63 22.15 -20.40 -33.21
C TYR B 63 22.75 -20.27 -34.60
N GLU B 64 23.10 -21.41 -35.18
CA GLU B 64 23.56 -21.44 -36.56
C GLU B 64 22.31 -21.31 -37.42
N LYS B 65 21.17 -21.51 -36.77
CA LYS B 65 19.87 -21.32 -37.38
C LYS B 65 19.06 -20.61 -36.31
N ARG B 66 19.15 -19.28 -36.26
CA ARG B 66 18.43 -18.48 -35.27
C ARG B 66 16.92 -18.62 -35.44
N LYS B 67 16.22 -19.02 -34.38
CA LYS B 67 14.77 -19.20 -34.45
C LYS B 67 14.13 -18.65 -33.20
N GLU B 68 13.10 -17.82 -33.35
CA GLU B 68 12.36 -17.34 -32.19
C GLU B 68 11.64 -18.53 -31.56
N GLU B 69 11.36 -18.42 -30.26
CA GLU B 69 10.76 -19.51 -29.46
C GLU B 69 11.64 -20.75 -29.37
N ASN B 70 12.86 -20.63 -29.90
CA ASN B 70 13.89 -21.62 -29.68
C ASN B 70 14.91 -20.96 -28.76
N GLU B 71 14.78 -19.63 -28.65
CA GLU B 71 15.51 -18.84 -27.68
C GLU B 71 14.92 -19.18 -26.31
N ARG B 72 15.76 -19.14 -25.27
CA ARG B 72 15.32 -19.37 -23.89
C ARG B 72 15.61 -18.10 -23.10
N ILE B 73 14.70 -17.71 -22.21
CA ILE B 73 14.88 -16.48 -21.41
C ILE B 73 14.62 -16.85 -19.96
N PHE B 74 15.47 -16.36 -19.05
CA PHE B 74 15.35 -16.70 -17.64
C PHE B 74 15.60 -15.49 -16.76
N ILE B 75 14.56 -14.84 -16.26
CA ILE B 75 14.77 -13.65 -15.41
C ILE B 75 14.86 -14.08 -13.95
N ASN B 76 15.74 -13.41 -13.19
CA ASN B 76 15.97 -13.67 -11.77
C ASN B 76 16.02 -15.12 -11.33
N PRO B 77 16.92 -15.94 -11.88
CA PRO B 77 16.93 -17.37 -11.55
C PRO B 77 17.62 -17.72 -10.24
N SER B 78 17.50 -19.00 -9.92
CA SER B 78 18.06 -19.56 -8.72
C SER B 78 18.21 -21.06 -8.95
N ILE B 79 19.05 -21.73 -8.16
CA ILE B 79 19.22 -23.16 -8.28
C ILE B 79 18.66 -23.79 -7.01
N VAL B 80 17.61 -24.59 -7.13
CA VAL B 80 16.98 -25.10 -5.93
C VAL B 80 17.56 -26.45 -5.52
N GLU B 81 18.02 -27.20 -6.52
CA GLU B 81 18.70 -28.48 -6.31
C GLU B 81 19.55 -28.73 -7.54
N GLN B 82 20.62 -29.51 -7.39
CA GLN B 82 21.47 -29.87 -8.51
C GLN B 82 21.79 -31.32 -8.38
N SER B 83 22.15 -31.96 -9.48
CA SER B 83 22.44 -33.37 -9.49
C SER B 83 23.72 -33.73 -8.72
N LEU B 84 23.83 -34.99 -8.35
CA LEU B 84 25.00 -35.46 -7.66
C LEU B 84 25.99 -35.86 -8.72
N VAL B 85 25.51 -36.52 -9.77
CA VAL B 85 26.34 -36.85 -10.91
C VAL B 85 26.82 -35.58 -11.59
N LYS B 86 28.13 -35.51 -11.86
CA LYS B 86 28.78 -34.36 -12.49
C LYS B 86 29.41 -34.71 -13.82
N LEU B 87 29.94 -33.72 -14.52
CA LEU B 87 30.38 -33.94 -15.88
C LEU B 87 31.38 -32.90 -16.36
N LYS B 88 32.51 -33.33 -16.90
CA LYS B 88 33.50 -32.42 -17.48
C LYS B 88 33.22 -32.24 -18.98
N LEU B 89 32.59 -31.13 -19.33
CA LEU B 89 32.34 -30.80 -20.70
C LEU B 89 33.16 -29.56 -21.08
N ILE B 90 33.46 -29.44 -22.37
CA ILE B 90 34.18 -28.30 -22.89
C ILE B 90 33.24 -27.10 -22.87
N GLU B 91 33.78 -25.95 -22.48
CA GLU B 91 33.01 -24.72 -22.47
C GLU B 91 33.83 -23.66 -23.17
N GLY B 92 33.20 -22.52 -23.39
CA GLY B 92 33.80 -21.32 -23.95
C GLY B 92 32.87 -20.21 -23.49
N CYS B 93 33.30 -18.96 -23.56
CA CYS B 93 32.46 -17.85 -23.09
C CYS B 93 32.77 -16.62 -23.95
N LEU B 94 31.75 -15.84 -24.31
CA LEU B 94 31.98 -14.75 -25.28
C LEU B 94 32.84 -13.59 -24.80
N SER B 95 33.22 -13.60 -23.54
CA SER B 95 34.17 -12.64 -23.03
C SER B 95 35.57 -13.25 -23.08
N PHE B 96 35.80 -14.19 -24.00
CA PHE B 96 37.05 -14.94 -24.12
C PHE B 96 37.18 -15.70 -25.48
N GLY B 97 38.15 -15.42 -26.34
CA GLY B 97 38.44 -16.36 -27.44
C GLY B 97 39.05 -17.71 -26.92
N ILE B 98 38.68 -18.11 -25.70
CA ILE B 98 39.31 -19.18 -24.93
C ILE B 98 38.34 -20.33 -24.65
N GLU B 99 38.86 -21.54 -24.49
CA GLU B 99 38.01 -22.65 -24.14
C GLU B 99 38.73 -23.70 -23.23
N GLY B 100 37.94 -24.50 -22.50
CA GLY B 100 38.46 -25.57 -21.67
C GLY B 100 37.38 -26.44 -21.04
N LYS B 101 37.79 -27.45 -20.29
CA LYS B 101 36.85 -28.32 -19.58
C LYS B 101 36.55 -27.78 -18.17
N VAL B 102 35.29 -27.92 -17.74
CA VAL B 102 34.79 -27.42 -16.45
C VAL B 102 33.76 -28.42 -15.89
N GLU B 103 34.06 -29.06 -14.77
CA GLU B 103 33.18 -30.05 -14.19
C GLU B 103 32.01 -29.43 -13.46
N ARG B 104 30.80 -29.66 -13.98
CA ARG B 104 29.56 -29.14 -13.41
C ARG B 104 28.59 -30.31 -13.32
N PRO B 105 27.65 -30.27 -12.38
CA PRO B 105 26.62 -31.31 -12.29
C PRO B 105 25.83 -31.45 -13.57
N SER B 106 25.24 -32.61 -13.78
CA SER B 106 24.55 -32.88 -15.02
C SER B 106 23.20 -32.21 -15.15
N ILE B 107 22.41 -32.24 -14.08
CA ILE B 107 21.02 -31.75 -14.04
C ILE B 107 20.87 -30.75 -12.89
N VAL B 108 19.91 -29.83 -13.01
CA VAL B 108 19.65 -28.83 -11.98
C VAL B 108 18.19 -28.47 -11.83
N SER B 109 17.71 -28.30 -10.60
CA SER B 109 16.35 -27.79 -10.39
C SER B 109 16.39 -26.30 -10.41
N ILE B 110 15.46 -25.69 -11.16
CA ILE B 110 15.49 -24.25 -11.40
C ILE B 110 14.18 -23.60 -11.04
N SER B 111 14.23 -22.27 -10.89
CA SER B 111 13.09 -21.39 -10.70
C SER B 111 13.53 -20.07 -11.30
N TYR B 112 12.60 -19.31 -11.84
CA TYR B 112 12.94 -18.07 -12.51
C TYR B 112 11.67 -17.29 -12.75
N TYR B 113 11.70 -16.37 -13.71
CA TYR B 113 10.53 -15.61 -14.16
C TYR B 113 10.69 -15.38 -15.66
N ASP B 114 9.59 -15.27 -16.41
CA ASP B 114 9.73 -14.97 -17.84
C ASP B 114 9.83 -13.48 -18.07
N ILE B 115 9.34 -13.01 -19.21
CA ILE B 115 9.50 -11.61 -19.53
C ILE B 115 8.46 -10.74 -18.83
N ASN B 116 7.47 -11.39 -18.22
CA ASN B 116 6.38 -10.70 -17.55
C ASN B 116 6.38 -10.85 -16.04
N GLY B 117 7.13 -11.82 -15.54
CA GLY B 117 7.29 -11.96 -14.10
C GLY B 117 6.62 -13.14 -13.44
N TYR B 118 6.24 -14.12 -14.24
CA TYR B 118 5.55 -15.30 -13.73
C TYR B 118 6.54 -16.35 -13.27
N LYS B 119 6.44 -16.77 -12.01
CA LYS B 119 7.38 -17.72 -11.47
C LYS B 119 7.16 -19.10 -12.06
N HIS B 120 8.23 -19.64 -12.64
CA HIS B 120 8.18 -21.01 -13.16
C HIS B 120 9.16 -21.84 -12.35
N LEU B 121 9.03 -23.15 -12.48
CA LEU B 121 9.91 -24.10 -11.85
C LEU B 121 10.26 -25.04 -12.97
N LYS B 122 11.51 -25.47 -13.06
CA LYS B 122 11.90 -26.31 -14.19
C LYS B 122 13.08 -27.22 -13.92
N ILE B 123 13.13 -28.32 -14.66
CA ILE B 123 14.30 -29.19 -14.66
C ILE B 123 15.07 -28.96 -15.95
N LEU B 124 16.34 -28.58 -15.83
CA LEU B 124 17.18 -28.45 -17.00
C LEU B 124 18.07 -29.68 -17.11
N LYS B 125 18.15 -30.29 -18.29
CA LYS B 125 19.05 -31.42 -18.44
C LYS B 125 19.85 -31.52 -19.77
N GLY B 126 21.16 -31.33 -19.70
CA GLY B 126 22.00 -31.49 -20.88
C GLY B 126 22.71 -30.23 -21.37
N ILE B 127 22.58 -29.89 -22.65
CA ILE B 127 23.19 -28.67 -23.15
C ILE B 127 22.57 -27.47 -22.45
N HIS B 128 21.30 -27.62 -22.08
CA HIS B 128 20.57 -26.57 -21.41
C HIS B 128 21.05 -26.38 -19.97
N SER B 129 21.42 -27.46 -19.32
CA SER B 129 21.87 -27.39 -17.94
C SER B 129 23.28 -26.88 -17.86
N ARG B 130 24.00 -27.02 -18.95
CA ARG B 130 25.37 -26.55 -19.08
C ARG B 130 25.42 -25.05 -19.30
N ILE B 131 24.71 -24.56 -20.29
CA ILE B 131 24.70 -23.14 -20.57
C ILE B 131 24.21 -22.42 -19.34
N PHE B 132 23.06 -22.83 -18.80
CA PHE B 132 22.52 -22.22 -17.58
C PHE B 132 23.53 -22.09 -16.43
N GLN B 133 24.11 -23.21 -16.02
CA GLN B 133 25.13 -23.21 -14.98
C GLN B 133 26.24 -22.18 -15.22
N HIS B 134 26.77 -22.16 -16.44
CA HIS B 134 27.76 -21.17 -16.88
C HIS B 134 27.15 -19.82 -16.67
N GLU B 135 26.21 -19.47 -17.54
CA GLU B 135 25.53 -18.17 -17.50
C GLU B 135 25.07 -17.67 -16.13
N PHE B 136 24.61 -18.58 -15.28
CA PHE B 136 24.21 -18.24 -13.92
C PHE B 136 25.40 -17.74 -13.11
N ASP B 137 26.55 -18.37 -13.31
CA ASP B 137 27.76 -17.99 -12.57
C ASP B 137 28.13 -16.53 -12.86
N HIS B 138 27.90 -16.10 -14.11
CA HIS B 138 28.14 -14.70 -14.52
C HIS B 138 27.32 -13.70 -13.67
N LEU B 139 26.11 -14.09 -13.29
CA LEU B 139 25.24 -13.23 -12.47
C LEU B 139 25.70 -13.13 -11.02
N ASN B 140 26.48 -14.11 -10.58
CA ASN B 140 27.04 -14.16 -9.24
C ASN B 140 28.48 -13.68 -9.33
N GLY B 141 28.92 -13.33 -10.54
CA GLY B 141 30.29 -12.86 -10.75
C GLY B 141 31.34 -13.96 -10.66
N THR B 142 30.97 -15.17 -11.07
CA THR B 142 31.88 -16.28 -11.10
C THR B 142 32.11 -16.60 -12.58
N LEU B 143 33.39 -16.79 -12.95
CA LEU B 143 33.85 -16.94 -14.33
C LEU B 143 34.30 -18.37 -14.55
N PHE B 144 34.25 -18.87 -15.76
CA PHE B 144 34.48 -20.31 -15.93
C PHE B 144 35.88 -20.71 -15.76
N ILE B 145 36.77 -19.73 -15.86
CA ILE B 145 38.16 -19.99 -15.64
C ILE B 145 38.41 -20.30 -14.15
N ASP B 146 37.55 -19.83 -13.26
CA ASP B 146 37.65 -20.24 -11.86
C ASP B 146 37.30 -21.71 -11.63
N LYS B 147 36.61 -22.34 -12.56
CA LYS B 147 36.18 -23.73 -12.36
C LYS B 147 36.81 -24.67 -13.40
N MSE B 148 37.60 -24.07 -14.29
CA MSE B 148 38.42 -24.76 -15.27
C MSE B 148 39.46 -25.61 -14.54
O MSE B 148 39.73 -25.40 -13.35
CB MSE B 148 39.12 -23.72 -16.14
CG MSE B 148 39.91 -24.23 -17.35
SE MSE B 148 39.73 -22.94 -18.70
CE MSE B 148 40.84 -23.50 -19.95
N THR B 149 40.06 -26.55 -15.26
CA THR B 149 40.93 -27.53 -14.66
C THR B 149 42.38 -27.11 -14.57
N GLN B 150 43.13 -27.73 -13.65
CA GLN B 150 44.54 -27.41 -13.42
C GLN B 150 45.34 -27.48 -14.72
N VAL B 151 45.03 -28.48 -15.54
CA VAL B 151 45.65 -28.67 -16.84
C VAL B 151 45.24 -27.54 -17.78
N ASP B 152 43.95 -27.36 -17.93
CA ASP B 152 43.44 -26.43 -18.91
C ASP B 152 43.71 -24.96 -18.59
N LYS B 153 43.71 -24.58 -17.30
CA LYS B 153 43.97 -23.19 -16.86
C LYS B 153 45.43 -22.75 -17.10
N LYS B 154 46.35 -23.71 -17.00
CA LYS B 154 47.74 -23.43 -17.29
C LYS B 154 47.94 -23.36 -18.78
N LYS B 155 47.23 -24.22 -19.51
CA LYS B 155 47.29 -24.32 -20.96
C LYS B 155 46.77 -23.06 -21.63
N VAL B 156 46.19 -22.17 -20.84
CA VAL B 156 45.51 -21.05 -21.45
C VAL B 156 45.99 -19.70 -20.91
N ARG B 157 46.97 -19.76 -20.03
CA ARG B 157 47.64 -18.60 -19.48
C ARG B 157 48.00 -17.51 -20.51
N PRO B 158 48.62 -17.85 -21.65
CA PRO B 158 48.93 -16.87 -22.66
C PRO B 158 47.79 -15.94 -22.98
N LYS B 159 46.70 -16.51 -23.52
CA LYS B 159 45.54 -15.73 -24.00
C LYS B 159 44.87 -14.97 -22.92
N LEU B 160 44.87 -15.53 -21.71
CA LEU B 160 44.39 -14.78 -20.56
C LEU B 160 45.27 -13.55 -20.34
N ASN B 161 46.59 -13.65 -20.50
CA ASN B 161 47.39 -12.44 -20.30
C ASN B 161 47.26 -11.46 -21.44
N GLU B 162 47.08 -11.95 -22.67
CA GLU B 162 46.89 -11.08 -23.83
C GLU B 162 45.70 -10.19 -23.61
N LEU B 163 44.62 -10.74 -23.07
CA LEU B 163 43.41 -9.97 -22.86
C LEU B 163 43.55 -8.98 -21.73
N ILE B 164 44.38 -9.33 -20.76
CA ILE B 164 44.71 -8.45 -19.66
C ILE B 164 45.49 -7.30 -20.24
N ARG B 165 46.43 -7.62 -21.11
CA ARG B 165 47.21 -6.62 -21.83
C ARG B 165 46.29 -5.77 -22.70
N ASP B 166 45.50 -6.42 -23.56
CA ASP B 166 44.58 -5.73 -24.49
C ASP B 166 43.53 -4.89 -23.78
N TYR B 167 43.07 -5.34 -22.61
CA TYR B 167 42.16 -4.52 -21.83
C TYR B 167 42.91 -3.31 -21.34
N LYS B 168 44.17 -3.49 -20.92
CA LYS B 168 44.97 -2.40 -20.39
C LYS B 168 45.17 -1.25 -21.39
N ALA B 169 44.95 -1.53 -22.67
CA ALA B 169 44.95 -0.47 -23.67
C ALA B 169 43.68 0.39 -23.66
N THR B 170 42.88 0.25 -22.61
CA THR B 170 41.72 1.09 -22.35
C THR B 170 42.25 2.45 -21.89
N HIS B 171 43.18 2.43 -20.94
CA HIS B 171 43.80 3.66 -20.46
C HIS B 171 45.19 3.82 -21.06
N SER B 172 45.37 3.44 -22.32
CA SER B 172 46.69 3.53 -22.93
C SER B 172 46.88 4.54 -24.05
N GLU B 173 47.08 5.79 -23.66
CA GLU B 173 47.57 6.77 -24.61
C GLU B 173 49.08 6.49 -24.56
N GLU B 174 49.46 5.76 -23.50
CA GLU B 174 50.80 5.23 -23.29
C GLU B 174 50.99 4.02 -24.23
N PRO B 175 51.93 4.15 -25.18
CA PRO B 175 52.10 3.20 -26.27
C PRO B 175 52.76 1.88 -25.89
N LEU B 176 53.39 1.80 -24.73
CA LEU B 176 54.11 0.60 -24.31
C LEU B 176 53.20 -0.61 -24.12
N GLU B 177 51.90 -0.35 -24.22
CA GLU B 177 50.90 -1.41 -24.18
C GLU B 177 50.27 -1.61 -25.56
N HIS B 178 51.11 -1.69 -26.58
CA HIS B 178 50.68 -2.14 -27.91
C HIS B 178 50.97 -3.64 -27.97
N HIS B 179 50.08 -4.40 -28.58
CA HIS B 179 50.22 -5.85 -28.56
C HIS B 179 50.09 -6.48 -29.94
N GLU C 2 -25.36 -74.11 44.86
CA GLU C 2 -25.78 -74.09 46.29
C GLU C 2 -27.31 -74.02 46.31
N ILE C 3 -27.95 -75.10 46.78
CA ILE C 3 -29.41 -75.27 46.60
C ILE C 3 -30.40 -74.54 47.52
N LYS C 4 -30.83 -75.15 48.63
CA LYS C 4 -31.98 -74.64 49.40
C LYS C 4 -31.94 -73.20 49.88
N ILE C 5 -33.00 -72.46 49.54
CA ILE C 5 -33.19 -71.08 49.98
C ILE C 5 -33.22 -71.06 51.48
N VAL C 6 -32.40 -70.21 52.11
CA VAL C 6 -32.47 -70.14 53.56
C VAL C 6 -33.65 -69.31 53.98
N LYS C 7 -34.20 -69.65 55.14
CA LYS C 7 -35.38 -68.99 55.69
C LYS C 7 -34.99 -67.94 56.75
N TYR C 8 -35.99 -67.20 57.24
CA TYR C 8 -35.83 -66.02 58.11
C TYR C 8 -34.82 -65.91 59.29
N PRO C 9 -34.89 -66.73 60.34
CA PRO C 9 -34.02 -66.50 61.48
C PRO C 9 -32.60 -67.00 61.28
N ASP C 10 -32.25 -67.46 60.08
CA ASP C 10 -30.91 -67.97 59.86
C ASP C 10 -29.97 -66.79 59.89
N PRO C 11 -28.97 -66.83 60.76
CA PRO C 11 -28.09 -65.70 61.00
C PRO C 11 -27.32 -65.28 59.76
N ILE C 12 -27.13 -66.18 58.79
CA ILE C 12 -26.44 -65.82 57.55
C ILE C 12 -27.14 -64.67 56.78
N LEU C 13 -28.45 -64.57 56.95
CA LEU C 13 -29.27 -63.56 56.32
C LEU C 13 -29.06 -62.22 56.93
N ARG C 14 -28.08 -62.10 57.81
CA ARG C 14 -27.87 -60.87 58.55
C ARG C 14 -26.41 -60.44 58.46
N ARG C 15 -25.62 -61.22 57.73
CA ARG C 15 -24.20 -60.91 57.53
C ARG C 15 -23.98 -60.18 56.22
N ARG C 16 -22.98 -59.30 56.17
CA ARG C 16 -22.72 -58.52 54.96
C ARG C 16 -21.99 -59.37 53.94
N SER C 17 -22.56 -59.47 52.74
CA SER C 17 -21.97 -60.27 51.68
C SER C 17 -20.67 -59.65 51.13
N GLU C 18 -19.80 -60.49 50.57
CA GLU C 18 -18.53 -59.99 50.07
C GLU C 18 -18.45 -59.85 48.55
N VAL C 19 -17.81 -58.77 48.14
CA VAL C 19 -17.60 -58.39 46.77
C VAL C 19 -17.02 -59.56 45.94
N THR C 20 -17.42 -59.72 44.69
CA THR C 20 -16.83 -60.79 43.89
C THR C 20 -15.52 -60.26 43.37
N ASN C 21 -14.52 -61.14 43.35
CA ASN C 21 -13.22 -60.84 42.80
C ASN C 21 -13.12 -61.42 41.40
N PHE C 22 -13.25 -62.72 41.31
CA PHE C 22 -13.01 -63.44 40.06
C PHE C 22 -14.27 -63.59 39.22
N ASP C 23 -14.39 -62.70 38.24
CA ASP C 23 -15.52 -62.72 37.32
C ASP C 23 -15.19 -63.84 36.32
N ASP C 24 -15.51 -65.03 36.78
CA ASP C 24 -15.01 -66.27 36.25
C ASP C 24 -15.93 -66.98 35.32
N ASN C 25 -15.68 -68.28 35.24
CA ASN C 25 -16.46 -69.21 34.49
C ASN C 25 -17.48 -69.78 35.48
N LEU C 26 -17.61 -69.12 36.62
CA LEU C 26 -18.65 -69.43 37.61
C LEU C 26 -19.88 -68.53 37.33
N LYS C 27 -20.55 -68.88 36.23
CA LYS C 27 -21.82 -68.32 35.82
C LYS C 27 -22.78 -69.44 36.16
N ARG C 28 -22.20 -70.54 36.62
CA ARG C 28 -22.94 -71.67 37.13
C ARG C 28 -23.55 -71.21 38.45
N VAL C 29 -22.77 -70.45 39.22
CA VAL C 29 -23.25 -69.87 40.47
C VAL C 29 -24.49 -69.01 40.23
N VAL C 30 -24.43 -68.16 39.20
CA VAL C 30 -25.59 -67.37 38.82
C VAL C 30 -26.73 -68.27 38.27
N ARG C 31 -26.37 -69.36 37.59
CA ARG C 31 -27.38 -70.26 37.03
C ARG C 31 -28.19 -71.02 38.07
N LYS C 32 -27.51 -71.63 39.05
CA LYS C 32 -28.20 -72.28 40.18
C LYS C 32 -29.18 -71.32 40.83
N MSE C 33 -28.72 -70.10 41.09
CA MSE C 33 -29.57 -69.09 41.68
C MSE C 33 -30.85 -68.99 40.90
O MSE C 33 -31.91 -69.24 41.48
CB MSE C 33 -28.86 -67.77 41.74
CG MSE C 33 -27.88 -67.72 42.88
SE MSE C 33 -26.89 -66.11 42.76
CE MSE C 33 -28.36 -64.88 42.95
N PHE C 34 -30.76 -68.69 39.60
CA PHE C 34 -31.94 -68.72 38.72
C PHE C 34 -32.75 -70.05 38.84
N ASP C 35 -32.09 -71.22 38.80
CA ASP C 35 -32.82 -72.48 38.95
C ASP C 35 -33.63 -72.49 40.22
N ILE C 36 -32.97 -72.29 41.35
CA ILE C 36 -33.62 -72.21 42.65
C ILE C 36 -34.75 -71.20 42.58
N MSE C 37 -34.43 -70.02 42.06
CA MSE C 37 -35.42 -68.96 41.96
C MSE C 37 -36.57 -69.36 41.06
O MSE C 37 -37.71 -68.98 41.32
CB MSE C 37 -34.77 -67.66 41.45
CG MSE C 37 -35.64 -66.47 41.65
SE MSE C 37 -35.21 -65.10 40.41
CE MSE C 37 -35.66 -65.99 38.70
N TYR C 38 -36.27 -70.11 40.01
CA TYR C 38 -37.31 -70.56 39.10
C TYR C 38 -38.24 -71.54 39.83
N GLU C 39 -37.68 -72.56 40.46
CA GLU C 39 -38.49 -73.61 41.12
C GLU C 39 -39.18 -73.21 42.43
N SER C 40 -39.11 -71.96 42.82
CA SER C 40 -39.86 -71.52 44.01
C SER C 40 -40.79 -70.42 43.53
N LYS C 41 -40.98 -70.37 42.22
CA LYS C 41 -41.77 -69.35 41.55
C LYS C 41 -41.48 -67.98 42.15
N GLY C 42 -40.23 -67.57 42.12
CA GLY C 42 -39.91 -66.27 42.63
C GLY C 42 -39.40 -65.32 41.58
N ILE C 43 -39.75 -64.05 41.73
CA ILE C 43 -39.27 -63.02 40.85
C ILE C 43 -37.77 -62.64 41.08
N GLY C 44 -37.30 -62.69 42.33
CA GLY C 44 -35.92 -62.31 42.64
C GLY C 44 -35.16 -63.24 43.57
N LEU C 45 -33.83 -63.24 43.48
CA LEU C 45 -33.00 -64.01 44.39
C LEU C 45 -31.60 -63.36 44.57
N SER C 46 -31.03 -63.51 45.75
CA SER C 46 -29.69 -62.99 46.01
C SER C 46 -28.84 -64.11 46.59
N ALA C 47 -27.57 -64.10 46.22
CA ALA C 47 -26.64 -65.14 46.66
C ALA C 47 -26.70 -65.52 48.17
N PRO C 48 -26.73 -64.56 49.11
CA PRO C 48 -27.04 -64.83 50.51
C PRO C 48 -28.11 -65.88 50.75
N GLN C 49 -29.24 -65.76 50.05
CA GLN C 49 -30.36 -66.63 50.25
C GLN C 49 -30.06 -68.07 49.89
N VAL C 50 -29.00 -68.28 49.12
CA VAL C 50 -28.59 -69.65 48.85
C VAL C 50 -27.25 -69.94 49.52
N ASN C 51 -27.04 -69.27 50.64
CA ASN C 51 -25.86 -69.46 51.49
C ASN C 51 -24.53 -69.25 50.79
N ILE C 52 -24.49 -68.23 49.94
CA ILE C 52 -23.28 -67.75 49.32
C ILE C 52 -23.21 -66.28 49.69
N SER C 53 -22.41 -65.95 50.70
CA SER C 53 -22.27 -64.57 51.12
C SER C 53 -21.47 -63.86 50.05
N LYS C 54 -22.14 -63.47 48.99
CA LYS C 54 -21.49 -62.81 47.86
C LYS C 54 -22.47 -61.78 47.31
N ARG C 55 -21.94 -60.71 46.73
CA ARG C 55 -22.79 -59.63 46.32
C ARG C 55 -23.36 -59.82 44.91
N ILE C 56 -24.25 -60.77 44.80
CA ILE C 56 -24.86 -61.09 43.52
C ILE C 56 -26.36 -60.95 43.71
N ILE C 57 -26.97 -60.21 42.79
CA ILE C 57 -28.41 -59.96 42.78
C ILE C 57 -28.90 -60.39 41.42
N VAL C 58 -29.93 -61.21 41.33
CA VAL C 58 -30.48 -61.57 40.00
C VAL C 58 -31.97 -61.54 40.03
N TRP C 59 -32.58 -61.22 38.90
CA TRP C 59 -34.02 -61.39 38.81
C TRP C 59 -34.56 -61.66 37.42
N ASN C 60 -35.88 -61.71 37.31
CA ASN C 60 -36.58 -61.90 36.05
C ASN C 60 -38.00 -61.48 36.28
N ALA C 61 -38.36 -60.30 35.78
CA ALA C 61 -39.71 -59.77 35.93
C ALA C 61 -40.73 -60.69 35.29
N LEU C 62 -40.28 -61.49 34.34
CA LEU C 62 -41.14 -62.48 33.71
C LEU C 62 -40.57 -63.85 33.93
N TYR C 63 -40.57 -64.30 35.18
CA TYR C 63 -40.09 -65.64 35.50
C TYR C 63 -41.13 -66.66 35.13
N GLU C 64 -42.36 -66.17 34.98
CA GLU C 64 -43.53 -66.93 34.56
C GLU C 64 -43.14 -67.75 33.33
N LYS C 65 -42.64 -67.07 32.32
CA LYS C 65 -42.09 -67.71 31.14
C LYS C 65 -40.60 -67.48 31.20
N ARG C 66 -39.83 -68.49 31.56
CA ARG C 66 -38.38 -68.32 31.67
C ARG C 66 -37.84 -67.99 30.30
N LYS C 67 -37.10 -66.89 30.21
CA LYS C 67 -36.49 -66.43 28.96
C LYS C 67 -35.10 -65.94 29.32
N GLU C 68 -34.06 -66.55 28.77
CA GLU C 68 -32.70 -66.24 29.17
C GLU C 68 -32.29 -64.80 28.97
N GLU C 69 -32.58 -64.22 27.82
CA GLU C 69 -32.20 -62.82 27.60
C GLU C 69 -32.98 -61.85 28.51
N ASN C 70 -34.16 -62.27 28.93
CA ASN C 70 -34.98 -61.49 29.84
C ASN C 70 -34.46 -61.45 31.29
N GLU C 71 -33.38 -62.18 31.58
CA GLU C 71 -32.80 -62.24 32.91
C GLU C 71 -31.85 -61.09 33.23
N ARG C 72 -31.84 -60.63 34.47
CA ARG C 72 -30.96 -59.54 34.93
C ARG C 72 -29.95 -59.91 36.03
N ILE C 73 -28.65 -59.90 35.71
CA ILE C 73 -27.64 -60.15 36.74
C ILE C 73 -26.92 -58.89 37.24
N PHE C 74 -26.71 -58.75 38.54
CA PHE C 74 -25.92 -57.64 39.09
C PHE C 74 -24.88 -58.11 40.11
N ILE C 75 -23.62 -58.05 39.74
CA ILE C 75 -22.56 -58.36 40.68
C ILE C 75 -21.96 -57.06 41.10
N ASN C 76 -21.63 -56.98 42.39
CA ASN C 76 -21.11 -55.79 43.08
C ASN C 76 -21.83 -54.50 42.81
N PRO C 77 -23.13 -54.48 43.08
CA PRO C 77 -23.90 -53.27 42.90
C PRO C 77 -23.66 -52.30 44.03
N SER C 78 -24.16 -51.10 43.80
CA SER C 78 -23.95 -49.95 44.64
C SER C 78 -25.00 -48.97 44.16
N ILE C 79 -25.77 -48.37 45.06
CA ILE C 79 -26.70 -47.30 44.67
C ILE C 79 -25.89 -46.01 44.64
N VAL C 80 -26.03 -45.22 43.57
CA VAL C 80 -25.27 -43.97 43.47
C VAL C 80 -26.12 -42.71 43.63
N GLU C 81 -27.43 -42.86 43.42
CA GLU C 81 -28.42 -41.80 43.62
C GLU C 81 -29.80 -42.45 43.76
N GLN C 82 -30.74 -41.75 44.37
CA GLN C 82 -32.13 -42.23 44.47
C GLN C 82 -33.12 -41.09 44.28
N SER C 83 -34.28 -41.45 43.76
CA SER C 83 -35.35 -40.49 43.56
C SER C 83 -35.89 -39.93 44.89
N LEU C 84 -36.35 -38.69 44.87
CA LEU C 84 -36.85 -38.06 46.06
C LEU C 84 -38.27 -38.55 46.32
N VAL C 85 -39.04 -38.74 45.24
CA VAL C 85 -40.37 -39.35 45.28
C VAL C 85 -40.26 -40.83 45.74
N LYS C 86 -41.03 -41.20 46.75
CA LYS C 86 -41.03 -42.57 47.25
C LYS C 86 -42.29 -43.35 46.87
N LEU C 87 -42.33 -44.63 47.18
CA LEU C 87 -43.49 -45.47 46.82
C LEU C 87 -43.74 -46.63 47.81
N LYS C 88 -45.00 -46.77 48.24
CA LYS C 88 -45.37 -47.88 49.11
C LYS C 88 -45.92 -49.03 48.29
N LEU C 89 -45.22 -50.16 48.26
CA LEU C 89 -45.61 -51.29 47.46
C LEU C 89 -45.60 -52.58 48.27
N ILE C 90 -46.42 -53.54 47.89
CA ILE C 90 -46.43 -54.79 48.59
C ILE C 90 -45.20 -55.58 48.24
N GLU C 91 -44.40 -55.90 49.23
CA GLU C 91 -43.20 -56.70 49.01
C GLU C 91 -43.35 -58.09 49.59
N GLY C 92 -42.64 -59.03 49.00
CA GLY C 92 -42.60 -60.40 49.44
C GLY C 92 -41.18 -60.85 49.21
N CYS C 93 -40.81 -61.97 49.82
CA CYS C 93 -39.44 -62.39 49.86
C CYS C 93 -39.40 -63.90 49.95
N LEU C 94 -38.42 -64.53 49.32
CA LEU C 94 -38.37 -65.97 49.26
C LEU C 94 -37.89 -66.62 50.56
N SER C 95 -37.55 -65.79 51.52
CA SER C 95 -37.19 -66.31 52.84
C SER C 95 -38.37 -66.17 53.82
N PHE C 96 -39.61 -65.98 53.32
CA PHE C 96 -40.83 -65.74 54.11
C PHE C 96 -42.13 -65.96 53.33
N GLY C 97 -43.11 -66.75 53.82
CA GLY C 97 -44.42 -66.82 53.15
C GLY C 97 -45.35 -65.59 53.40
N ILE C 98 -44.80 -64.61 54.10
CA ILE C 98 -45.45 -63.35 54.52
C ILE C 98 -45.42 -62.36 53.37
N GLU C 99 -46.13 -61.24 53.48
CA GLU C 99 -46.17 -60.27 52.42
C GLU C 99 -46.69 -58.95 52.97
N GLY C 100 -46.15 -57.84 52.50
CA GLY C 100 -46.62 -56.56 52.99
C GLY C 100 -46.00 -55.34 52.36
N LYS C 101 -46.53 -54.18 52.71
CA LYS C 101 -46.09 -52.93 52.10
C LYS C 101 -44.81 -52.41 52.72
N VAL C 102 -43.96 -51.81 51.89
CA VAL C 102 -42.71 -51.19 52.30
C VAL C 102 -42.61 -49.92 51.47
N GLU C 103 -41.92 -48.90 51.97
CA GLU C 103 -41.78 -47.62 51.25
C GLU C 103 -40.34 -47.37 50.84
N ARG C 104 -40.06 -47.41 49.54
CA ARG C 104 -38.71 -47.16 49.01
C ARG C 104 -38.83 -46.08 47.97
N PRO C 105 -37.73 -45.53 47.49
CA PRO C 105 -37.79 -44.60 46.36
C PRO C 105 -38.17 -45.34 45.09
N SER C 106 -38.87 -44.63 44.22
CA SER C 106 -39.37 -45.17 42.97
C SER C 106 -38.30 -45.48 41.97
N ILE C 107 -37.27 -44.64 41.90
CA ILE C 107 -36.20 -44.78 40.89
C ILE C 107 -34.83 -44.83 41.53
N VAL C 108 -33.90 -45.59 40.97
CA VAL C 108 -32.54 -45.62 41.48
C VAL C 108 -31.45 -45.46 40.39
N SER C 109 -30.49 -44.57 40.64
CA SER C 109 -29.31 -44.49 39.80
C SER C 109 -28.38 -45.56 40.28
N ILE C 110 -28.01 -46.49 39.40
CA ILE C 110 -27.28 -47.69 39.82
C ILE C 110 -25.92 -47.79 39.15
N SER C 111 -25.02 -48.56 39.79
CA SER C 111 -23.71 -48.89 39.26
C SER C 111 -23.42 -50.31 39.69
N TYR C 112 -22.87 -51.12 38.78
CA TYR C 112 -22.67 -52.55 39.04
C TYR C 112 -21.69 -53.15 38.05
N TYR C 113 -21.50 -54.46 38.11
CA TYR C 113 -20.59 -55.16 37.20
C TYR C 113 -21.27 -56.34 36.53
N ASP C 114 -21.10 -56.49 35.22
CA ASP C 114 -21.76 -57.60 34.52
C ASP C 114 -21.04 -58.92 34.79
N ILE C 115 -21.47 -60.01 34.15
CA ILE C 115 -20.85 -61.31 34.38
C ILE C 115 -19.35 -61.42 34.08
N ASN C 116 -18.78 -60.46 33.35
CA ASN C 116 -17.37 -60.54 33.01
C ASN C 116 -16.46 -59.54 33.74
N GLY C 117 -17.02 -58.75 34.64
CA GLY C 117 -16.22 -57.81 35.39
C GLY C 117 -16.44 -56.41 34.91
N TYR C 118 -17.17 -56.27 33.82
CA TYR C 118 -17.33 -54.98 33.21
C TYR C 118 -18.24 -54.09 34.03
N LYS C 119 -17.85 -52.85 34.23
CA LYS C 119 -18.63 -51.89 34.99
C LYS C 119 -19.74 -51.28 34.14
N HIS C 120 -20.94 -51.12 34.71
CA HIS C 120 -22.03 -50.43 34.03
C HIS C 120 -22.69 -49.40 34.93
N LEU C 121 -23.32 -48.39 34.33
CA LEU C 121 -24.12 -47.38 35.05
C LEU C 121 -25.57 -47.50 34.53
N LYS C 122 -26.58 -47.43 35.39
CA LYS C 122 -27.92 -47.71 34.93
C LYS C 122 -29.05 -47.03 35.69
N ILE C 123 -30.09 -46.60 34.97
CA ILE C 123 -31.31 -46.08 35.61
C ILE C 123 -32.41 -47.15 35.64
N LEU C 124 -32.64 -47.69 36.83
CA LEU C 124 -33.69 -48.67 37.00
C LEU C 124 -34.90 -47.97 37.53
N LYS C 125 -36.05 -48.17 36.91
CA LYS C 125 -37.24 -47.61 37.44
C LYS C 125 -38.36 -48.65 37.36
N GLY C 126 -39.28 -48.60 38.29
CA GLY C 126 -40.40 -49.50 38.26
C GLY C 126 -40.30 -50.72 39.12
N ILE C 127 -40.32 -51.89 38.50
CA ILE C 127 -40.36 -53.15 39.20
C ILE C 127 -38.93 -53.65 39.38
N HIS C 128 -38.07 -53.13 38.51
CA HIS C 128 -36.67 -53.47 38.57
C HIS C 128 -36.08 -52.63 39.69
N SER C 129 -36.62 -51.43 39.86
CA SER C 129 -36.27 -50.53 40.94
C SER C 129 -36.80 -51.09 42.26
N ARG C 130 -37.93 -51.78 42.20
CA ARG C 130 -38.44 -52.40 43.40
C ARG C 130 -37.56 -53.57 43.77
N ILE C 131 -37.46 -54.55 42.90
CA ILE C 131 -36.72 -55.74 43.19
C ILE C 131 -35.24 -55.51 43.50
N PHE C 132 -34.57 -54.63 42.74
CA PHE C 132 -33.17 -54.30 43.03
C PHE C 132 -33.04 -53.86 44.47
N GLN C 133 -33.89 -52.95 44.89
CA GLN C 133 -33.82 -52.48 46.28
C GLN C 133 -34.10 -53.58 47.32
N HIS C 134 -34.89 -54.59 46.96
CA HIS C 134 -35.11 -55.69 47.90
C HIS C 134 -33.84 -56.49 48.04
N GLU C 135 -33.31 -57.01 46.94
CA GLU C 135 -32.12 -57.87 46.96
C GLU C 135 -30.81 -57.22 47.34
N PHE C 136 -30.71 -55.90 47.14
CA PHE C 136 -29.54 -55.16 47.58
C PHE C 136 -29.44 -55.14 49.11
N ASP C 137 -30.59 -55.00 49.78
CA ASP C 137 -30.65 -55.06 51.22
C ASP C 137 -30.17 -56.43 51.74
N HIS C 138 -30.45 -57.47 50.97
CA HIS C 138 -30.07 -58.82 51.36
C HIS C 138 -28.56 -58.87 51.39
N LEU C 139 -27.92 -58.08 50.54
CA LEU C 139 -26.47 -58.11 50.45
C LEU C 139 -25.85 -57.44 51.68
N ASN C 140 -26.67 -56.61 52.30
CA ASN C 140 -26.23 -55.81 53.43
C ASN C 140 -26.83 -56.27 54.72
N GLY C 141 -27.47 -57.43 54.67
CA GLY C 141 -28.06 -58.05 55.84
C GLY C 141 -29.29 -57.32 56.30
N THR C 142 -29.85 -56.48 55.45
CA THR C 142 -31.07 -55.78 55.83
C THR C 142 -32.15 -56.69 55.29
N LEU C 143 -33.21 -56.87 56.04
CA LEU C 143 -34.30 -57.70 55.58
C LEU C 143 -35.52 -56.83 55.36
N PHE C 144 -36.49 -57.28 54.56
CA PHE C 144 -37.59 -56.39 54.18
C PHE C 144 -38.58 -56.08 55.28
N ILE C 145 -38.57 -56.86 56.35
CA ILE C 145 -39.44 -56.54 57.48
C ILE C 145 -38.89 -55.36 58.30
N ASP C 146 -37.61 -55.05 58.14
CA ASP C 146 -36.99 -53.96 58.84
C ASP C 146 -37.48 -52.63 58.32
N LYS C 147 -37.91 -52.60 57.06
CA LYS C 147 -38.31 -51.36 56.43
C LYS C 147 -39.81 -51.29 56.28
N MSE C 148 -40.48 -52.32 56.77
CA MSE C 148 -41.93 -52.43 56.72
C MSE C 148 -42.63 -51.36 57.54
O MSE C 148 -42.01 -50.68 58.37
CB MSE C 148 -42.35 -53.80 57.25
CG MSE C 148 -43.39 -54.55 56.45
SE MSE C 148 -43.67 -56.31 57.21
CE MSE C 148 -44.35 -57.25 55.69
N THR C 149 -43.93 -51.19 57.31
CA THR C 149 -44.73 -50.21 58.05
C THR C 149 -45.13 -50.70 59.45
N GLN C 150 -45.26 -49.74 60.37
CA GLN C 150 -45.65 -50.00 61.77
C GLN C 150 -46.94 -50.82 61.81
N VAL C 151 -47.80 -50.54 60.83
CA VAL C 151 -49.04 -51.27 60.64
C VAL C 151 -48.73 -52.71 60.35
N ASP C 152 -48.14 -52.96 59.19
CA ASP C 152 -47.91 -54.31 58.70
C ASP C 152 -46.90 -55.15 59.51
N LYS C 153 -45.99 -54.48 60.21
CA LYS C 153 -45.04 -55.16 61.07
C LYS C 153 -45.73 -55.81 62.25
N LYS C 154 -46.61 -55.03 62.88
CA LYS C 154 -47.40 -55.53 63.99
C LYS C 154 -48.38 -56.59 63.49
N LYS C 155 -48.95 -56.32 62.33
CA LYS C 155 -49.95 -57.16 61.67
C LYS C 155 -49.44 -58.55 61.31
N VAL C 156 -48.12 -58.71 61.23
CA VAL C 156 -47.61 -59.98 60.76
C VAL C 156 -46.67 -60.73 61.74
N ARG C 157 -46.34 -60.06 62.86
CA ARG C 157 -45.53 -60.65 63.95
C ARG C 157 -45.83 -62.11 64.38
N PRO C 158 -47.12 -62.52 64.42
CA PRO C 158 -47.50 -63.94 64.50
C PRO C 158 -46.80 -64.91 63.57
N LYS C 159 -46.75 -64.57 62.29
CA LYS C 159 -46.20 -65.45 61.25
C LYS C 159 -44.69 -65.55 61.31
N LEU C 160 -44.07 -64.49 61.80
CA LEU C 160 -42.65 -64.48 61.97
C LEU C 160 -42.29 -65.44 63.08
N ASN C 161 -43.17 -65.54 64.08
CA ASN C 161 -43.00 -66.50 65.17
C ASN C 161 -43.07 -67.94 64.68
N GLU C 162 -43.93 -68.19 63.69
CA GLU C 162 -44.03 -69.51 63.06
C GLU C 162 -42.76 -69.87 62.34
N LEU C 163 -42.20 -68.91 61.61
CA LEU C 163 -40.93 -69.12 60.95
C LEU C 163 -39.90 -69.43 62.00
N ILE C 164 -39.83 -68.56 63.03
CA ILE C 164 -38.89 -68.69 64.15
C ILE C 164 -38.95 -70.05 64.80
N ARG C 165 -40.14 -70.59 64.92
CA ARG C 165 -40.26 -71.92 65.46
C ARG C 165 -39.75 -72.98 64.50
N ASP C 166 -40.02 -72.88 63.20
CA ASP C 166 -39.57 -73.90 62.24
C ASP C 166 -38.07 -74.11 62.26
N TYR C 167 -37.34 -73.05 62.58
CA TYR C 167 -35.90 -73.09 62.69
C TYR C 167 -35.45 -74.17 63.69
N LYS C 168 -36.36 -74.61 64.55
CA LYS C 168 -36.08 -75.63 65.57
C LYS C 168 -36.14 -77.08 65.12
N ALA C 169 -35.82 -77.94 66.09
CA ALA C 169 -35.98 -79.38 65.97
C ALA C 169 -37.03 -79.82 66.99
N GLU D 2 -32.01 -14.03 24.60
CA GLU D 2 -31.08 -13.00 24.05
C GLU D 2 -30.29 -13.55 22.87
N ILE D 3 -30.12 -12.71 21.84
CA ILE D 3 -29.38 -13.05 20.62
C ILE D 3 -27.87 -12.86 20.84
N LYS D 4 -27.52 -12.61 22.10
CA LYS D 4 -26.14 -12.39 22.48
C LYS D 4 -25.27 -13.64 22.43
N ILE D 5 -24.95 -14.15 21.24
CA ILE D 5 -23.97 -15.23 21.17
C ILE D 5 -22.65 -14.64 21.68
N VAL D 6 -22.05 -15.26 22.68
CA VAL D 6 -20.79 -14.72 23.16
C VAL D 6 -19.69 -15.48 22.49
N LYS D 7 -18.51 -14.90 22.47
CA LYS D 7 -17.36 -15.51 21.84
C LYS D 7 -16.25 -15.66 22.84
N TYR D 8 -15.29 -16.50 22.50
CA TYR D 8 -14.16 -16.85 23.36
C TYR D 8 -13.79 -15.91 24.49
N PRO D 9 -13.21 -14.73 24.22
CA PRO D 9 -12.52 -14.00 25.29
C PRO D 9 -13.42 -13.26 26.26
N ASP D 10 -14.70 -13.61 26.31
CA ASP D 10 -15.61 -12.99 27.25
C ASP D 10 -15.23 -13.51 28.63
N PRO D 11 -15.36 -12.69 29.66
CA PRO D 11 -15.05 -13.14 31.01
C PRO D 11 -16.16 -14.00 31.57
N ILE D 12 -17.38 -13.80 31.09
CA ILE D 12 -18.54 -14.50 31.62
C ILE D 12 -18.43 -16.00 31.41
N LEU D 13 -17.75 -16.37 30.33
CA LEU D 13 -17.49 -17.72 29.98
C LEU D 13 -16.50 -18.38 30.95
N ARG D 14 -15.97 -17.61 31.88
CA ARG D 14 -15.01 -18.17 32.83
C ARG D 14 -15.58 -18.13 34.23
N ARG D 15 -16.81 -17.64 34.34
CA ARG D 15 -17.51 -17.50 35.61
C ARG D 15 -18.39 -18.69 35.95
N ARG D 16 -18.67 -18.87 37.24
CA ARG D 16 -19.54 -19.95 37.72
C ARG D 16 -21.00 -19.54 37.64
N SER D 17 -21.75 -20.19 36.75
CA SER D 17 -23.17 -19.89 36.55
C SER D 17 -23.98 -20.19 37.78
N GLU D 18 -25.17 -19.61 37.86
CA GLU D 18 -25.96 -19.78 39.07
C GLU D 18 -27.11 -20.74 38.91
N VAL D 19 -27.61 -21.22 40.05
CA VAL D 19 -28.72 -22.17 40.09
C VAL D 19 -30.04 -21.51 39.73
N THR D 20 -30.77 -22.10 38.81
CA THR D 20 -32.10 -21.62 38.43
C THR D 20 -33.04 -21.76 39.60
N ASN D 21 -33.78 -20.70 39.92
CA ASN D 21 -34.73 -20.75 41.02
C ASN D 21 -36.17 -20.77 40.56
N PHE D 22 -36.61 -19.67 39.96
CA PHE D 22 -37.98 -19.59 39.47
C PHE D 22 -38.03 -20.52 38.27
N ASP D 23 -38.76 -21.62 38.42
CA ASP D 23 -38.84 -22.65 37.40
C ASP D 23 -40.06 -22.53 36.51
N ASP D 24 -40.52 -21.32 36.26
CA ASP D 24 -41.74 -21.17 35.45
C ASP D 24 -41.86 -19.88 34.63
N ASN D 25 -42.62 -19.99 33.55
CA ASN D 25 -43.01 -18.90 32.66
C ASN D 25 -41.93 -17.93 32.19
N LEU D 26 -40.76 -18.49 31.91
CA LEU D 26 -39.65 -17.77 31.32
C LEU D 26 -39.04 -18.87 30.48
N LYS D 27 -39.92 -19.72 29.94
CA LYS D 27 -39.52 -20.87 29.13
C LYS D 27 -39.19 -20.44 27.71
N ARG D 28 -39.43 -19.17 27.42
CA ARG D 28 -39.09 -18.59 26.14
C ARG D 28 -37.60 -18.24 26.10
N VAL D 29 -36.99 -18.06 27.27
CA VAL D 29 -35.54 -17.89 27.40
C VAL D 29 -34.86 -19.16 26.87
N VAL D 30 -35.45 -20.30 27.22
CA VAL D 30 -35.01 -21.60 26.74
C VAL D 30 -35.24 -21.68 25.23
N ARG D 31 -36.28 -21.01 24.73
CA ARG D 31 -36.53 -21.01 23.31
C ARG D 31 -35.56 -20.08 22.62
N LYS D 32 -35.30 -18.93 23.24
CA LYS D 32 -34.34 -17.97 22.69
C LYS D 32 -33.04 -18.72 22.40
N MSE D 33 -32.55 -19.38 23.43
CA MSE D 33 -31.35 -20.22 23.35
C MSE D 33 -31.41 -21.14 22.15
O MSE D 33 -30.48 -21.15 21.34
CB MSE D 33 -31.17 -21.03 24.63
CG MSE D 33 -30.75 -20.20 25.84
SE MSE D 33 -30.33 -21.27 27.41
CE MSE D 33 -29.33 -22.57 26.53
N PHE D 34 -32.51 -21.87 22.02
CA PHE D 34 -32.69 -22.80 20.89
C PHE D 34 -32.60 -22.09 19.55
N ASP D 35 -33.29 -20.96 19.42
CA ASP D 35 -33.26 -20.15 18.20
C ASP D 35 -31.83 -19.76 17.84
N ILE D 36 -31.07 -19.29 18.83
CA ILE D 36 -29.69 -18.83 18.64
C ILE D 36 -28.87 -19.97 18.09
N MSE D 37 -29.10 -21.14 18.68
CA MSE D 37 -28.45 -22.36 18.29
C MSE D 37 -28.75 -22.77 16.85
O MSE D 37 -27.83 -23.02 16.08
CB MSE D 37 -28.89 -23.46 19.25
CG MSE D 37 -27.90 -24.56 19.38
SE MSE D 37 -28.71 -26.11 20.09
CE MSE D 37 -29.97 -26.50 18.67
N TYR D 38 -30.03 -22.80 16.48
CA TYR D 38 -30.48 -23.19 15.13
C TYR D 38 -29.88 -22.37 14.00
N GLU D 39 -29.81 -21.05 14.20
CA GLU D 39 -29.30 -20.18 13.15
C GLU D 39 -27.77 -20.15 13.10
N SER D 40 -27.12 -20.50 14.20
CA SER D 40 -25.66 -20.57 14.21
C SER D 40 -25.21 -22.00 13.92
N LYS D 41 -26.17 -22.80 13.42
CA LYS D 41 -26.00 -24.22 13.10
C LYS D 41 -25.20 -25.01 14.13
N GLY D 42 -25.66 -24.95 15.37
CA GLY D 42 -24.97 -25.61 16.45
C GLY D 42 -25.75 -26.75 17.04
N ILE D 43 -25.03 -27.80 17.41
CA ILE D 43 -25.65 -28.98 17.98
C ILE D 43 -26.07 -28.74 19.42
N GLY D 44 -25.31 -27.92 20.15
CA GLY D 44 -25.62 -27.63 21.54
C GLY D 44 -25.53 -26.15 21.86
N LEU D 45 -25.80 -25.80 23.11
CA LEU D 45 -25.75 -24.41 23.60
C LEU D 45 -26.10 -24.38 25.09
N SER D 46 -25.41 -23.55 25.84
CA SER D 46 -25.75 -23.36 27.23
C SER D 46 -25.94 -21.90 27.52
N ALA D 47 -26.69 -21.62 28.59
CA ALA D 47 -26.99 -20.26 29.02
C ALA D 47 -25.86 -19.23 29.10
N PRO D 48 -24.67 -19.57 29.59
CA PRO D 48 -23.55 -18.61 29.51
C PRO D 48 -23.33 -18.08 28.11
N GLN D 49 -23.51 -18.91 27.09
CA GLN D 49 -23.19 -18.47 25.74
C GLN D 49 -24.23 -17.64 25.04
N VAL D 50 -25.29 -17.29 25.74
CA VAL D 50 -26.25 -16.32 25.24
C VAL D 50 -26.21 -15.16 26.20
N ASN D 51 -25.17 -15.18 27.04
CA ASN D 51 -24.89 -14.13 28.02
C ASN D 51 -25.96 -14.15 29.10
N ILE D 52 -26.14 -15.33 29.70
CA ILE D 52 -27.05 -15.51 30.83
C ILE D 52 -26.35 -16.43 31.82
N SER D 53 -25.97 -15.93 32.97
CA SER D 53 -25.19 -16.76 33.88
C SER D 53 -26.04 -17.74 34.70
N LYS D 54 -26.98 -18.42 34.04
CA LYS D 54 -27.81 -19.42 34.67
C LYS D 54 -27.33 -20.83 34.27
N ARG D 55 -27.81 -21.85 34.97
CA ARG D 55 -27.37 -23.23 34.74
C ARG D 55 -28.27 -24.03 33.82
N ILE D 56 -28.38 -23.63 32.57
CA ILE D 56 -29.24 -24.31 31.63
C ILE D 56 -28.41 -24.97 30.51
N ILE D 57 -28.82 -26.15 30.06
CA ILE D 57 -28.14 -26.89 28.99
C ILE D 57 -29.15 -27.36 27.95
N VAL D 58 -29.01 -26.92 26.71
CA VAL D 58 -29.92 -27.39 25.65
C VAL D 58 -29.21 -27.95 24.44
N TRP D 59 -29.86 -28.91 23.78
CA TRP D 59 -29.32 -29.46 22.53
C TRP D 59 -30.28 -30.32 21.75
N ASN D 60 -29.98 -30.48 20.47
CA ASN D 60 -30.73 -31.31 19.57
C ASN D 60 -29.69 -31.93 18.66
N ALA D 61 -29.37 -33.21 18.89
CA ALA D 61 -28.33 -33.92 18.16
C ALA D 61 -28.64 -34.14 16.68
N LEU D 62 -29.87 -33.85 16.31
CA LEU D 62 -30.31 -33.84 14.92
C LEU D 62 -30.88 -32.45 14.71
N TYR D 63 -29.99 -31.47 14.60
CA TYR D 63 -30.36 -30.07 14.47
C TYR D 63 -30.49 -29.67 13.02
N GLU D 64 -29.97 -30.51 12.13
CA GLU D 64 -30.12 -30.30 10.70
C GLU D 64 -31.61 -30.47 10.33
N LYS D 65 -32.38 -31.05 11.25
CA LYS D 65 -33.82 -31.20 11.13
C LYS D 65 -34.46 -30.63 12.39
N ARG D 66 -34.83 -29.34 12.37
CA ARG D 66 -35.47 -28.71 13.53
C ARG D 66 -36.75 -29.44 13.89
N LYS D 67 -36.77 -30.05 15.07
CA LYS D 67 -37.94 -30.79 15.52
C LYS D 67 -38.10 -30.71 17.04
N GLU D 68 -39.22 -30.16 17.48
CA GLU D 68 -39.58 -30.15 18.89
C GLU D 68 -39.71 -31.59 19.37
N GLU D 69 -39.34 -31.81 20.63
CA GLU D 69 -39.27 -33.14 21.28
C GLU D 69 -38.08 -33.99 20.81
N ASN D 70 -37.22 -33.40 19.99
CA ASN D 70 -35.92 -34.02 19.63
C ASN D 70 -34.87 -33.14 20.29
N GLU D 71 -35.37 -32.07 20.89
CA GLU D 71 -34.57 -31.14 21.64
C GLU D 71 -34.42 -31.68 23.05
N ARG D 72 -33.31 -31.37 23.71
CA ARG D 72 -33.08 -31.78 25.09
C ARG D 72 -32.73 -30.58 25.97
N ILE D 73 -33.58 -30.26 26.93
CA ILE D 73 -33.33 -29.18 27.85
C ILE D 73 -32.88 -29.79 29.18
N PHE D 74 -31.94 -29.15 29.88
CA PHE D 74 -31.51 -29.60 31.21
C PHE D 74 -31.26 -28.40 32.16
N ILE D 75 -31.98 -28.37 33.28
CA ILE D 75 -31.82 -27.31 34.25
C ILE D 75 -31.12 -27.82 35.50
N ASN D 76 -30.13 -27.07 35.97
CA ASN D 76 -29.36 -27.43 37.16
C ASN D 76 -28.82 -28.84 37.16
N PRO D 77 -27.93 -29.13 36.21
CA PRO D 77 -27.39 -30.47 36.10
C PRO D 77 -26.32 -30.68 37.15
N SER D 78 -25.94 -31.96 37.26
CA SER D 78 -24.89 -32.41 38.12
C SER D 78 -24.55 -33.82 37.68
N ILE D 79 -23.25 -34.13 37.57
CA ILE D 79 -22.76 -35.44 37.19
C ILE D 79 -22.59 -36.31 38.44
N VAL D 80 -23.15 -37.53 38.44
CA VAL D 80 -23.08 -38.41 39.61
C VAL D 80 -22.15 -39.61 39.46
N GLU D 81 -21.97 -40.10 38.25
CA GLU D 81 -21.05 -41.19 37.99
C GLU D 81 -20.58 -41.02 36.56
N GLN D 82 -19.49 -41.68 36.23
CA GLN D 82 -18.98 -41.61 34.88
C GLN D 82 -18.17 -42.85 34.62
N SER D 83 -18.02 -43.17 33.34
CA SER D 83 -17.28 -44.33 32.93
C SER D 83 -15.80 -44.19 33.20
N LEU D 84 -15.17 -45.32 33.44
CA LEU D 84 -13.73 -45.35 33.58
C LEU D 84 -13.14 -45.15 32.19
N VAL D 85 -13.86 -45.63 31.18
CA VAL D 85 -13.46 -45.60 29.77
C VAL D 85 -13.69 -44.23 29.19
N LYS D 86 -12.69 -43.69 28.52
CA LYS D 86 -12.79 -42.36 27.93
C LYS D 86 -12.69 -42.34 26.40
N LEU D 87 -12.91 -41.15 25.82
CA LEU D 87 -12.92 -40.98 24.37
C LEU D 87 -12.39 -39.65 23.91
N LYS D 88 -11.45 -39.67 22.97
CA LYS D 88 -10.95 -38.44 22.36
C LYS D 88 -11.71 -38.14 21.05
N LEU D 89 -12.75 -37.35 21.15
CA LEU D 89 -13.56 -37.01 20.00
C LEU D 89 -13.31 -35.56 19.64
N ILE D 90 -13.60 -35.22 18.38
CA ILE D 90 -13.38 -33.88 17.84
C ILE D 90 -14.58 -33.04 18.13
N GLU D 91 -14.38 -31.91 18.78
CA GLU D 91 -15.51 -31.11 19.21
C GLU D 91 -15.53 -29.73 18.59
N GLY D 92 -16.71 -29.12 18.61
CA GLY D 92 -16.85 -27.74 18.25
C GLY D 92 -17.52 -27.06 19.44
N CYS D 93 -17.52 -25.74 19.45
CA CYS D 93 -18.25 -24.96 20.43
C CYS D 93 -18.67 -23.71 19.72
N LEU D 94 -19.90 -23.26 19.93
CA LEU D 94 -20.43 -22.12 19.21
C LEU D 94 -19.77 -20.80 19.59
N SER D 95 -18.95 -20.81 20.61
CA SER D 95 -18.29 -19.58 21.01
C SER D 95 -16.95 -19.42 20.31
N PHE D 96 -16.67 -20.29 19.34
CA PHE D 96 -15.39 -20.34 18.61
C PHE D 96 -15.60 -20.83 17.17
N GLY D 97 -15.05 -20.18 16.15
CA GLY D 97 -15.06 -20.79 14.81
C GLY D 97 -14.05 -21.95 14.71
N ILE D 98 -13.57 -22.41 15.88
CA ILE D 98 -12.44 -23.36 16.09
C ILE D 98 -12.83 -24.83 16.29
N GLU D 99 -11.90 -25.76 16.04
CA GLU D 99 -12.18 -27.20 16.18
C GLU D 99 -11.03 -27.96 16.89
N GLY D 100 -11.32 -29.04 17.62
CA GLY D 100 -10.29 -29.84 18.29
C GLY D 100 -10.72 -31.04 19.13
N LYS D 101 -9.75 -31.91 19.46
CA LYS D 101 -9.99 -33.14 20.23
C LYS D 101 -9.85 -33.02 21.75
N VAL D 102 -10.85 -33.55 22.46
CA VAL D 102 -10.93 -33.51 23.91
C VAL D 102 -11.22 -34.92 24.41
N GLU D 103 -10.57 -35.36 25.48
CA GLU D 103 -10.77 -36.70 26.02
C GLU D 103 -11.73 -36.64 27.17
N ARG D 104 -12.97 -37.04 26.91
CA ARG D 104 -14.03 -37.08 27.92
C ARG D 104 -14.45 -38.54 28.11
N PRO D 105 -15.00 -38.89 29.28
CA PRO D 105 -15.51 -40.25 29.50
C PRO D 105 -16.69 -40.56 28.55
N SER D 106 -16.79 -41.83 28.19
CA SER D 106 -17.78 -42.35 27.26
C SER D 106 -19.20 -42.13 27.70
N ILE D 107 -19.51 -42.59 28.92
CA ILE D 107 -20.86 -42.53 29.51
C ILE D 107 -20.89 -41.84 30.88
N VAL D 108 -21.80 -40.89 31.08
CA VAL D 108 -21.96 -40.24 32.38
C VAL D 108 -23.33 -40.55 33.00
N SER D 109 -23.38 -40.54 34.34
CA SER D 109 -24.63 -40.72 35.07
C SER D 109 -25.07 -39.39 35.61
N ILE D 110 -26.25 -38.96 35.17
CA ILE D 110 -26.69 -37.58 35.36
C ILE D 110 -27.86 -37.44 36.31
N SER D 111 -27.84 -36.34 37.07
CA SER D 111 -28.95 -35.86 37.84
C SER D 111 -29.24 -34.45 37.31
N TYR D 112 -30.51 -34.15 37.06
CA TYR D 112 -30.90 -32.84 36.54
C TYR D 112 -32.36 -32.53 36.84
N TYR D 113 -32.83 -31.38 36.34
CA TYR D 113 -34.21 -30.92 36.55
C TYR D 113 -34.84 -30.45 35.25
N ASP D 114 -36.11 -30.79 35.05
CA ASP D 114 -36.82 -30.41 33.84
C ASP D 114 -37.24 -28.94 33.88
N ILE D 115 -37.98 -28.52 32.86
CA ILE D 115 -38.44 -27.15 32.76
C ILE D 115 -39.30 -26.69 33.93
N ASN D 116 -40.13 -27.57 34.45
CA ASN D 116 -41.07 -27.18 35.51
C ASN D 116 -40.63 -27.39 36.95
N GLY D 117 -39.36 -27.75 37.14
CA GLY D 117 -38.79 -27.85 38.47
C GLY D 117 -38.55 -29.24 39.00
N TYR D 118 -39.05 -30.23 38.27
CA TYR D 118 -38.98 -31.61 38.70
C TYR D 118 -37.64 -32.29 38.43
N LYS D 119 -37.20 -33.08 39.40
CA LYS D 119 -35.91 -33.78 39.36
C LYS D 119 -35.97 -35.04 38.48
N HIS D 120 -34.86 -35.35 37.82
CA HIS D 120 -34.77 -36.54 37.01
C HIS D 120 -33.40 -37.15 37.19
N LEU D 121 -33.29 -38.47 37.07
CA LEU D 121 -32.01 -39.16 37.06
C LEU D 121 -31.87 -39.80 35.68
N LYS D 122 -30.68 -39.74 35.07
CA LYS D 122 -30.53 -40.23 33.70
C LYS D 122 -29.13 -40.68 33.34
N ILE D 123 -29.01 -41.61 32.39
CA ILE D 123 -27.70 -42.11 31.91
C ILE D 123 -27.43 -41.68 30.49
N LEU D 124 -26.46 -40.80 30.30
CA LEU D 124 -26.15 -40.25 28.98
C LEU D 124 -25.07 -41.01 28.33
N LYS D 125 -25.25 -41.28 27.05
CA LYS D 125 -24.44 -42.26 26.37
C LYS D 125 -24.33 -41.89 24.94
N GLY D 126 -23.11 -41.77 24.41
CA GLY D 126 -22.91 -41.51 23.02
C GLY D 126 -22.53 -40.08 22.68
N ILE D 127 -23.36 -39.43 21.88
CA ILE D 127 -23.09 -38.10 21.46
C ILE D 127 -23.81 -37.18 22.42
N HIS D 128 -24.76 -37.74 23.17
CA HIS D 128 -25.52 -36.94 24.10
C HIS D 128 -24.66 -36.84 25.35
N SER D 129 -23.81 -37.82 25.53
CA SER D 129 -22.89 -37.83 26.64
C SER D 129 -21.76 -36.88 26.34
N ARG D 130 -21.44 -36.78 25.05
CA ARG D 130 -20.42 -35.87 24.57
C ARG D 130 -20.85 -34.46 24.86
N ILE D 131 -21.94 -34.07 24.20
CA ILE D 131 -22.46 -32.71 24.26
C ILE D 131 -22.76 -32.21 25.68
N PHE D 132 -23.33 -33.08 26.51
CA PHE D 132 -23.65 -32.71 27.88
C PHE D 132 -22.41 -32.28 28.60
N GLN D 133 -21.36 -33.07 28.49
CA GLN D 133 -20.11 -32.79 29.16
C GLN D 133 -19.43 -31.56 28.62
N HIS D 134 -19.86 -31.12 27.44
CA HIS D 134 -19.29 -29.92 26.87
C HIS D 134 -20.01 -28.79 27.54
N GLU D 135 -21.32 -28.79 27.42
CA GLU D 135 -22.14 -27.73 27.96
C GLU D 135 -22.11 -27.59 29.48
N PHE D 136 -21.88 -28.69 30.17
CA PHE D 136 -21.80 -28.69 31.63
C PHE D 136 -20.52 -28.00 32.01
N ASP D 137 -19.49 -28.20 31.17
CA ASP D 137 -18.22 -27.57 31.39
C ASP D 137 -18.42 -26.04 31.28
N HIS D 138 -19.17 -25.60 30.27
CA HIS D 138 -19.48 -24.18 30.09
C HIS D 138 -20.13 -23.57 31.31
N LEU D 139 -20.94 -24.34 32.04
CA LEU D 139 -21.58 -23.82 33.23
C LEU D 139 -20.66 -23.79 34.44
N ASN D 140 -19.39 -24.13 34.24
CA ASN D 140 -18.43 -24.10 35.32
C ASN D 140 -17.23 -23.26 34.88
N GLY D 141 -17.41 -22.58 33.76
CA GLY D 141 -16.38 -21.73 33.22
C GLY D 141 -15.19 -22.52 32.73
N THR D 142 -15.46 -23.69 32.18
CA THR D 142 -14.39 -24.45 31.58
C THR D 142 -14.67 -24.46 30.10
N LEU D 143 -13.64 -24.19 29.32
CA LEU D 143 -13.73 -24.17 27.89
C LEU D 143 -13.01 -25.42 27.38
N PHE D 144 -13.21 -25.80 26.12
CA PHE D 144 -12.62 -27.04 25.64
C PHE D 144 -11.18 -26.86 25.16
N ILE D 145 -10.74 -25.62 25.12
CA ILE D 145 -9.35 -25.37 24.86
C ILE D 145 -8.54 -25.73 26.10
N ASP D 146 -9.19 -25.82 27.25
CA ASP D 146 -8.51 -26.18 28.50
C ASP D 146 -8.27 -27.67 28.57
N LYS D 147 -9.13 -28.43 27.89
CA LYS D 147 -9.00 -29.89 27.86
C LYS D 147 -8.39 -30.39 26.56
N MSE D 148 -8.01 -29.44 25.71
CA MSE D 148 -7.40 -29.74 24.42
C MSE D 148 -5.98 -30.33 24.61
O MSE D 148 -5.49 -30.53 25.72
CB MSE D 148 -7.37 -28.45 23.57
CG MSE D 148 -7.39 -28.63 22.04
SE MSE D 148 -8.64 -27.40 21.17
CE MSE D 148 -7.93 -27.27 19.49
N THR D 149 -5.31 -30.64 23.50
CA THR D 149 -4.00 -31.27 23.52
C THR D 149 -2.96 -30.28 23.05
N GLN D 150 -1.74 -30.41 23.55
CA GLN D 150 -0.62 -29.58 23.14
C GLN D 150 -0.67 -29.34 21.64
N VAL D 151 -0.66 -30.44 20.91
CA VAL D 151 -0.67 -30.42 19.47
C VAL D 151 -1.85 -29.65 18.89
N ASP D 152 -3.06 -29.95 19.32
CA ASP D 152 -4.21 -29.22 18.83
C ASP D 152 -4.29 -27.77 19.37
N LYS D 153 -3.80 -27.55 20.60
CA LYS D 153 -3.81 -26.22 21.22
C LYS D 153 -2.98 -25.26 20.36
N LYS D 154 -1.88 -25.79 19.84
CA LYS D 154 -0.94 -25.02 19.04
C LYS D 154 -1.51 -24.74 17.67
N LYS D 155 -2.25 -25.71 17.15
CA LYS D 155 -2.81 -25.61 15.81
C LYS D 155 -3.85 -24.51 15.70
N VAL D 156 -4.36 -24.09 16.83
CA VAL D 156 -5.52 -23.24 16.87
C VAL D 156 -5.21 -21.90 17.57
N ARG D 157 -3.97 -21.80 18.02
CA ARG D 157 -3.43 -20.57 18.62
C ARG D 157 -3.64 -19.31 17.77
N PRO D 158 -3.27 -19.30 16.48
CA PRO D 158 -3.55 -18.12 15.65
C PRO D 158 -5.01 -17.74 15.71
N LYS D 159 -5.87 -18.74 15.60
CA LYS D 159 -7.31 -18.52 15.61
C LYS D 159 -7.79 -17.97 16.93
N LEU D 160 -7.15 -18.40 18.02
CA LEU D 160 -7.50 -17.89 19.35
C LEU D 160 -7.11 -16.43 19.49
N ASN D 161 -5.91 -16.07 19.04
CA ASN D 161 -5.46 -14.68 19.12
C ASN D 161 -6.34 -13.79 18.28
N GLU D 162 -6.65 -14.26 17.06
CA GLU D 162 -7.61 -13.58 16.17
C GLU D 162 -8.90 -13.20 16.92
N LEU D 163 -9.45 -14.15 17.67
CA LEU D 163 -10.67 -13.94 18.42
C LEU D 163 -10.48 -12.96 19.53
N ILE D 164 -9.30 -13.00 20.14
CA ILE D 164 -8.97 -12.06 21.20
C ILE D 164 -8.90 -10.62 20.67
N ARG D 165 -8.28 -10.45 19.49
CA ARG D 165 -8.19 -9.15 18.84
C ARG D 165 -9.57 -8.59 18.61
N ASP D 166 -10.34 -9.29 17.79
CA ASP D 166 -11.72 -8.95 17.49
C ASP D 166 -12.52 -8.56 18.72
N TYR D 167 -12.25 -9.22 19.84
CA TYR D 167 -12.94 -8.86 21.09
C TYR D 167 -12.50 -7.51 21.65
N LYS D 168 -11.20 -7.34 21.89
CA LYS D 168 -10.65 -6.10 22.45
C LYS D 168 -11.07 -4.92 21.62
N ALA D 169 -11.21 -5.20 20.32
CA ALA D 169 -11.69 -4.26 19.33
C ALA D 169 -13.11 -3.84 19.63
N THR D 170 -14.06 -4.79 19.69
CA THR D 170 -15.49 -4.51 19.95
C THR D 170 -15.79 -3.35 20.90
N HIS D 171 -15.18 -3.40 22.09
CA HIS D 171 -15.29 -2.34 23.09
C HIS D 171 -14.71 -1.01 22.56
N SER D 172 -13.39 -0.92 22.47
CA SER D 172 -12.80 0.34 22.01
C SER D 172 -11.96 0.25 20.75
N GLU D 173 -12.62 0.12 19.59
CA GLU D 173 -11.90 0.19 18.32
C GLU D 173 -11.31 1.60 18.16
N GLU D 174 -10.09 1.77 18.64
CA GLU D 174 -9.42 3.07 18.67
C GLU D 174 -8.76 3.39 17.33
N ASP E 1 26.10 -19.03 12.57
CA ASP E 1 25.48 -19.64 11.38
C ASP E 1 25.16 -21.07 11.73
N GLU E 2 24.83 -21.30 12.99
CA GLU E 2 24.63 -22.66 13.48
C GLU E 2 23.23 -23.22 13.27
N ILE E 3 23.16 -24.54 13.20
CA ILE E 3 21.91 -25.30 13.17
C ILE E 3 21.58 -25.60 14.64
N LYS E 4 21.94 -24.67 15.51
CA LYS E 4 21.75 -24.89 16.92
C LYS E 4 20.61 -24.10 17.53
N ILE E 5 19.40 -24.66 17.44
CA ILE E 5 18.30 -24.08 18.20
C ILE E 5 18.72 -24.28 19.65
N VAL E 6 18.70 -23.22 20.44
CA VAL E 6 19.04 -23.39 21.83
C VAL E 6 17.76 -23.46 22.61
N LYS E 7 17.78 -24.14 23.75
CA LYS E 7 16.57 -24.35 24.49
C LYS E 7 16.63 -23.63 25.80
N TYR E 8 15.47 -23.50 26.42
CA TYR E 8 15.23 -22.75 27.64
C TYR E 8 16.39 -22.44 28.60
N PRO E 9 17.00 -23.42 29.28
CA PRO E 9 17.90 -23.08 30.39
C PRO E 9 19.22 -22.46 30.00
N ASP E 10 19.70 -22.71 28.79
CA ASP E 10 20.97 -22.16 28.29
C ASP E 10 21.22 -20.76 28.78
N PRO E 11 22.39 -20.53 29.37
CA PRO E 11 22.73 -19.24 29.97
C PRO E 11 22.74 -18.06 29.00
N ILE E 12 23.05 -18.32 27.73
CA ILE E 12 23.18 -17.28 26.71
C ILE E 12 21.86 -16.57 26.40
N LEU E 13 20.77 -17.26 26.69
CA LEU E 13 19.46 -16.73 26.41
C LEU E 13 19.12 -15.69 27.45
N ARG E 14 19.99 -15.56 28.45
CA ARG E 14 19.78 -14.56 29.50
C ARG E 14 20.79 -13.42 29.38
N ARG E 15 21.61 -13.49 28.33
CA ARG E 15 22.63 -12.48 28.12
C ARG E 15 22.09 -11.32 27.30
N ARG E 16 22.80 -10.20 27.35
CA ARG E 16 22.46 -9.01 26.59
C ARG E 16 23.20 -9.07 25.26
N SER E 17 22.45 -9.11 24.16
CA SER E 17 23.08 -9.22 22.85
C SER E 17 23.85 -7.97 22.45
N GLU E 18 25.00 -8.17 21.82
CA GLU E 18 25.85 -7.06 21.43
C GLU E 18 25.41 -6.50 20.09
N VAL E 19 25.86 -5.30 19.76
CA VAL E 19 25.42 -4.61 18.55
C VAL E 19 26.26 -4.99 17.34
N THR E 20 25.59 -5.20 16.21
CA THR E 20 26.21 -5.56 14.94
C THR E 20 27.07 -4.45 14.38
N ASN E 21 28.24 -4.80 13.87
CA ASN E 21 29.12 -3.84 13.21
C ASN E 21 29.39 -4.15 11.73
N PHE E 22 29.79 -5.38 11.37
CA PHE E 22 30.02 -5.67 9.95
C PHE E 22 28.69 -5.87 9.28
N ASP E 23 28.22 -4.83 8.62
CA ASP E 23 26.90 -4.87 8.01
C ASP E 23 26.91 -5.41 6.59
N ASP E 24 27.82 -6.34 6.31
CA ASP E 24 27.91 -6.89 4.97
C ASP E 24 28.65 -8.25 4.94
N ASN E 25 28.27 -9.05 3.95
CA ASN E 25 28.85 -10.37 3.65
C ASN E 25 28.65 -11.43 4.72
N LEU E 26 27.58 -11.26 5.50
CA LEU E 26 27.21 -12.21 6.55
C LEU E 26 25.71 -12.36 6.50
N LYS E 27 25.19 -12.54 5.29
CA LYS E 27 23.76 -12.74 5.06
C LYS E 27 23.39 -14.18 5.39
N ARG E 28 24.37 -15.08 5.26
CA ARG E 28 24.14 -16.50 5.50
C ARG E 28 23.83 -16.82 6.94
N VAL E 29 24.40 -16.04 7.87
CA VAL E 29 24.09 -16.16 9.28
C VAL E 29 22.59 -15.97 9.43
N VAL E 30 22.10 -14.90 8.83
CA VAL E 30 20.69 -14.59 8.83
C VAL E 30 19.92 -15.59 7.96
N ARG E 31 20.56 -16.12 6.92
CA ARG E 31 19.87 -17.10 6.09
C ARG E 31 19.73 -18.41 6.84
N LYS E 32 20.78 -18.78 7.56
CA LYS E 32 20.76 -19.96 8.39
C LYS E 32 19.75 -19.77 9.51
N MSE E 33 19.70 -18.55 10.04
CA MSE E 33 18.69 -18.20 11.04
C MSE E 33 17.32 -18.53 10.48
O MSE E 33 16.56 -19.23 11.11
CB MSE E 33 18.78 -16.73 11.42
CG MSE E 33 19.87 -16.43 12.41
SE MSE E 33 19.74 -14.61 13.04
CE MSE E 33 17.84 -14.61 13.41
N PHE E 34 17.05 -18.06 9.27
CA PHE E 34 15.78 -18.36 8.60
C PHE E 34 15.59 -19.84 8.37
N ASP E 35 16.67 -20.51 7.95
CA ASP E 35 16.66 -21.94 7.66
C ASP E 35 16.28 -22.77 8.89
N ILE E 36 16.89 -22.44 10.02
CA ILE E 36 16.71 -23.17 11.28
C ILE E 36 15.27 -23.06 11.67
N MSE E 37 14.79 -21.82 11.70
CA MSE E 37 13.43 -21.48 12.05
C MSE E 37 12.42 -22.23 11.18
O MSE E 37 11.45 -22.78 11.69
CB MSE E 37 13.24 -19.98 11.85
CG MSE E 37 11.95 -19.43 12.43
SE MSE E 37 11.59 -17.63 11.81
CE MSE E 37 10.72 -18.07 10.12
N TYR E 38 12.69 -22.26 9.87
CA TYR E 38 11.82 -22.94 8.91
C TYR E 38 11.63 -24.42 9.18
N GLU E 39 12.73 -25.12 9.40
CA GLU E 39 12.67 -26.56 9.65
C GLU E 39 12.19 -26.91 11.06
N SER E 40 12.02 -25.89 11.91
CA SER E 40 11.50 -26.10 13.25
C SER E 40 10.05 -25.64 13.31
N LYS E 41 9.52 -25.32 12.14
CA LYS E 41 8.14 -24.85 11.97
C LYS E 41 7.79 -23.71 12.92
N GLY E 42 8.60 -22.64 12.90
CA GLY E 42 8.42 -21.55 13.82
C GLY E 42 8.19 -20.22 13.16
N ILE E 43 7.51 -19.32 13.87
CA ILE E 43 7.09 -18.05 13.30
C ILE E 43 8.14 -16.93 13.34
N GLY E 44 9.01 -16.94 14.34
CA GLY E 44 9.98 -15.89 14.49
C GLY E 44 11.23 -16.44 15.09
N LEU E 45 12.33 -15.69 15.01
CA LEU E 45 13.58 -16.16 15.55
C LEU E 45 14.60 -15.03 15.63
N SER E 46 15.43 -15.08 16.67
CA SER E 46 16.46 -14.10 16.90
C SER E 46 17.78 -14.85 17.09
N ALA E 47 18.88 -14.18 16.78
CA ALA E 47 20.22 -14.77 16.80
C ALA E 47 20.70 -15.54 18.03
N PRO E 48 20.40 -15.10 19.25
CA PRO E 48 20.72 -15.93 20.42
C PRO E 48 20.08 -17.33 20.34
N GLN E 49 18.87 -17.41 19.80
CA GLN E 49 18.20 -18.69 19.66
C GLN E 49 18.95 -19.66 18.76
N VAL E 50 20.05 -19.19 18.16
CA VAL E 50 20.97 -20.03 17.41
C VAL E 50 22.41 -19.81 17.88
N ASN E 51 22.56 -19.49 19.16
CA ASN E 51 23.86 -19.33 19.83
C ASN E 51 24.75 -18.32 19.13
N ILE E 52 24.24 -17.09 19.02
CA ILE E 52 24.95 -15.96 18.46
C ILE E 52 24.45 -14.79 19.27
N SER E 53 25.26 -14.29 20.18
CA SER E 53 24.85 -13.16 20.99
C SER E 53 24.87 -11.86 20.19
N LYS E 54 24.11 -11.80 19.10
CA LYS E 54 24.09 -10.63 18.27
C LYS E 54 22.68 -10.09 18.11
N ARG E 55 22.52 -8.77 18.04
CA ARG E 55 21.23 -8.13 18.03
C ARG E 55 20.56 -8.19 16.65
N ILE E 56 20.02 -9.36 16.34
CA ILE E 56 19.47 -9.64 15.02
C ILE E 56 18.10 -10.35 15.16
N ILE E 57 17.09 -9.87 14.44
CA ILE E 57 15.73 -10.41 14.53
C ILE E 57 15.14 -10.75 13.17
N VAL E 58 14.50 -11.91 13.05
CA VAL E 58 13.77 -12.25 11.83
C VAL E 58 12.39 -12.87 12.11
N TRP E 59 11.56 -12.89 11.07
CA TRP E 59 10.29 -13.61 11.07
C TRP E 59 9.59 -13.64 9.73
N ASN E 60 8.70 -14.61 9.60
CA ASN E 60 7.85 -14.75 8.44
C ASN E 60 6.49 -15.07 8.98
N ALA E 61 5.56 -14.14 8.83
CA ALA E 61 4.17 -14.30 9.31
C ALA E 61 3.43 -15.45 8.64
N LEU E 62 3.91 -15.84 7.46
CA LEU E 62 3.34 -16.93 6.70
C LEU E 62 4.48 -17.91 6.39
N TYR E 63 4.78 -18.77 7.35
CA TYR E 63 5.92 -19.69 7.24
C TYR E 63 5.48 -21.10 6.84
N GLU E 64 4.17 -21.29 6.71
CA GLU E 64 3.62 -22.57 6.24
C GLU E 64 3.61 -22.55 4.72
N LYS E 65 4.00 -21.39 4.19
CA LYS E 65 4.19 -21.13 2.77
C LYS E 65 5.28 -20.06 2.67
N ARG E 66 6.52 -20.51 2.62
CA ARG E 66 7.66 -19.60 2.64
C ARG E 66 7.90 -18.88 1.32
N LYS E 67 8.16 -17.59 1.39
CA LYS E 67 8.52 -16.83 0.21
C LYS E 67 9.65 -15.88 0.62
N GLU E 68 10.59 -15.64 -0.29
CA GLU E 68 11.63 -14.65 -0.06
C GLU E 68 10.98 -13.28 -0.09
N GLU E 69 11.52 -12.34 0.71
CA GLU E 69 11.02 -10.97 0.85
C GLU E 69 9.62 -10.86 1.48
N ASN E 70 9.08 -12.01 1.88
CA ASN E 70 7.84 -12.10 2.65
C ASN E 70 8.33 -12.27 4.10
N GLU E 71 9.63 -12.47 4.18
CA GLU E 71 10.35 -12.59 5.42
C GLU E 71 10.78 -11.21 5.86
N ARG E 72 10.91 -11.00 7.16
CA ARG E 72 11.28 -9.70 7.69
C ARG E 72 12.60 -9.79 8.45
N ILE E 73 13.48 -8.81 8.28
CA ILE E 73 14.81 -8.79 8.91
C ILE E 73 15.07 -7.45 9.61
N PHE E 74 15.53 -7.48 10.85
CA PHE E 74 15.80 -6.24 11.59
C PHE E 74 17.14 -6.34 12.29
N ILE E 75 18.09 -5.49 11.91
CA ILE E 75 19.40 -5.50 12.55
C ILE E 75 19.49 -4.32 13.48
N ASN E 76 19.93 -4.58 14.71
CA ASN E 76 20.00 -3.57 15.77
C ASN E 76 18.70 -2.78 15.98
N PRO E 77 17.65 -3.43 16.46
CA PRO E 77 16.38 -2.77 16.62
C PRO E 77 16.35 -2.01 17.92
N SER E 78 15.36 -1.13 18.04
CA SER E 78 15.16 -0.30 19.22
C SER E 78 13.73 0.19 19.15
N ILE E 79 13.09 0.40 20.31
CA ILE E 79 11.67 0.72 20.40
C ILE E 79 11.38 2.15 20.74
N VAL E 80 11.11 3.00 19.75
CA VAL E 80 10.97 4.43 20.02
C VAL E 80 9.69 4.87 20.65
N GLU E 81 8.58 4.20 20.41
CA GLU E 81 7.38 4.51 21.16
C GLU E 81 6.65 3.22 21.23
N GLN E 82 5.60 3.23 22.05
CA GLN E 82 4.71 2.10 22.18
C GLN E 82 3.37 2.56 22.66
N SER E 83 2.33 1.88 22.19
CA SER E 83 0.95 2.19 22.48
C SER E 83 0.60 2.08 23.95
N LEU E 84 -0.42 2.80 24.38
CA LEU E 84 -0.87 2.64 25.76
C LEU E 84 -1.70 1.37 25.86
N VAL E 85 -2.51 1.13 24.82
CA VAL E 85 -3.35 -0.04 24.76
C VAL E 85 -2.51 -1.30 24.80
N LYS E 86 -2.83 -2.23 25.69
CA LYS E 86 -2.14 -3.52 25.67
C LYS E 86 -3.12 -4.57 25.13
N LEU E 87 -2.64 -5.79 24.95
CA LEU E 87 -3.42 -6.87 24.40
C LEU E 87 -2.82 -8.21 24.87
N LYS E 88 -3.66 -9.10 25.40
CA LYS E 88 -3.22 -10.39 25.91
C LYS E 88 -3.34 -11.48 24.86
N LEU E 89 -2.24 -11.94 24.32
CA LEU E 89 -2.28 -12.95 23.28
C LEU E 89 -1.48 -14.17 23.71
N ILE E 90 -1.71 -15.30 23.03
CA ILE E 90 -0.99 -16.53 23.30
C ILE E 90 0.21 -16.51 22.42
N GLU E 91 1.35 -16.83 23.00
CA GLU E 91 2.60 -16.84 22.30
C GLU E 91 3.20 -18.19 22.43
N GLY E 92 4.13 -18.49 21.53
CA GLY E 92 4.90 -19.72 21.56
C GLY E 92 6.35 -19.29 21.39
N CYS E 93 7.28 -20.24 21.41
CA CYS E 93 8.68 -19.94 21.27
C CYS E 93 9.43 -21.21 20.87
N LEU E 94 10.43 -21.13 19.99
CA LEU E 94 11.16 -22.32 19.59
C LEU E 94 12.07 -22.80 20.69
N SER E 95 12.45 -21.88 21.58
CA SER E 95 13.27 -22.19 22.75
C SER E 95 12.48 -22.95 23.84
N PHE E 96 11.17 -23.05 23.68
CA PHE E 96 10.34 -23.68 24.68
C PHE E 96 9.19 -24.43 24.01
N GLY E 97 9.18 -25.77 23.98
CA GLY E 97 8.06 -26.51 23.40
C GLY E 97 6.72 -26.27 24.11
N ILE E 98 6.54 -25.03 24.55
CA ILE E 98 5.51 -24.56 25.47
C ILE E 98 4.71 -23.42 24.82
N GLU E 99 3.55 -23.07 25.41
CA GLU E 99 2.68 -22.00 24.93
C GLU E 99 2.06 -21.27 26.10
N GLY E 100 1.72 -19.97 25.96
CA GLY E 100 0.99 -19.22 26.99
C GLY E 100 0.65 -17.76 26.71
N LYS E 101 -0.23 -17.17 27.52
CA LYS E 101 -0.72 -15.79 27.31
C LYS E 101 0.15 -14.64 27.85
N VAL E 102 0.70 -13.81 26.95
CA VAL E 102 1.52 -12.68 27.35
C VAL E 102 0.99 -11.32 26.83
N GLU E 103 0.83 -10.38 27.76
CA GLU E 103 0.38 -9.05 27.50
C GLU E 103 1.55 -8.20 27.02
N ARG E 104 1.36 -7.58 25.85
CA ARG E 104 2.33 -6.65 25.27
C ARG E 104 1.47 -5.57 24.64
N PRO E 105 2.00 -4.38 24.35
CA PRO E 105 1.16 -3.35 23.76
C PRO E 105 0.91 -3.62 22.27
N SER E 106 -0.17 -3.04 21.78
CA SER E 106 -0.66 -3.30 20.46
C SER E 106 0.27 -2.83 19.38
N ILE E 107 0.69 -1.56 19.47
CA ILE E 107 1.53 -0.95 18.46
C ILE E 107 2.89 -0.51 19.02
N VAL E 108 3.95 -0.74 18.25
CA VAL E 108 5.24 -0.24 18.63
C VAL E 108 5.80 0.63 17.50
N SER E 109 6.52 1.69 17.85
CA SER E 109 7.17 2.49 16.85
C SER E 109 8.63 2.14 16.97
N ILE E 110 9.29 1.96 15.84
CA ILE E 110 10.57 1.23 15.78
C ILE E 110 11.64 1.91 14.95
N SER E 111 12.89 1.52 15.18
CA SER E 111 14.03 1.97 14.41
C SER E 111 15.04 0.83 14.37
N TYR E 112 15.65 0.60 13.22
CA TYR E 112 16.56 -0.53 13.04
C TYR E 112 17.46 -0.31 11.86
N TYR E 113 18.19 -1.34 11.48
CA TYR E 113 19.10 -1.28 10.35
C TYR E 113 18.85 -2.46 9.44
N ASP E 114 19.05 -2.28 8.14
CA ASP E 114 18.83 -3.37 7.19
C ASP E 114 20.05 -4.26 7.07
N ILE E 115 20.02 -5.20 6.13
CA ILE E 115 21.11 -6.12 5.88
C ILE E 115 22.38 -5.37 5.41
N ASN E 116 22.21 -4.14 4.94
CA ASN E 116 23.32 -3.33 4.49
C ASN E 116 23.68 -2.23 5.50
N GLY E 117 22.82 -2.01 6.48
CA GLY E 117 23.13 -1.08 7.56
C GLY E 117 22.63 0.34 7.46
N TYR E 118 21.60 0.55 6.65
CA TYR E 118 20.99 1.86 6.54
C TYR E 118 19.91 1.89 7.58
N LYS E 119 19.78 3.01 8.31
CA LYS E 119 18.77 3.09 9.34
C LYS E 119 17.36 3.14 8.76
N HIS E 120 16.41 2.52 9.45
CA HIS E 120 15.02 2.63 9.06
C HIS E 120 14.17 3.08 10.22
N LEU E 121 12.92 3.37 9.92
CA LEU E 121 11.97 3.86 10.90
C LEU E 121 10.64 3.25 10.50
N LYS E 122 10.06 2.40 11.35
CA LYS E 122 8.81 1.75 10.98
C LYS E 122 7.79 1.62 12.11
N ILE E 123 6.52 1.60 11.75
CA ILE E 123 5.44 1.33 12.67
C ILE E 123 4.96 -0.10 12.46
N LEU E 124 5.09 -0.93 13.47
CA LEU E 124 4.61 -2.28 13.38
C LEU E 124 3.31 -2.37 14.14
N LYS E 125 2.28 -2.87 13.48
CA LYS E 125 1.02 -3.02 14.17
C LYS E 125 0.42 -4.41 13.96
N GLY E 126 0.07 -5.06 15.06
CA GLY E 126 -0.55 -6.35 15.00
C GLY E 126 0.29 -7.55 15.40
N ILE E 127 0.35 -8.54 14.50
CA ILE E 127 1.11 -9.73 14.75
C ILE E 127 2.57 -9.43 14.50
N HIS E 128 2.83 -8.39 13.71
CA HIS E 128 4.20 -8.01 13.45
C HIS E 128 4.72 -7.35 14.69
N SER E 129 3.85 -6.61 15.35
CA SER E 129 4.17 -5.95 16.60
C SER E 129 4.23 -6.96 17.71
N ARG E 130 3.45 -8.01 17.59
CA ARG E 130 3.49 -9.07 18.58
C ARG E 130 4.79 -9.82 18.47
N ILE E 131 5.10 -10.34 17.29
CA ILE E 131 6.31 -11.10 17.10
C ILE E 131 7.58 -10.30 17.36
N PHE E 132 7.59 -9.03 16.94
CA PHE E 132 8.76 -8.18 17.10
C PHE E 132 9.18 -8.16 18.56
N GLN E 133 8.22 -7.78 19.41
CA GLN E 133 8.44 -7.64 20.83
C GLN E 133 8.81 -8.94 21.53
N HIS E 134 8.40 -10.07 20.95
CA HIS E 134 8.82 -11.36 21.47
C HIS E 134 10.30 -11.45 21.19
N GLU E 135 10.66 -11.24 19.93
CA GLU E 135 12.04 -11.43 19.51
C GLU E 135 13.02 -10.37 19.98
N PHE E 136 12.51 -9.22 20.39
CA PHE E 136 13.35 -8.14 20.86
C PHE E 136 13.71 -8.40 22.33
N ASP E 137 12.79 -9.02 23.03
CA ASP E 137 13.07 -9.42 24.38
C ASP E 137 14.30 -10.39 24.43
N HIS E 138 14.42 -11.31 23.45
CA HIS E 138 15.54 -12.23 23.42
C HIS E 138 16.88 -11.47 23.41
N LEU E 139 16.94 -10.37 22.69
CA LEU E 139 18.16 -9.60 22.52
C LEU E 139 18.58 -8.93 23.83
N ASN E 140 17.67 -8.96 24.79
CA ASN E 140 17.86 -8.32 26.07
C ASN E 140 17.86 -9.32 27.21
N GLY E 141 17.83 -10.60 26.87
CA GLY E 141 17.78 -11.64 27.88
C GLY E 141 16.48 -11.59 28.64
N THR E 142 15.37 -11.44 27.93
CA THR E 142 14.07 -11.50 28.53
C THR E 142 13.34 -12.60 27.78
N LEU E 143 12.97 -13.65 28.51
CA LEU E 143 12.25 -14.74 27.92
C LEU E 143 10.78 -14.55 28.28
N PHE E 144 9.85 -15.04 27.44
CA PHE E 144 8.41 -14.80 27.65
C PHE E 144 7.77 -15.36 28.91
N ILE E 145 8.37 -16.37 29.52
CA ILE E 145 7.83 -16.90 30.77
C ILE E 145 7.87 -15.93 31.93
N ASP E 146 8.62 -14.84 31.79
CA ASP E 146 8.70 -13.81 32.82
C ASP E 146 7.47 -12.95 32.74
N LYS E 147 7.04 -12.68 31.51
CA LYS E 147 5.93 -11.76 31.22
C LYS E 147 4.57 -12.43 31.25
N MSE E 148 4.54 -13.68 31.72
CA MSE E 148 3.31 -14.46 31.80
C MSE E 148 2.56 -14.26 33.07
O MSE E 148 3.07 -13.70 34.02
CB MSE E 148 3.64 -15.94 31.72
CG MSE E 148 3.32 -16.65 30.41
SE MSE E 148 3.85 -18.52 30.55
CE MSE E 148 4.21 -18.96 28.72
N THR E 149 1.33 -14.76 33.09
CA THR E 149 0.42 -14.75 34.25
C THR E 149 0.73 -15.89 35.17
N GLN E 150 0.41 -15.72 36.45
CA GLN E 150 0.66 -16.75 37.47
C GLN E 150 0.00 -18.08 37.13
N VAL E 151 -1.14 -18.02 36.44
CA VAL E 151 -1.87 -19.20 35.97
C VAL E 151 -1.07 -19.90 34.90
N ASP E 152 -0.75 -19.16 33.86
CA ASP E 152 -0.10 -19.81 32.74
C ASP E 152 1.32 -20.18 33.07
N LYS E 153 1.89 -19.55 34.10
CA LYS E 153 3.19 -19.98 34.56
C LYS E 153 3.15 -21.24 35.39
N LYS E 154 2.06 -21.43 36.14
CA LYS E 154 1.86 -22.63 36.94
C LYS E 154 1.65 -23.84 36.04
N LYS E 155 0.61 -23.70 35.23
CA LYS E 155 0.19 -24.67 34.23
C LYS E 155 1.34 -25.16 33.37
N VAL E 156 2.46 -24.45 33.42
CA VAL E 156 3.58 -24.84 32.58
C VAL E 156 4.79 -25.27 33.44
N ARG E 157 4.62 -25.23 34.76
CA ARG E 157 5.71 -25.63 35.63
C ARG E 157 6.42 -26.94 35.25
N PRO E 158 5.70 -28.07 35.03
CA PRO E 158 6.42 -29.32 34.77
C PRO E 158 7.21 -29.46 33.46
N LYS E 159 7.05 -28.58 32.46
CA LYS E 159 7.75 -28.75 31.19
C LYS E 159 9.04 -27.99 31.22
N LEU E 160 9.04 -26.92 32.00
CA LEU E 160 10.25 -26.14 32.25
C LEU E 160 11.14 -27.01 33.07
N ASN E 161 10.60 -27.71 34.06
CA ASN E 161 11.40 -28.64 34.85
C ASN E 161 11.97 -29.79 33.99
N GLU E 162 11.23 -30.26 32.97
CA GLU E 162 11.70 -31.27 32.00
C GLU E 162 12.81 -30.65 31.22
N LEU E 163 12.62 -29.38 30.91
CA LEU E 163 13.62 -28.71 30.13
C LEU E 163 14.86 -28.48 30.95
N ILE E 164 14.70 -28.14 32.23
CA ILE E 164 15.87 -27.91 33.09
C ILE E 164 16.72 -29.17 33.24
N ARG E 165 16.06 -30.31 33.45
CA ARG E 165 16.82 -31.55 33.63
C ARG E 165 17.40 -32.07 32.31
N ASP E 166 16.74 -31.75 31.20
CA ASP E 166 17.24 -32.13 29.89
C ASP E 166 18.53 -31.36 29.72
N TYR E 167 18.54 -30.13 30.23
CA TYR E 167 19.73 -29.31 30.11
C TYR E 167 20.90 -29.83 30.94
N LYS E 168 20.62 -30.41 32.11
CA LYS E 168 21.68 -30.97 32.94
C LYS E 168 22.30 -32.22 32.34
N ALA E 169 21.71 -32.70 31.26
CA ALA E 169 22.31 -33.75 30.45
C ALA E 169 23.17 -33.17 29.28
N THR E 170 23.68 -31.96 29.49
CA THR E 170 24.68 -31.38 28.59
C THR E 170 25.97 -31.88 29.19
N HIS E 171 25.99 -31.88 30.52
CA HIS E 171 27.12 -32.40 31.29
C HIS E 171 26.66 -33.61 32.12
N SER E 172 25.95 -34.54 31.47
CA SER E 172 25.39 -35.73 32.12
C SER E 172 26.41 -36.79 32.42
N GLU E 173 27.40 -36.46 33.23
CA GLU E 173 28.42 -37.43 33.56
C GLU E 173 27.92 -38.40 34.61
N GLU E 174 26.66 -38.31 35.00
CA GLU E 174 26.17 -39.18 36.05
C GLU E 174 24.78 -39.66 35.66
N PRO E 175 24.20 -40.62 36.39
CA PRO E 175 22.81 -41.03 36.13
C PRO E 175 21.82 -40.03 36.70
N LEU E 176 22.35 -38.92 37.24
CA LEU E 176 21.59 -37.86 37.91
C LEU E 176 20.95 -38.37 39.19
N GLU F 2 -37.98 -5.36 -1.72
CA GLU F 2 -38.94 -5.88 -0.69
C GLU F 2 -40.29 -5.20 -0.89
N ILE F 3 -41.39 -5.96 -0.89
CA ILE F 3 -42.72 -5.33 -0.89
C ILE F 3 -43.01 -4.83 0.54
N LYS F 4 -42.01 -4.11 1.05
CA LYS F 4 -42.11 -3.52 2.35
C LYS F 4 -42.14 -2.04 2.21
N ILE F 5 -43.33 -1.50 2.03
CA ILE F 5 -43.46 -0.07 2.14
C ILE F 5 -43.31 0.21 3.64
N VAL F 6 -42.44 1.13 4.01
CA VAL F 6 -42.32 1.44 5.43
C VAL F 6 -43.05 2.74 5.73
N LYS F 7 -43.60 2.83 6.94
CA LYS F 7 -44.38 3.97 7.32
C LYS F 7 -43.67 4.87 8.33
N TYR F 8 -44.12 6.13 8.42
CA TYR F 8 -43.53 7.21 9.24
C TYR F 8 -42.65 6.93 10.48
N PRO F 9 -43.23 6.40 11.54
CA PRO F 9 -42.47 6.29 12.80
C PRO F 9 -41.33 5.28 12.77
N ASP F 10 -41.19 4.49 11.71
CA ASP F 10 -40.12 3.49 11.58
C ASP F 10 -38.86 4.29 11.57
N PRO F 11 -37.95 3.96 12.48
CA PRO F 11 -36.71 4.73 12.66
C PRO F 11 -35.70 4.65 11.49
N ILE F 12 -35.86 3.67 10.59
CA ILE F 12 -34.95 3.55 9.42
C ILE F 12 -35.04 4.79 8.54
N LEU F 13 -36.22 5.38 8.53
CA LEU F 13 -36.52 6.56 7.77
C LEU F 13 -35.79 7.77 8.27
N ARG F 14 -35.20 7.66 9.46
CA ARG F 14 -34.48 8.77 10.06
C ARG F 14 -32.97 8.53 10.03
N ARG F 15 -32.56 7.35 9.57
CA ARG F 15 -31.15 7.01 9.45
C ARG F 15 -30.59 7.66 8.21
N ARG F 16 -29.27 7.53 7.98
CA ARG F 16 -28.63 8.07 6.79
C ARG F 16 -28.25 6.93 5.88
N SER F 17 -28.76 6.98 4.66
CA SER F 17 -28.61 5.85 3.75
C SER F 17 -27.22 5.86 3.12
N GLU F 18 -26.63 4.68 2.92
CA GLU F 18 -25.25 4.60 2.49
C GLU F 18 -25.09 4.51 1.00
N VAL F 19 -23.96 5.00 0.52
CA VAL F 19 -23.63 5.08 -0.90
C VAL F 19 -23.50 3.70 -1.50
N THR F 20 -24.12 3.46 -2.67
CA THR F 20 -24.04 2.18 -3.34
C THR F 20 -22.62 1.98 -3.79
N ASN F 21 -22.10 0.77 -3.60
CA ASN F 21 -20.78 0.43 -4.09
C ASN F 21 -20.88 -0.45 -5.30
N PHE F 22 -21.60 -1.55 -5.19
CA PHE F 22 -21.70 -2.45 -6.33
C PHE F 22 -22.83 -2.06 -7.28
N ASP F 23 -22.47 -1.38 -8.36
CA ASP F 23 -23.47 -0.99 -9.34
C ASP F 23 -23.62 -2.10 -10.34
N ASP F 24 -24.42 -3.13 -10.02
CA ASP F 24 -24.77 -4.23 -10.94
C ASP F 24 -25.50 -5.40 -10.28
N ASN F 25 -26.45 -5.97 -11.04
CA ASN F 25 -27.38 -7.07 -10.69
C ASN F 25 -28.35 -6.78 -9.55
N LEU F 26 -28.44 -5.52 -9.16
CA LEU F 26 -29.37 -5.12 -8.14
C LEU F 26 -30.22 -4.00 -8.73
N LYS F 27 -30.58 -4.21 -9.99
CA LYS F 27 -31.54 -3.40 -10.68
C LYS F 27 -32.88 -4.08 -10.35
N ARG F 28 -32.79 -5.21 -9.64
CA ARG F 28 -33.98 -5.86 -9.13
C ARG F 28 -34.54 -5.05 -7.97
N VAL F 29 -33.64 -4.52 -7.13
CA VAL F 29 -33.97 -3.65 -5.98
C VAL F 29 -34.67 -2.43 -6.53
N VAL F 30 -34.21 -2.00 -7.69
CA VAL F 30 -34.76 -0.86 -8.38
C VAL F 30 -36.03 -1.27 -9.08
N ARG F 31 -36.18 -2.55 -9.38
CA ARG F 31 -37.42 -2.99 -10.01
C ARG F 31 -38.55 -3.05 -8.99
N LYS F 32 -38.26 -3.53 -7.78
CA LYS F 32 -39.30 -3.56 -6.78
C LYS F 32 -39.60 -2.19 -6.21
N MSE F 33 -38.68 -1.24 -6.33
CA MSE F 33 -39.00 0.07 -5.83
C MSE F 33 -40.06 0.66 -6.74
O MSE F 33 -41.10 1.11 -6.29
CB MSE F 33 -37.74 0.91 -5.76
CG MSE F 33 -36.94 0.56 -4.52
SE MSE F 33 -35.26 1.45 -4.57
CE MSE F 33 -35.94 3.18 -4.77
N PHE F 34 -39.83 0.55 -8.03
CA PHE F 34 -40.86 0.85 -9.03
C PHE F 34 -42.14 0.03 -8.86
N ASP F 35 -42.01 -1.28 -8.60
CA ASP F 35 -43.19 -2.12 -8.41
C ASP F 35 -44.05 -1.61 -7.28
N ILE F 36 -43.48 -1.50 -6.08
CA ILE F 36 -44.15 -0.93 -4.90
C ILE F 36 -44.77 0.43 -5.27
N MSE F 37 -43.91 1.31 -5.77
CA MSE F 37 -44.36 2.62 -6.17
C MSE F 37 -45.59 2.53 -7.16
O MSE F 37 -46.62 3.13 -6.86
CB MSE F 37 -43.20 3.49 -6.67
CG MSE F 37 -43.46 4.94 -6.75
SE MSE F 37 -42.29 5.81 -8.01
CE MSE F 37 -42.98 4.97 -9.63
N TYR F 38 -45.54 1.77 -8.26
CA TYR F 38 -46.71 1.70 -9.16
C TYR F 38 -47.95 1.18 -8.45
N GLU F 39 -47.77 0.19 -7.59
CA GLU F 39 -48.88 -0.43 -6.86
C GLU F 39 -49.55 0.46 -5.79
N SER F 40 -48.86 1.51 -5.33
CA SER F 40 -49.40 2.36 -4.25
C SER F 40 -49.74 3.77 -4.73
N LYS F 41 -49.82 3.91 -6.05
CA LYS F 41 -50.22 5.17 -6.68
C LYS F 41 -49.39 6.39 -6.21
N GLY F 42 -48.07 6.27 -6.31
CA GLY F 42 -47.19 7.38 -5.97
C GLY F 42 -46.26 7.67 -7.12
N ILE F 43 -45.71 8.87 -7.12
CA ILE F 43 -44.79 9.30 -8.17
C ILE F 43 -43.27 9.28 -7.85
N GLY F 44 -42.89 9.00 -6.60
CA GLY F 44 -41.48 8.97 -6.27
C GLY F 44 -41.30 7.90 -5.24
N LEU F 45 -40.08 7.45 -5.05
CA LEU F 45 -39.80 6.52 -3.99
C LEU F 45 -38.28 6.46 -3.79
N SER F 46 -37.85 6.04 -2.61
CA SER F 46 -36.43 5.93 -2.26
C SER F 46 -36.23 4.62 -1.50
N ALA F 47 -35.01 4.11 -1.49
CA ALA F 47 -34.72 2.84 -0.88
C ALA F 47 -35.07 2.66 0.61
N PRO F 48 -34.82 3.65 1.48
CA PRO F 48 -35.25 3.48 2.87
C PRO F 48 -36.74 3.23 2.97
N GLN F 49 -37.54 3.84 2.09
CA GLN F 49 -38.99 3.60 2.10
C GLN F 49 -39.39 2.16 1.85
N VAL F 50 -38.44 1.34 1.39
CA VAL F 50 -38.71 -0.10 1.24
C VAL F 50 -37.78 -0.90 2.13
N ASN F 51 -37.34 -0.26 3.22
CA ASN F 51 -36.50 -0.88 4.25
C ASN F 51 -35.10 -1.28 3.76
N ILE F 52 -34.48 -0.44 2.94
CA ILE F 52 -33.12 -0.66 2.47
C ILE F 52 -32.37 0.65 2.64
N SER F 53 -31.40 0.71 3.54
CA SER F 53 -30.76 1.99 3.81
C SER F 53 -29.68 2.35 2.81
N LYS F 54 -30.06 2.59 1.55
CA LYS F 54 -29.10 2.90 0.48
C LYS F 54 -29.48 4.13 -0.31
N ARG F 55 -28.50 4.86 -0.82
CA ARG F 55 -28.72 6.10 -1.54
C ARG F 55 -29.31 5.97 -2.94
N ILE F 56 -30.50 5.40 -3.03
CA ILE F 56 -31.16 5.12 -4.30
C ILE F 56 -32.50 5.83 -4.35
N ILE F 57 -32.80 6.44 -5.48
CA ILE F 57 -33.98 7.28 -5.65
C ILE F 57 -34.54 7.05 -7.04
N VAL F 58 -35.83 6.82 -7.13
CA VAL F 58 -36.40 6.64 -8.46
C VAL F 58 -37.67 7.46 -8.62
N TRP F 59 -38.10 7.66 -9.85
CA TRP F 59 -39.44 8.20 -10.08
C TRP F 59 -40.01 8.05 -11.47
N ASN F 60 -41.22 8.57 -11.62
CA ASN F 60 -41.97 8.60 -12.85
C ASN F 60 -43.03 9.64 -12.62
N ALA F 61 -42.92 10.75 -13.34
CA ALA F 61 -43.89 11.83 -13.24
C ALA F 61 -45.21 11.45 -13.90
N LEU F 62 -45.20 10.37 -14.69
CA LEU F 62 -46.43 9.88 -15.30
C LEU F 62 -46.65 8.44 -14.81
N TYR F 63 -47.00 8.30 -13.54
CA TYR F 63 -47.19 7.01 -12.89
C TYR F 63 -48.59 6.47 -13.05
N GLU F 64 -49.42 7.19 -13.79
CA GLU F 64 -50.81 6.77 -14.02
C GLU F 64 -50.89 5.98 -15.32
N LYS F 65 -49.73 5.85 -15.96
CA LYS F 65 -49.54 5.08 -17.18
C LYS F 65 -48.07 4.68 -17.12
N ARG F 66 -47.82 3.55 -16.45
CA ARG F 66 -46.48 3.10 -16.20
C ARG F 66 -45.71 2.92 -17.47
N LYS F 67 -44.89 3.89 -17.83
CA LYS F 67 -44.09 3.73 -19.02
C LYS F 67 -42.62 3.71 -18.65
N GLU F 68 -41.94 2.62 -19.01
CA GLU F 68 -40.52 2.48 -18.69
C GLU F 68 -39.69 3.65 -19.15
N GLU F 69 -39.76 4.02 -20.42
CA GLU F 69 -38.88 5.07 -20.92
C GLU F 69 -39.07 6.43 -20.21
N ASN F 70 -40.13 6.51 -19.41
CA ASN F 70 -40.36 7.65 -18.54
C ASN F 70 -39.73 7.52 -17.12
N GLU F 71 -39.27 6.32 -16.78
CA GLU F 71 -38.78 6.02 -15.44
C GLU F 71 -37.42 6.60 -15.15
N ARG F 72 -37.24 7.16 -13.96
CA ARG F 72 -35.91 7.63 -13.62
C ARG F 72 -35.22 7.25 -12.37
N ILE F 73 -34.06 6.63 -12.56
CA ILE F 73 -33.20 6.09 -11.52
C ILE F 73 -32.05 7.03 -11.24
N PHE F 74 -31.78 7.31 -9.98
CA PHE F 74 -30.64 8.14 -9.62
C PHE F 74 -30.03 7.47 -8.42
N ILE F 75 -28.78 7.02 -8.57
CA ILE F 75 -28.02 6.40 -7.50
C ILE F 75 -26.86 7.29 -7.12
N ASN F 76 -26.60 7.33 -5.80
CA ASN F 76 -25.65 8.21 -5.13
C ASN F 76 -25.78 9.62 -5.64
N PRO F 77 -26.92 10.24 -5.42
CA PRO F 77 -27.09 11.65 -5.83
C PRO F 77 -26.44 12.64 -4.93
N SER F 78 -26.27 13.85 -5.44
CA SER F 78 -25.73 15.01 -4.72
C SER F 78 -26.37 16.25 -5.32
N ILE F 79 -26.83 17.19 -4.49
CA ILE F 79 -27.30 18.44 -5.00
C ILE F 79 -26.08 19.33 -5.12
N VAL F 80 -25.69 19.69 -6.34
CA VAL F 80 -24.47 20.47 -6.46
C VAL F 80 -24.73 21.94 -6.32
N GLU F 81 -25.96 22.35 -6.62
CA GLU F 81 -26.42 23.74 -6.50
C GLU F 81 -27.93 23.79 -6.58
N GLN F 82 -28.53 24.67 -5.79
CA GLN F 82 -29.96 24.90 -5.85
C GLN F 82 -30.16 26.34 -6.26
N SER F 83 -31.37 26.72 -6.60
CA SER F 83 -31.61 28.06 -7.09
C SER F 83 -31.96 29.01 -5.98
N LEU F 84 -31.98 30.30 -6.27
CA LEU F 84 -32.29 31.32 -5.27
C LEU F 84 -33.78 31.40 -5.02
N VAL F 85 -34.52 31.53 -6.14
CA VAL F 85 -36.00 31.54 -6.21
C VAL F 85 -36.64 30.25 -5.65
N LYS F 86 -37.74 30.38 -4.92
CA LYS F 86 -38.37 29.20 -4.30
C LYS F 86 -39.87 29.00 -4.59
N LEU F 87 -40.42 27.95 -4.00
CA LEU F 87 -41.73 27.48 -4.38
C LEU F 87 -42.45 26.65 -3.32
N LYS F 88 -43.68 27.05 -3.01
CA LYS F 88 -44.53 26.27 -2.13
C LYS F 88 -45.46 25.38 -2.98
N LEU F 89 -45.24 24.07 -2.92
CA LEU F 89 -46.03 23.12 -3.66
C LEU F 89 -46.51 22.03 -2.71
N ILE F 90 -47.67 21.44 -3.01
CA ILE F 90 -48.20 20.31 -2.24
C ILE F 90 -47.38 19.05 -2.47
N GLU F 91 -47.31 18.20 -1.45
CA GLU F 91 -46.46 17.01 -1.42
C GLU F 91 -47.15 15.98 -0.58
N GLY F 92 -47.00 14.72 -0.93
CA GLY F 92 -47.53 13.63 -0.16
C GLY F 92 -46.40 12.63 -0.08
N CYS F 93 -46.64 11.42 0.39
CA CYS F 93 -45.53 10.49 0.54
C CYS F 93 -46.05 9.08 0.79
N LEU F 94 -45.46 8.07 0.16
CA LEU F 94 -45.96 6.72 0.34
C LEU F 94 -45.85 6.32 1.78
N SER F 95 -44.90 6.92 2.48
CA SER F 95 -44.72 6.71 3.92
C SER F 95 -45.75 7.45 4.81
N PHE F 96 -46.66 8.23 4.22
CA PHE F 96 -47.64 9.01 4.95
C PHE F 96 -48.94 9.25 4.14
N GLY F 97 -50.13 8.74 4.52
CA GLY F 97 -51.40 9.11 3.86
C GLY F 97 -51.89 10.57 4.01
N ILE F 98 -50.95 11.47 4.30
CA ILE F 98 -51.14 12.88 4.68
C ILE F 98 -50.75 13.74 3.49
N GLU F 99 -51.03 15.03 3.50
CA GLU F 99 -50.71 15.89 2.35
C GLU F 99 -50.46 17.34 2.75
N GLY F 100 -49.55 18.05 2.07
CA GLY F 100 -49.41 19.49 2.31
C GLY F 100 -48.29 20.20 1.61
N LYS F 101 -48.20 21.51 1.83
CA LYS F 101 -47.21 22.31 1.15
C LYS F 101 -45.90 22.31 1.88
N VAL F 102 -44.84 22.65 1.15
CA VAL F 102 -43.47 22.62 1.58
C VAL F 102 -42.79 23.59 0.64
N GLU F 103 -41.83 24.39 1.15
CA GLU F 103 -41.11 25.35 0.32
C GLU F 103 -39.75 24.76 -0.02
N ARG F 104 -39.38 24.77 -1.30
CA ARG F 104 -38.12 24.19 -1.77
C ARG F 104 -37.71 25.00 -2.97
N PRO F 105 -36.40 25.08 -3.29
CA PRO F 105 -35.96 25.88 -4.45
C PRO F 105 -36.45 25.24 -5.75
N SER F 106 -36.79 26.11 -6.68
CA SER F 106 -37.42 25.74 -7.92
C SER F 106 -36.58 24.82 -8.78
N ILE F 107 -35.31 25.17 -8.96
CA ILE F 107 -34.39 24.46 -9.85
C ILE F 107 -33.18 23.94 -9.10
N VAL F 108 -32.76 22.71 -9.38
CA VAL F 108 -31.55 22.17 -8.80
C VAL F 108 -30.54 21.68 -9.82
N SER F 109 -29.26 21.87 -9.48
CA SER F 109 -28.13 21.36 -10.24
C SER F 109 -27.68 20.12 -9.50
N ILE F 110 -27.51 19.01 -10.21
CA ILE F 110 -27.46 17.67 -9.62
C ILE F 110 -26.25 16.90 -10.11
N SER F 111 -25.88 15.84 -9.42
CA SER F 111 -24.87 14.89 -9.87
C SER F 111 -25.18 13.54 -9.25
N TYR F 112 -25.09 12.47 -10.04
CA TYR F 112 -25.54 11.17 -9.60
C TYR F 112 -24.94 10.15 -10.50
N TYR F 113 -25.20 8.87 -10.22
CA TYR F 113 -24.72 7.77 -11.05
C TYR F 113 -25.90 6.92 -11.60
N ASP F 114 -25.73 6.33 -12.79
CA ASP F 114 -26.79 5.48 -13.35
C ASP F 114 -26.68 4.05 -12.86
N ILE F 115 -27.67 3.23 -13.19
CA ILE F 115 -27.78 1.85 -12.73
C ILE F 115 -26.55 0.98 -12.94
N ASN F 116 -25.62 1.41 -13.79
CA ASN F 116 -24.34 0.70 -14.03
C ASN F 116 -23.14 1.46 -13.47
N GLY F 117 -23.38 2.60 -12.84
CA GLY F 117 -22.30 3.33 -12.18
C GLY F 117 -21.71 4.50 -12.93
N TYR F 118 -22.31 4.91 -14.03
CA TYR F 118 -21.76 6.02 -14.78
C TYR F 118 -22.26 7.32 -14.21
N LYS F 119 -21.32 8.26 -13.98
CA LYS F 119 -21.59 9.56 -13.40
C LYS F 119 -22.13 10.49 -14.45
N HIS F 120 -23.22 11.21 -14.15
CA HIS F 120 -23.77 12.20 -15.10
C HIS F 120 -23.99 13.48 -14.34
N LEU F 121 -24.16 14.58 -15.07
CA LEU F 121 -24.43 15.89 -14.49
C LEU F 121 -25.74 16.38 -15.12
N LYS F 122 -26.68 16.84 -14.29
CA LYS F 122 -27.96 17.33 -14.83
C LYS F 122 -28.61 18.46 -14.06
N ILE F 123 -29.37 19.31 -14.74
CA ILE F 123 -30.18 20.36 -14.11
C ILE F 123 -31.63 19.89 -14.08
N LEU F 124 -32.20 19.70 -12.91
CA LEU F 124 -33.60 19.33 -12.85
C LEU F 124 -34.43 20.57 -12.55
N LYS F 125 -35.52 20.74 -13.28
CA LYS F 125 -36.41 21.83 -12.94
C LYS F 125 -37.84 21.42 -13.13
N GLY F 126 -38.73 21.95 -12.31
CA GLY F 126 -40.15 21.66 -12.48
C GLY F 126 -40.63 20.56 -11.57
N ILE F 127 -41.32 19.61 -12.16
CA ILE F 127 -41.85 18.46 -11.45
C ILE F 127 -40.73 17.55 -10.94
N HIS F 128 -39.60 17.50 -11.64
CA HIS F 128 -38.53 16.57 -11.29
C HIS F 128 -37.63 17.17 -10.24
N SER F 129 -37.54 18.47 -10.21
CA SER F 129 -36.79 19.15 -9.18
C SER F 129 -37.54 19.07 -7.85
N ARG F 130 -38.85 18.97 -7.90
CA ARG F 130 -39.60 18.82 -6.68
C ARG F 130 -39.44 17.46 -6.06
N ILE F 131 -39.69 16.42 -6.86
CA ILE F 131 -39.63 15.03 -6.42
C ILE F 131 -38.26 14.70 -5.93
N PHE F 132 -37.24 15.03 -6.73
CA PHE F 132 -35.84 14.75 -6.38
C PHE F 132 -35.60 15.27 -5.00
N GLN F 133 -35.83 16.56 -4.83
CA GLN F 133 -35.61 17.20 -3.56
C GLN F 133 -36.31 16.50 -2.42
N HIS F 134 -37.57 16.11 -2.64
CA HIS F 134 -38.30 15.28 -1.67
C HIS F 134 -37.50 14.05 -1.43
N GLU F 135 -37.37 13.24 -2.46
CA GLU F 135 -36.73 11.93 -2.37
C GLU F 135 -35.28 11.99 -1.85
N PHE F 136 -34.49 12.94 -2.33
CA PHE F 136 -33.15 13.15 -1.77
C PHE F 136 -33.23 13.23 -0.24
N ASP F 137 -34.12 14.08 0.30
CA ASP F 137 -34.27 14.22 1.76
C ASP F 137 -34.42 12.85 2.44
N HIS F 138 -35.18 11.94 1.83
CA HIS F 138 -35.32 10.60 2.39
C HIS F 138 -34.00 9.94 2.66
N LEU F 139 -33.00 10.16 1.81
CA LEU F 139 -31.69 9.52 1.99
C LEU F 139 -30.89 10.18 3.09
N ASN F 140 -31.41 11.28 3.62
CA ASN F 140 -30.69 11.99 4.67
C ASN F 140 -31.39 11.87 6.00
N GLY F 141 -32.51 11.18 6.00
CA GLY F 141 -33.27 11.02 7.22
C GLY F 141 -34.11 12.25 7.49
N THR F 142 -34.38 13.02 6.46
CA THR F 142 -35.25 14.17 6.55
C THR F 142 -36.53 13.74 5.86
N LEU F 143 -37.67 14.01 6.51
CA LEU F 143 -38.99 13.62 6.08
C LEU F 143 -39.75 14.90 5.76
N PHE F 144 -40.78 14.84 4.93
CA PHE F 144 -41.37 16.10 4.46
C PHE F 144 -42.12 16.93 5.48
N ILE F 145 -42.49 16.31 6.59
CA ILE F 145 -43.17 17.04 7.63
C ILE F 145 -42.23 18.00 8.35
N ASP F 146 -40.93 17.67 8.40
CA ASP F 146 -39.93 18.57 8.97
C ASP F 146 -39.91 19.94 8.28
N LYS F 147 -40.25 19.98 6.99
CA LYS F 147 -40.16 21.21 6.22
C LYS F 147 -41.53 21.79 5.96
N MSE F 148 -42.54 21.19 6.56
CA MSE F 148 -43.90 21.64 6.32
C MSE F 148 -44.21 22.97 6.97
O MSE F 148 -43.55 23.38 7.93
CB MSE F 148 -44.87 20.61 6.87
CG MSE F 148 -46.01 20.29 5.96
SE MSE F 148 -47.06 18.94 6.78
CE MSE F 148 -48.01 18.39 5.31
N THR F 149 -45.24 23.63 6.46
CA THR F 149 -45.67 24.90 6.99
C THR F 149 -46.29 24.70 8.36
N GLN F 150 -45.97 25.60 9.28
CA GLN F 150 -46.51 25.62 10.64
C GLN F 150 -48.02 25.48 10.63
N VAL F 151 -48.64 25.98 9.58
CA VAL F 151 -50.07 25.82 9.38
C VAL F 151 -50.39 24.34 9.11
N ASP F 152 -49.70 23.73 8.17
CA ASP F 152 -50.07 22.37 7.81
C ASP F 152 -49.69 21.30 8.83
N LYS F 153 -48.48 21.39 9.39
CA LYS F 153 -48.02 20.49 10.47
C LYS F 153 -49.12 20.35 11.55
N LYS F 154 -49.71 21.48 11.92
CA LYS F 154 -50.80 21.55 12.86
C LYS F 154 -52.02 20.81 12.35
N LYS F 155 -52.47 21.21 11.15
CA LYS F 155 -53.66 20.68 10.50
C LYS F 155 -53.46 19.19 10.21
N VAL F 156 -52.26 18.71 10.44
CA VAL F 156 -52.00 17.32 10.15
C VAL F 156 -51.57 16.53 11.39
N ARG F 157 -51.83 17.12 12.57
CA ARG F 157 -51.57 16.44 13.84
C ARG F 157 -52.23 15.07 14.02
N PRO F 158 -53.56 14.95 13.89
CA PRO F 158 -54.25 13.67 14.15
C PRO F 158 -53.71 12.49 13.36
N LYS F 159 -53.53 12.67 12.05
CA LYS F 159 -53.07 11.60 11.19
C LYS F 159 -51.68 11.08 11.54
N LEU F 160 -50.80 12.00 11.90
CA LEU F 160 -49.46 11.68 12.31
C LEU F 160 -49.55 10.85 13.58
N ASN F 161 -50.40 11.27 14.52
CA ASN F 161 -50.56 10.53 15.78
C ASN F 161 -51.23 9.20 15.56
N GLU F 162 -52.06 9.12 14.52
CA GLU F 162 -52.71 7.87 14.13
C GLU F 162 -51.65 6.90 13.61
N LEU F 163 -50.65 7.42 12.92
CA LEU F 163 -49.62 6.57 12.34
C LEU F 163 -48.70 6.01 13.42
N ILE F 164 -48.35 6.86 14.38
CA ILE F 164 -47.59 6.43 15.56
C ILE F 164 -48.40 5.36 16.27
N ARG F 165 -49.72 5.56 16.34
CA ARG F 165 -50.63 4.58 16.91
C ARG F 165 -50.54 3.28 16.14
N ASP F 166 -50.81 3.33 14.85
CA ASP F 166 -50.79 2.16 13.98
C ASP F 166 -49.48 1.41 14.01
N TYR F 167 -48.36 2.13 13.99
CA TYR F 167 -47.06 1.48 14.03
C TYR F 167 -46.85 0.73 15.33
N LYS F 168 -47.33 1.29 16.43
CA LYS F 168 -47.11 0.67 17.75
C LYS F 168 -47.71 -0.70 18.00
N ALA F 169 -48.20 -1.36 16.95
CA ALA F 169 -48.63 -2.75 17.00
C ALA F 169 -47.41 -3.61 17.32
N THR F 170 -46.25 -3.18 16.82
CA THR F 170 -44.96 -3.77 17.18
C THR F 170 -44.82 -3.66 18.70
N HIS F 171 -44.52 -4.79 19.36
CA HIS F 171 -44.39 -4.88 20.83
C HIS F 171 -45.69 -4.63 21.58
N SER F 172 -46.79 -4.49 20.84
CA SER F 172 -48.12 -4.39 21.41
C SER F 172 -48.89 -5.53 20.78
N GLU F 173 -48.30 -6.71 20.86
CA GLU F 173 -48.89 -7.91 20.30
C GLU F 173 -49.83 -8.55 21.31
N ASP G 1 30.62 75.33 -32.60
CA ASP G 1 29.94 75.45 -33.92
C ASP G 1 30.82 76.29 -34.84
N GLU G 2 32.13 76.09 -34.75
CA GLU G 2 33.05 76.95 -35.49
C GLU G 2 33.41 76.50 -36.90
N ILE G 3 33.62 77.49 -37.78
CA ILE G 3 34.17 77.28 -39.13
C ILE G 3 35.69 77.37 -38.97
N LYS G 4 36.18 76.61 -38.01
CA LYS G 4 37.56 76.62 -37.67
C LYS G 4 38.03 75.20 -37.59
N ILE G 5 38.84 74.77 -38.54
CA ILE G 5 39.52 73.52 -38.36
C ILE G 5 40.71 73.94 -37.50
N VAL G 6 41.17 73.11 -36.60
CA VAL G 6 42.32 73.52 -35.81
C VAL G 6 43.57 72.80 -36.33
N LYS G 7 44.75 73.26 -35.96
CA LYS G 7 46.00 72.70 -36.49
C LYS G 7 46.84 72.05 -35.42
N TYR G 8 47.88 71.34 -35.82
CA TYR G 8 48.72 70.52 -34.93
C TYR G 8 49.12 71.01 -33.55
N PRO G 9 49.84 72.13 -33.42
CA PRO G 9 50.35 72.47 -32.10
C PRO G 9 49.40 73.28 -31.25
N ASP G 10 48.12 73.31 -31.56
CA ASP G 10 47.15 73.98 -30.72
C ASP G 10 46.97 73.06 -29.53
N PRO G 11 47.04 73.59 -28.33
CA PRO G 11 46.92 72.74 -27.14
C PRO G 11 45.52 72.24 -26.85
N ILE G 12 44.48 72.68 -27.58
CA ILE G 12 43.16 72.10 -27.35
C ILE G 12 43.18 70.64 -27.80
N LEU G 13 43.90 70.40 -28.88
CA LEU G 13 43.96 69.12 -29.54
C LEU G 13 44.55 68.07 -28.65
N ARG G 14 45.22 68.51 -27.59
CA ARG G 14 45.88 67.59 -26.69
C ARG G 14 45.10 67.40 -25.41
N ARG G 15 43.98 68.11 -25.27
CA ARG G 15 43.17 68.05 -24.06
C ARG G 15 42.24 66.87 -24.07
N ARG G 16 41.54 66.68 -22.96
CA ARG G 16 40.60 65.58 -22.82
C ARG G 16 39.19 66.14 -23.02
N SER G 17 38.52 65.63 -24.04
CA SER G 17 37.15 66.03 -24.35
C SER G 17 36.26 65.54 -23.26
N GLU G 18 35.20 66.29 -23.01
CA GLU G 18 34.32 65.96 -21.89
C GLU G 18 33.06 65.29 -22.36
N VAL G 19 32.50 64.44 -21.51
CA VAL G 19 31.28 63.71 -21.83
C VAL G 19 30.13 64.68 -22.12
N THR G 20 29.37 64.36 -23.16
CA THR G 20 28.22 65.16 -23.55
C THR G 20 27.07 64.80 -22.65
N ASN G 21 26.31 65.78 -22.14
CA ASN G 21 25.20 65.52 -21.22
C ASN G 21 23.83 65.68 -21.83
N PHE G 22 23.54 66.87 -22.32
CA PHE G 22 22.21 67.15 -22.83
C PHE G 22 22.18 66.72 -24.29
N ASP G 23 21.41 65.69 -24.56
CA ASP G 23 21.28 65.09 -25.88
C ASP G 23 20.03 65.63 -26.52
N ASP G 24 20.03 66.91 -26.87
CA ASP G 24 18.95 67.47 -27.67
C ASP G 24 19.25 68.85 -28.18
N ASN G 25 18.89 69.05 -29.44
CA ASN G 25 19.00 70.31 -30.15
C ASN G 25 20.31 71.06 -30.04
N LEU G 26 21.32 70.40 -30.57
CA LEU G 26 22.69 70.88 -30.72
C LEU G 26 23.23 69.87 -31.71
N LYS G 27 22.31 69.19 -32.41
CA LYS G 27 22.61 68.39 -33.58
C LYS G 27 23.12 69.35 -34.65
N ARG G 28 22.99 70.64 -34.36
CA ARG G 28 23.51 71.74 -35.16
C ARG G 28 25.01 71.79 -35.03
N VAL G 29 25.51 71.32 -33.89
CA VAL G 29 26.96 71.20 -33.63
C VAL G 29 27.45 70.09 -34.51
N VAL G 30 26.67 69.01 -34.53
CA VAL G 30 26.92 67.84 -35.35
C VAL G 30 26.83 68.24 -36.81
N ARG G 31 26.08 69.30 -37.10
CA ARG G 31 26.03 69.77 -38.48
C ARG G 31 27.25 70.60 -38.81
N LYS G 32 27.63 71.50 -37.91
CA LYS G 32 28.81 72.32 -38.12
C LYS G 32 30.00 71.47 -38.43
N MSE G 33 30.26 70.47 -37.60
CA MSE G 33 31.34 69.52 -37.84
C MSE G 33 31.30 68.94 -39.24
O MSE G 33 32.25 69.09 -39.99
CB MSE G 33 31.29 68.41 -36.79
CG MSE G 33 31.65 68.90 -35.41
SE MSE G 33 31.36 67.54 -34.11
CE MSE G 33 32.37 66.14 -34.82
N PHE G 34 30.18 68.34 -39.61
CA PHE G 34 29.98 67.77 -40.95
C PHE G 34 30.23 68.78 -42.07
N ASP G 35 29.66 69.98 -41.93
CA ASP G 35 29.90 71.06 -42.86
C ASP G 35 31.39 71.29 -43.00
N ILE G 36 32.07 71.58 -41.89
CA ILE G 36 33.53 71.79 -41.83
C ILE G 36 34.26 70.63 -42.50
N MSE G 37 33.86 69.44 -42.13
CA MSE G 37 34.44 68.23 -42.69
C MSE G 37 34.21 68.14 -44.19
O MSE G 37 35.15 67.89 -44.94
CB MSE G 37 33.82 67.02 -42.02
CG MSE G 37 34.58 65.76 -42.17
SE MSE G 37 33.39 64.35 -41.77
CE MSE G 37 32.49 64.18 -43.47
N TYR G 38 32.97 68.38 -44.63
CA TYR G 38 32.65 68.28 -46.06
C TYR G 38 33.41 69.28 -46.89
N GLU G 39 33.65 70.46 -46.35
CA GLU G 39 34.33 71.47 -47.12
C GLU G 39 35.84 71.35 -47.08
N SER G 40 36.36 70.61 -46.09
CA SER G 40 37.80 70.42 -45.99
C SER G 40 38.18 69.09 -46.60
N LYS G 41 37.27 68.57 -47.42
CA LYS G 41 37.45 67.29 -48.13
C LYS G 41 38.02 66.19 -47.24
N GLY G 42 37.48 66.09 -46.02
CA GLY G 42 37.99 65.15 -45.05
C GLY G 42 37.04 64.01 -44.87
N ILE G 43 37.55 62.88 -44.35
CA ILE G 43 36.74 61.71 -44.14
C ILE G 43 36.11 61.65 -42.75
N GLY G 44 36.84 62.08 -41.72
CA GLY G 44 36.32 62.07 -40.37
C GLY G 44 36.54 63.39 -39.67
N LEU G 45 35.87 63.57 -38.55
CA LEU G 45 36.10 64.76 -37.74
C LEU G 45 35.71 64.49 -36.30
N SER G 46 36.48 65.03 -35.37
CA SER G 46 36.06 65.05 -33.98
C SER G 46 35.77 66.50 -33.57
N ALA G 47 34.94 66.66 -32.56
CA ALA G 47 34.66 68.01 -32.03
C ALA G 47 35.87 68.85 -31.57
N PRO G 48 36.87 68.31 -30.87
CA PRO G 48 38.10 69.07 -30.61
C PRO G 48 38.73 69.72 -31.84
N GLN G 49 38.49 69.17 -33.02
CA GLN G 49 39.09 69.69 -34.22
C GLN G 49 38.39 70.94 -34.70
N VAL G 50 37.24 71.23 -34.11
CA VAL G 50 36.57 72.51 -34.35
C VAL G 50 36.42 73.30 -33.06
N ASN G 51 37.35 73.09 -32.13
CA ASN G 51 37.40 73.80 -30.84
C ASN G 51 36.32 73.52 -29.82
N ILE G 52 35.82 72.29 -29.82
CA ILE G 52 34.78 71.89 -28.89
C ILE G 52 35.27 70.69 -28.10
N SER G 53 35.50 70.87 -26.81
CA SER G 53 36.02 69.79 -26.00
C SER G 53 34.88 68.86 -25.56
N LYS G 54 34.25 68.23 -26.55
CA LYS G 54 33.13 67.30 -26.33
C LYS G 54 33.42 65.97 -26.98
N ARG G 55 32.96 64.89 -26.37
CA ARG G 55 33.22 63.58 -26.87
C ARG G 55 32.30 63.20 -28.06
N ILE G 56 32.37 64.00 -29.12
CA ILE G 56 31.63 63.78 -30.34
C ILE G 56 32.61 63.42 -31.48
N ILE G 57 32.19 62.51 -32.36
CA ILE G 57 32.99 62.02 -33.49
C ILE G 57 32.02 61.86 -34.63
N VAL G 58 32.35 62.34 -35.81
CA VAL G 58 31.55 61.96 -36.97
C VAL G 58 32.43 61.53 -38.13
N TRP G 59 31.83 60.86 -39.12
CA TRP G 59 32.49 60.59 -40.39
C TRP G 59 31.58 60.18 -41.55
N ASN G 60 32.19 60.09 -42.72
CA ASN G 60 31.50 59.61 -43.91
C ASN G 60 32.52 59.05 -44.85
N ALA G 61 32.51 57.73 -44.99
CA ALA G 61 33.40 57.01 -45.89
C ALA G 61 33.23 57.46 -47.33
N LEU G 62 32.07 58.02 -47.65
CA LEU G 62 31.82 58.58 -48.96
C LEU G 62 31.52 60.07 -48.82
N TYR G 63 32.51 60.85 -48.42
CA TYR G 63 32.37 62.29 -48.33
C TYR G 63 32.54 62.94 -49.69
N GLU G 64 33.24 62.24 -50.60
CA GLU G 64 33.54 62.70 -51.96
C GLU G 64 32.27 62.94 -52.75
N LYS G 65 31.19 62.31 -52.28
CA LYS G 65 29.86 62.45 -52.84
C LYS G 65 28.96 62.36 -51.62
N ARG G 66 28.69 63.49 -50.98
CA ARG G 66 27.92 63.51 -49.72
C ARG G 66 26.49 63.04 -49.86
N LYS G 67 25.98 62.45 -48.78
CA LYS G 67 24.65 61.89 -48.72
C LYS G 67 24.36 61.68 -47.25
N GLU G 68 23.29 62.29 -46.76
CA GLU G 68 22.84 62.05 -45.40
C GLU G 68 22.57 60.56 -45.26
N GLU G 69 22.74 60.05 -44.05
CA GLU G 69 22.57 58.62 -43.73
C GLU G 69 23.66 57.70 -44.31
N ASN G 70 24.71 58.31 -44.83
CA ASN G 70 25.95 57.62 -45.13
C ASN G 70 26.93 58.19 -44.10
N GLU G 71 26.40 59.13 -43.33
CA GLU G 71 27.08 59.82 -42.26
C GLU G 71 27.03 58.95 -41.02
N ARG G 72 28.07 59.04 -40.18
CA ARG G 72 28.09 58.25 -38.94
C ARG G 72 28.48 59.05 -37.67
N ILE G 73 27.48 59.31 -36.84
CA ILE G 73 27.60 60.12 -35.61
C ILE G 73 27.71 59.29 -34.33
N PHE G 74 28.77 59.48 -33.56
CA PHE G 74 28.98 58.68 -32.35
C PHE G 74 29.23 59.56 -31.10
N ILE G 75 28.24 59.70 -30.23
CA ILE G 75 28.40 60.49 -28.99
C ILE G 75 28.87 59.63 -27.78
N ASN G 76 29.77 60.21 -26.97
CA ASN G 76 30.35 59.55 -25.78
C ASN G 76 30.79 58.12 -25.99
N PRO G 77 31.62 57.85 -26.99
CA PRO G 77 31.97 56.47 -27.30
C PRO G 77 33.04 55.92 -26.39
N SER G 78 33.13 54.59 -26.41
CA SER G 78 34.16 53.90 -25.70
C SER G 78 34.50 52.67 -26.55
N ILE G 79 35.71 52.13 -26.36
CA ILE G 79 36.13 50.94 -27.05
C ILE G 79 36.01 49.83 -26.06
N VAL G 80 34.98 49.00 -26.21
CA VAL G 80 34.76 47.93 -25.24
C VAL G 80 35.72 46.73 -25.40
N GLU G 81 35.98 46.30 -26.62
CA GLU G 81 36.99 45.29 -26.88
C GLU G 81 37.66 45.58 -28.20
N GLN G 82 38.81 44.96 -28.43
CA GLN G 82 39.55 45.17 -29.67
C GLN G 82 40.33 43.91 -30.01
N SER G 83 40.62 43.75 -31.31
CA SER G 83 41.25 42.54 -31.80
C SER G 83 42.73 42.39 -31.44
N LEU G 84 43.30 41.28 -31.85
CA LEU G 84 44.71 41.01 -31.62
C LEU G 84 45.50 41.33 -32.87
N VAL G 85 44.96 40.92 -34.01
CA VAL G 85 45.54 41.22 -35.31
C VAL G 85 45.52 42.71 -35.52
N LYS G 86 46.69 43.31 -35.69
CA LYS G 86 46.77 44.74 -35.97
C LYS G 86 47.12 45.00 -37.43
N LEU G 87 47.12 46.27 -37.83
CA LEU G 87 47.33 46.61 -39.22
C LEU G 87 47.97 47.99 -39.36
N LYS G 88 49.06 48.10 -40.12
CA LYS G 88 49.69 49.38 -40.41
C LYS G 88 49.13 49.94 -41.69
N LEU G 89 48.21 50.88 -41.60
CA LEU G 89 47.65 51.49 -42.80
C LEU G 89 48.05 52.94 -42.80
N ILE G 90 47.61 53.67 -43.80
CA ILE G 90 48.01 55.05 -43.90
C ILE G 90 46.88 55.86 -43.34
N GLU G 91 47.21 57.02 -42.77
CA GLU G 91 46.21 57.91 -42.22
C GLU G 91 46.69 59.28 -42.50
N GLY G 92 45.75 60.19 -42.62
CA GLY G 92 46.01 61.59 -42.69
C GLY G 92 45.12 62.13 -41.57
N CYS G 93 44.90 63.45 -41.57
CA CYS G 93 44.14 64.07 -40.51
C CYS G 93 44.02 65.54 -40.80
N LEU G 94 42.79 66.06 -40.75
CA LEU G 94 42.55 67.45 -41.05
C LEU G 94 43.34 68.51 -40.24
N SER G 95 44.00 68.08 -39.16
CA SER G 95 44.83 68.99 -38.38
C SER G 95 46.29 68.93 -38.85
N PHE G 96 46.54 68.20 -39.94
CA PHE G 96 47.89 68.01 -40.44
C PHE G 96 47.86 67.76 -41.94
N GLY G 97 48.43 68.64 -42.77
CA GLY G 97 48.61 68.34 -44.19
C GLY G 97 49.56 67.15 -44.47
N ILE G 98 49.95 66.47 -43.39
CA ILE G 98 50.89 65.36 -43.32
C ILE G 98 50.15 64.05 -43.56
N GLU G 99 50.90 62.96 -43.78
CA GLU G 99 50.34 61.65 -44.01
C GLU G 99 51.38 60.61 -43.75
N GLY G 100 51.02 59.49 -43.10
CA GLY G 100 51.95 58.40 -42.83
C GLY G 100 51.34 57.13 -42.26
N LYS G 101 52.19 56.23 -41.78
CA LYS G 101 51.73 54.91 -41.34
C LYS G 101 51.66 54.67 -39.84
N VAL G 102 50.52 54.11 -39.40
CA VAL G 102 50.18 53.90 -37.98
C VAL G 102 49.55 52.52 -37.78
N GLU G 103 50.09 51.74 -36.85
CA GLU G 103 49.60 50.40 -36.57
C GLU G 103 48.48 50.45 -35.55
N ARG G 104 47.31 49.95 -35.92
CA ARG G 104 46.19 49.88 -34.99
C ARG G 104 45.50 48.54 -35.18
N PRO G 105 44.82 48.04 -34.15
CA PRO G 105 43.97 46.84 -34.26
C PRO G 105 43.06 46.84 -35.47
N SER G 106 42.82 45.66 -36.04
CA SER G 106 41.99 45.56 -37.22
C SER G 106 40.51 45.78 -36.97
N ILE G 107 40.00 45.17 -35.90
CA ILE G 107 38.58 45.20 -35.54
C ILE G 107 38.37 45.77 -34.15
N VAL G 108 37.42 46.69 -33.99
CA VAL G 108 37.07 47.22 -32.68
C VAL G 108 35.64 46.90 -32.27
N SER G 109 35.46 46.59 -30.97
CA SER G 109 34.14 46.38 -30.37
C SER G 109 33.76 47.65 -29.62
N ILE G 110 32.62 48.24 -29.97
CA ILE G 110 32.31 49.62 -29.58
C ILE G 110 30.99 49.75 -28.82
N SER G 111 30.92 50.79 -27.98
CA SER G 111 29.66 51.19 -27.38
C SER G 111 29.67 52.67 -27.55
N TYR G 112 28.51 53.24 -27.81
CA TYR G 112 28.42 54.65 -28.02
C TYR G 112 27.00 55.11 -27.78
N TYR G 113 26.73 56.40 -28.00
CA TYR G 113 25.41 56.97 -27.79
C TYR G 113 24.97 57.70 -29.02
N ASP G 114 23.72 57.55 -29.43
CA ASP G 114 23.29 58.28 -30.63
C ASP G 114 23.00 59.76 -30.39
N ILE G 115 22.35 60.39 -31.34
CA ILE G 115 22.07 61.83 -31.29
C ILE G 115 20.98 62.21 -30.29
N ASN G 116 20.20 61.23 -29.82
CA ASN G 116 19.13 61.53 -28.87
C ASN G 116 19.34 60.93 -27.51
N GLY G 117 20.44 60.22 -27.30
CA GLY G 117 20.75 59.72 -25.97
C GLY G 117 20.74 58.21 -25.78
N TYR G 118 20.31 57.51 -26.83
CA TYR G 118 20.17 56.07 -26.79
C TYR G 118 21.49 55.35 -27.01
N LYS G 119 21.70 54.30 -26.23
CA LYS G 119 22.93 53.56 -26.34
C LYS G 119 22.83 52.59 -27.48
N HIS G 120 23.96 52.33 -28.15
CA HIS G 120 24.09 51.27 -29.12
C HIS G 120 25.38 50.53 -28.85
N LEU G 121 25.50 49.34 -29.44
CA LEU G 121 26.68 48.48 -29.37
C LEU G 121 26.95 48.10 -30.83
N LYS G 122 28.21 48.01 -31.22
CA LYS G 122 28.52 47.71 -32.62
C LYS G 122 29.90 47.19 -32.80
N ILE G 123 30.09 46.36 -33.81
CA ILE G 123 31.42 45.91 -34.23
C ILE G 123 31.77 46.65 -35.48
N LEU G 124 32.86 47.41 -35.46
CA LEU G 124 33.29 48.13 -36.65
C LEU G 124 34.50 47.45 -37.17
N LYS G 125 34.54 47.26 -38.48
CA LYS G 125 35.71 46.66 -39.09
C LYS G 125 35.83 47.23 -40.47
N GLY G 126 37.05 47.42 -40.95
CA GLY G 126 37.25 47.91 -42.29
C GLY G 126 37.88 49.28 -42.30
N ILE G 127 37.24 50.22 -42.99
CA ILE G 127 37.68 51.59 -43.02
C ILE G 127 37.02 52.32 -41.87
N HIS G 128 35.96 51.70 -41.32
CA HIS G 128 35.17 52.30 -40.27
C HIS G 128 35.86 52.16 -38.93
N SER G 129 36.47 51.00 -38.72
CA SER G 129 37.26 50.78 -37.52
C SER G 129 38.54 51.60 -37.59
N ARG G 130 38.99 51.94 -38.79
CA ARG G 130 40.20 52.73 -38.91
C ARG G 130 39.97 54.17 -38.47
N ILE G 131 38.84 54.72 -38.87
CA ILE G 131 38.60 56.12 -38.63
C ILE G 131 38.07 56.30 -37.22
N PHE G 132 37.38 55.30 -36.71
CA PHE G 132 36.88 55.40 -35.36
C PHE G 132 38.09 55.56 -34.49
N GLN G 133 38.98 54.58 -34.55
CA GLN G 133 40.19 54.60 -33.77
C GLN G 133 40.92 55.93 -33.87
N HIS G 134 40.90 56.54 -35.07
CA HIS G 134 41.55 57.84 -35.26
C HIS G 134 40.81 58.85 -34.45
N GLU G 135 39.57 59.11 -34.85
CA GLU G 135 38.77 60.14 -34.24
C GLU G 135 38.51 59.97 -32.73
N PHE G 136 38.48 58.75 -32.25
CA PHE G 136 38.35 58.48 -30.82
C PHE G 136 39.61 58.92 -30.07
N ASP G 137 40.76 58.80 -30.72
CA ASP G 137 42.02 59.20 -30.10
C ASP G 137 42.11 60.70 -29.93
N HIS G 138 41.35 61.44 -30.75
CA HIS G 138 41.38 62.89 -30.68
C HIS G 138 40.73 63.30 -29.37
N LEU G 139 39.73 62.53 -28.95
CA LEU G 139 38.94 62.85 -27.77
C LEU G 139 39.73 62.64 -26.50
N ASN G 140 40.94 62.14 -26.63
CA ASN G 140 41.76 61.81 -25.49
C ASN G 140 43.09 62.53 -25.52
N GLY G 141 43.29 63.37 -26.52
CA GLY G 141 44.54 64.10 -26.68
C GLY G 141 45.68 63.31 -27.29
N THR G 142 45.35 62.20 -27.95
CA THR G 142 46.35 61.43 -28.71
C THR G 142 46.25 61.83 -30.17
N LEU G 143 47.37 62.22 -30.76
CA LEU G 143 47.38 62.51 -32.18
C LEU G 143 48.04 61.35 -32.92
N PHE G 144 47.73 61.22 -34.20
CA PHE G 144 48.25 60.09 -34.98
C PHE G 144 49.76 60.02 -35.12
N ILE G 145 50.45 61.14 -34.86
CA ILE G 145 51.90 61.15 -34.91
C ILE G 145 52.50 60.57 -33.64
N ASP G 146 51.66 60.26 -32.64
CA ASP G 146 52.14 59.59 -31.46
C ASP G 146 52.17 58.12 -31.76
N LYS G 147 51.27 57.65 -32.62
CA LYS G 147 51.23 56.23 -32.92
C LYS G 147 52.04 55.86 -34.18
N MSE G 148 52.65 56.87 -34.79
CA MSE G 148 53.40 56.71 -36.04
C MSE G 148 54.74 55.98 -35.87
O MSE G 148 55.25 55.86 -34.75
CB MSE G 148 53.66 58.07 -36.66
CG MSE G 148 53.44 58.16 -38.15
SE MSE G 148 53.55 60.02 -38.59
CE MSE G 148 52.34 60.17 -39.97
N THR G 149 55.27 55.52 -36.98
CA THR G 149 56.50 54.75 -37.01
C THR G 149 57.72 55.65 -36.86
N GLN G 150 58.71 55.14 -36.13
CA GLN G 150 60.00 55.81 -35.89
C GLN G 150 60.61 56.36 -37.17
N VAL G 151 60.45 55.59 -38.25
CA VAL G 151 60.89 55.97 -39.57
C VAL G 151 60.06 57.13 -40.10
N ASP G 152 58.74 56.96 -40.06
CA ASP G 152 57.84 57.94 -40.65
C ASP G 152 57.80 59.26 -39.91
N LYS G 153 57.89 59.20 -38.58
CA LYS G 153 57.94 60.43 -37.77
C LYS G 153 59.14 61.25 -38.21
N LYS G 154 60.24 60.54 -38.50
CA LYS G 154 61.45 61.17 -39.04
C LYS G 154 61.24 61.64 -40.48
N LYS G 155 60.45 60.87 -41.24
CA LYS G 155 60.22 61.14 -42.66
C LYS G 155 59.27 62.32 -42.83
N VAL G 156 58.79 62.84 -41.72
CA VAL G 156 57.77 63.87 -41.77
C VAL G 156 58.08 65.04 -40.82
N ARG G 157 59.20 64.95 -40.11
CA ARG G 157 59.60 65.99 -39.16
C ARG G 157 59.64 67.44 -39.70
N PRO G 158 60.20 67.71 -40.89
CA PRO G 158 60.12 69.06 -41.48
C PRO G 158 58.71 69.66 -41.55
N LYS G 159 57.71 68.92 -41.99
CA LYS G 159 56.35 69.47 -42.09
C LYS G 159 55.64 69.55 -40.75
N LEU G 160 56.19 68.85 -39.76
CA LEU G 160 55.72 68.98 -38.40
C LEU G 160 56.24 70.33 -37.94
N ASN G 161 57.51 70.61 -38.27
CA ASN G 161 58.17 71.87 -37.92
C ASN G 161 57.57 73.09 -38.56
N GLU G 162 57.12 72.97 -39.80
CA GLU G 162 56.48 74.09 -40.50
C GLU G 162 55.19 74.46 -39.81
N LEU G 163 54.38 73.43 -39.54
CA LEU G 163 53.13 73.59 -38.83
C LEU G 163 53.35 74.25 -37.48
N ILE G 164 54.47 73.89 -36.83
CA ILE G 164 54.92 74.47 -35.55
C ILE G 164 55.25 75.95 -35.70
N ARG G 165 55.84 76.30 -36.84
CA ARG G 165 56.21 77.70 -37.11
C ARG G 165 55.01 78.58 -37.45
N ASP G 166 54.07 78.06 -38.23
CA ASP G 166 52.90 78.84 -38.61
C ASP G 166 52.07 79.16 -37.37
N TYR G 167 52.11 78.22 -36.43
CA TYR G 167 51.45 78.39 -35.16
C TYR G 167 52.16 79.49 -34.38
N LYS G 168 53.47 79.31 -34.17
CA LYS G 168 54.35 80.27 -33.50
C LYS G 168 54.02 81.70 -33.86
N ALA G 169 53.85 81.95 -35.15
CA ALA G 169 53.50 83.27 -35.64
C ALA G 169 52.02 83.61 -35.43
N THR G 170 51.45 83.27 -34.28
CA THR G 170 50.03 83.58 -33.96
C THR G 170 49.69 83.55 -32.46
N HIS G 171 49.19 84.69 -31.95
CA HIS G 171 48.69 84.89 -30.57
C HIS G 171 48.10 86.29 -30.45
N SER G 172 46.77 86.40 -30.51
CA SER G 172 46.07 87.68 -30.45
C SER G 172 46.54 88.71 -31.49
N GLU H 2 -14.69 49.63 -25.56
CA GLU H 2 -13.39 49.98 -26.18
C GLU H 2 -13.08 49.12 -27.40
N ILE H 3 -12.67 49.75 -28.50
CA ILE H 3 -12.24 49.03 -29.70
C ILE H 3 -10.75 48.71 -29.52
N LYS H 4 -10.46 48.18 -28.34
CA LYS H 4 -9.13 47.81 -27.97
C LYS H 4 -9.11 46.36 -27.60
N ILE H 5 -8.80 45.51 -28.56
CA ILE H 5 -8.52 44.14 -28.20
C ILE H 5 -7.14 44.30 -27.59
N VAL H 6 -6.81 43.55 -26.56
CA VAL H 6 -5.45 43.72 -26.07
C VAL H 6 -4.62 42.53 -26.50
N LYS H 7 -3.31 42.72 -26.68
CA LYS H 7 -2.44 41.63 -27.11
C LYS H 7 -1.78 40.93 -25.93
N TYR H 8 -1.16 39.77 -26.18
CA TYR H 8 -0.65 38.89 -25.13
C TYR H 8 -0.01 39.48 -23.86
N PRO H 9 1.15 40.11 -23.93
CA PRO H 9 1.88 40.38 -22.69
C PRO H 9 1.25 41.46 -21.78
N ASP H 10 0.19 42.09 -22.26
CA ASP H 10 -0.52 43.11 -21.50
C ASP H 10 -0.82 42.56 -20.12
N PRO H 11 -0.50 43.32 -19.08
CA PRO H 11 -0.67 42.84 -17.71
C PRO H 11 -2.14 42.76 -17.25
N ILE H 12 -3.08 43.38 -17.96
CA ILE H 12 -4.49 43.25 -17.57
C ILE H 12 -5.00 41.82 -17.70
N LEU H 13 -4.50 41.08 -18.70
CA LEU H 13 -4.90 39.73 -18.95
C LEU H 13 -4.53 38.78 -17.86
N ARG H 14 -3.79 39.27 -16.86
CA ARG H 14 -3.32 38.42 -15.77
C ARG H 14 -3.93 38.83 -14.44
N ARG H 15 -4.74 39.88 -14.46
CA ARG H 15 -5.39 40.34 -13.25
C ARG H 15 -6.66 39.58 -13.03
N ARG H 16 -7.18 39.66 -11.81
CA ARG H 16 -8.43 38.98 -11.47
C ARG H 16 -9.53 39.91 -11.91
N SER H 17 -10.46 39.41 -12.69
CA SER H 17 -11.55 40.23 -13.16
C SER H 17 -12.51 40.44 -12.00
N GLU H 18 -13.14 41.61 -11.93
CA GLU H 18 -13.98 41.93 -10.78
C GLU H 18 -15.48 41.88 -11.00
N VAL H 19 -16.16 41.35 -9.99
CA VAL H 19 -17.61 41.07 -9.98
C VAL H 19 -18.50 42.23 -10.43
N THR H 20 -19.42 41.98 -11.38
CA THR H 20 -20.32 43.02 -11.88
C THR H 20 -21.33 43.32 -10.79
N ASN H 21 -21.41 44.59 -10.42
CA ASN H 21 -22.30 45.01 -9.36
C ASN H 21 -23.60 45.54 -9.90
N PHE H 22 -23.50 46.63 -10.64
CA PHE H 22 -24.69 47.26 -11.18
C PHE H 22 -25.07 46.54 -12.46
N ASP H 23 -26.08 45.68 -12.33
CA ASP H 23 -26.49 44.74 -13.35
C ASP H 23 -27.51 45.30 -14.32
N ASP H 24 -27.34 46.54 -14.79
CA ASP H 24 -28.28 47.10 -15.76
C ASP H 24 -27.83 48.39 -16.49
N ASN H 25 -28.39 48.55 -17.69
CA ASN H 25 -28.25 49.74 -18.55
C ASN H 25 -26.87 50.21 -18.96
N LEU H 26 -26.01 49.27 -19.28
CA LEU H 26 -24.69 49.60 -19.79
C LEU H 26 -24.44 48.63 -20.91
N LYS H 27 -25.46 47.79 -21.18
CA LYS H 27 -25.49 46.75 -22.22
C LYS H 27 -24.61 46.99 -23.44
N ARG H 28 -24.39 48.26 -23.78
CA ARG H 28 -23.49 48.63 -24.86
C ARG H 28 -22.07 48.16 -24.57
N VAL H 29 -21.78 47.89 -23.30
CA VAL H 29 -20.51 47.29 -22.90
C VAL H 29 -20.50 45.88 -23.43
N VAL H 30 -21.62 45.20 -23.32
CA VAL H 30 -21.76 43.84 -23.86
C VAL H 30 -21.88 43.97 -25.37
N ARG H 31 -22.41 45.10 -25.84
CA ARG H 31 -22.49 45.35 -27.27
C ARG H 31 -21.13 45.71 -27.86
N LYS H 32 -20.34 46.53 -27.18
CA LYS H 32 -18.99 46.81 -27.66
C LYS H 32 -18.28 45.49 -27.85
N MSE H 33 -18.46 44.58 -26.90
CA MSE H 33 -17.84 43.27 -26.91
C MSE H 33 -18.27 42.38 -28.06
O MSE H 33 -17.44 41.75 -28.70
CB MSE H 33 -18.12 42.56 -25.59
CG MSE H 33 -17.38 43.18 -24.42
SE MSE H 33 -17.66 42.23 -22.76
CE MSE H 33 -17.09 40.53 -23.34
N PHE H 34 -19.56 42.31 -28.35
CA PHE H 34 -19.97 41.48 -29.45
C PHE H 34 -19.45 42.07 -30.73
N ASP H 35 -19.53 43.39 -30.85
CA ASP H 35 -19.01 44.11 -32.01
C ASP H 35 -17.53 43.93 -32.28
N ILE H 36 -16.68 43.94 -31.25
CA ILE H 36 -15.26 43.69 -31.51
C ILE H 36 -15.07 42.24 -31.89
N MSE H 37 -15.71 41.35 -31.14
CA MSE H 37 -15.60 39.91 -31.39
C MSE H 37 -16.16 39.53 -32.75
O MSE H 37 -15.67 38.61 -33.40
CB MSE H 37 -16.32 39.12 -30.29
CG MSE H 37 -16.08 37.65 -30.33
SE MSE H 37 -17.60 36.66 -29.69
CE MSE H 37 -18.78 36.79 -31.21
N TYR H 38 -17.21 40.23 -33.17
CA TYR H 38 -17.70 40.03 -34.51
C TYR H 38 -16.67 40.53 -35.52
N GLU H 39 -16.23 41.78 -35.38
CA GLU H 39 -15.26 42.36 -36.30
C GLU H 39 -13.89 41.68 -36.37
N SER H 40 -13.47 41.01 -35.30
CA SER H 40 -12.12 40.43 -35.26
C SER H 40 -12.04 39.00 -35.76
N LYS H 41 -13.20 38.47 -36.14
CA LYS H 41 -13.38 37.12 -36.69
C LYS H 41 -13.07 36.14 -35.59
N GLY H 42 -13.84 36.21 -34.50
CA GLY H 42 -13.58 35.37 -33.35
C GLY H 42 -14.79 34.66 -32.77
N ILE H 43 -14.59 33.56 -32.08
CA ILE H 43 -15.74 32.86 -31.57
C ILE H 43 -16.20 33.28 -30.17
N GLY H 44 -15.25 33.64 -29.30
CA GLY H 44 -15.58 34.04 -27.93
C GLY H 44 -14.92 35.36 -27.52
N LEU H 45 -15.38 35.92 -26.41
CA LEU H 45 -14.80 37.17 -25.90
C LEU H 45 -15.09 37.44 -24.41
N SER H 46 -14.04 37.88 -23.71
CA SER H 46 -14.17 38.26 -22.31
C SER H 46 -13.84 39.72 -22.22
N ALA H 47 -14.32 40.37 -21.17
CA ALA H 47 -14.06 41.80 -21.01
C ALA H 47 -12.60 42.23 -20.79
N PRO H 48 -11.77 41.47 -20.08
CA PRO H 48 -10.35 41.80 -20.03
C PRO H 48 -9.69 41.89 -21.42
N GLN H 49 -10.13 41.05 -22.34
CA GLN H 49 -9.65 41.12 -23.71
C GLN H 49 -10.03 42.46 -24.36
N VAL H 50 -11.12 43.09 -23.94
CA VAL H 50 -11.37 44.46 -24.39
C VAL H 50 -11.09 45.48 -23.30
N ASN H 51 -10.01 45.24 -22.54
CA ASN H 51 -9.49 46.13 -21.49
C ASN H 51 -10.52 46.64 -20.49
N ILE H 52 -11.25 45.73 -19.88
CA ILE H 52 -12.22 46.04 -18.83
C ILE H 52 -12.08 44.92 -17.82
N SER H 53 -11.71 45.22 -16.58
CA SER H 53 -11.55 44.14 -15.62
C SER H 53 -12.85 43.70 -14.99
N LYS H 54 -13.85 43.43 -15.81
CA LYS H 54 -15.18 43.02 -15.32
C LYS H 54 -15.45 41.58 -15.75
N ARG H 55 -15.98 40.77 -14.84
CA ARG H 55 -16.29 39.36 -15.10
C ARG H 55 -17.44 39.11 -16.10
N ILE H 56 -17.23 39.43 -17.38
CA ILE H 56 -18.25 39.26 -18.42
C ILE H 56 -17.72 38.37 -19.55
N ILE H 57 -18.59 37.53 -20.10
CA ILE H 57 -18.18 36.49 -21.05
C ILE H 57 -19.22 36.35 -22.18
N VAL H 58 -18.78 36.49 -23.43
CA VAL H 58 -19.74 36.42 -24.52
C VAL H 58 -19.27 35.50 -25.65
N TRP H 59 -20.20 34.82 -26.32
CA TRP H 59 -19.80 33.99 -27.47
C TRP H 59 -20.85 33.69 -28.52
N ASN H 60 -20.45 32.92 -29.53
CA ASN H 60 -21.33 32.58 -30.62
C ASN H 60 -20.73 31.51 -31.48
N ALA H 61 -21.23 30.29 -31.35
CA ALA H 61 -20.80 29.16 -32.17
C ALA H 61 -21.04 29.39 -33.66
N LEU H 62 -21.99 30.28 -33.96
CA LEU H 62 -22.28 30.68 -35.31
C LEU H 62 -22.02 32.17 -35.43
N TYR H 63 -20.75 32.55 -35.50
CA TYR H 63 -20.35 33.94 -35.62
C TYR H 63 -20.05 34.32 -37.06
N GLU H 64 -19.99 33.33 -37.95
CA GLU H 64 -19.79 33.57 -39.37
C GLU H 64 -21.15 33.82 -40.03
N LYS H 65 -22.19 33.76 -39.20
CA LYS H 65 -23.55 34.10 -39.54
C LYS H 65 -24.09 34.76 -38.30
N ARG H 66 -23.73 36.03 -38.08
CA ARG H 66 -24.13 36.72 -36.84
C ARG H 66 -25.62 36.90 -36.73
N LYS H 67 -26.14 36.54 -35.56
CA LYS H 67 -27.54 36.61 -35.28
C LYS H 67 -27.70 36.80 -33.79
N GLU H 68 -28.44 37.84 -33.43
CA GLU H 68 -28.85 38.05 -32.05
C GLU H 68 -29.58 36.79 -31.59
N GLU H 69 -29.56 36.55 -30.29
CA GLU H 69 -30.27 35.42 -29.68
C GLU H 69 -29.75 34.04 -30.16
N ASN H 70 -28.51 34.09 -30.62
CA ASN H 70 -27.69 32.93 -30.93
C ASN H 70 -26.40 33.32 -30.19
N GLU H 71 -26.51 34.50 -29.57
CA GLU H 71 -25.52 35.10 -28.71
C GLU H 71 -25.79 34.66 -27.28
N ARG H 72 -24.72 34.41 -26.54
CA ARG H 72 -24.79 33.95 -25.17
C ARG H 72 -23.98 34.91 -24.33
N ILE H 73 -24.55 35.28 -23.20
CA ILE H 73 -23.93 36.21 -22.30
C ILE H 73 -23.79 35.56 -20.92
N PHE H 74 -22.65 35.70 -20.26
CA PHE H 74 -22.50 35.08 -18.95
C PHE H 74 -21.86 36.04 -17.95
N ILE H 75 -22.68 36.77 -17.18
CA ILE H 75 -22.13 37.68 -16.19
C ILE H 75 -21.88 37.00 -14.84
N ASN H 76 -20.75 37.32 -14.21
CA ASN H 76 -20.33 36.75 -12.95
C ASN H 76 -20.42 35.24 -12.89
N PRO H 77 -19.83 34.52 -13.84
CA PRO H 77 -20.00 33.07 -13.88
C PRO H 77 -19.14 32.36 -12.88
N SER H 78 -19.42 31.06 -12.66
CA SER H 78 -18.72 30.22 -11.74
C SER H 78 -18.89 28.73 -12.13
N ILE H 79 -17.83 27.91 -12.08
CA ILE H 79 -17.93 26.50 -12.46
C ILE H 79 -18.24 25.60 -11.29
N VAL H 80 -19.50 25.24 -11.10
CA VAL H 80 -19.85 24.36 -9.99
C VAL H 80 -19.41 22.94 -10.10
N GLU H 81 -19.49 22.35 -11.29
CA GLU H 81 -18.97 20.98 -11.49
C GLU H 81 -18.37 20.83 -12.87
N GLN H 82 -17.72 19.68 -13.08
CA GLN H 82 -17.13 19.36 -14.36
C GLN H 82 -17.05 17.86 -14.55
N SER H 83 -17.18 17.43 -15.81
CA SER H 83 -17.11 16.03 -16.14
C SER H 83 -15.74 15.49 -15.89
N LEU H 84 -15.62 14.20 -15.65
CA LEU H 84 -14.32 13.62 -15.39
C LEU H 84 -13.61 13.30 -16.70
N VAL H 85 -14.38 13.19 -17.78
CA VAL H 85 -13.79 12.95 -19.09
C VAL H 85 -13.23 14.25 -19.62
N LYS H 86 -11.96 14.24 -20.01
CA LYS H 86 -11.29 15.44 -20.54
C LYS H 86 -11.10 15.33 -22.03
N LEU H 87 -10.97 16.46 -22.71
CA LEU H 87 -10.81 16.50 -24.16
C LEU H 87 -9.73 17.49 -24.64
N LYS H 88 -8.85 16.98 -25.49
CA LYS H 88 -7.75 17.74 -26.06
C LYS H 88 -8.10 18.37 -27.41
N LEU H 89 -8.61 19.60 -27.41
CA LEU H 89 -9.00 20.27 -28.65
C LEU H 89 -8.07 21.43 -28.96
N ILE H 90 -8.08 21.88 -30.20
CA ILE H 90 -7.16 22.92 -30.62
C ILE H 90 -7.75 24.27 -30.45
N GLU H 91 -7.06 25.15 -29.73
CA GLU H 91 -7.60 26.47 -29.47
C GLU H 91 -6.75 27.59 -29.99
N GLY H 92 -7.38 28.76 -30.06
CA GLY H 92 -6.78 30.01 -30.46
C GLY H 92 -7.35 31.09 -29.54
N CYS H 93 -6.94 32.34 -29.73
CA CYS H 93 -7.39 33.40 -28.88
C CYS H 93 -7.17 34.72 -29.63
N LEU H 94 -7.90 35.76 -29.24
CA LEU H 94 -7.79 37.03 -29.90
C LEU H 94 -6.61 37.83 -29.38
N SER H 95 -6.08 37.45 -28.23
CA SER H 95 -4.92 38.14 -27.71
C SER H 95 -3.63 37.50 -28.23
N PHE H 96 -3.74 36.52 -29.12
CA PHE H 96 -2.59 35.77 -29.66
C PHE H 96 -2.79 35.31 -31.12
N GLY H 97 -1.83 35.57 -32.03
CA GLY H 97 -1.83 34.94 -33.36
C GLY H 97 -1.28 33.48 -33.32
N ILE H 98 -1.46 32.81 -32.17
CA ILE H 98 -0.81 31.55 -31.82
C ILE H 98 -1.84 30.46 -31.59
N GLU H 99 -1.47 29.21 -31.79
CA GLU H 99 -2.46 28.16 -31.75
C GLU H 99 -1.97 26.87 -31.12
N GLY H 100 -2.76 26.26 -30.25
CA GLY H 100 -2.36 24.99 -29.69
C GLY H 100 -3.46 24.15 -29.05
N LYS H 101 -3.13 22.89 -28.82
CA LYS H 101 -4.04 21.94 -28.21
C LYS H 101 -4.03 22.11 -26.71
N VAL H 102 -5.23 22.16 -26.14
CA VAL H 102 -5.43 22.29 -24.71
C VAL H 102 -6.41 21.21 -24.26
N GLU H 103 -6.18 20.64 -23.08
CA GLU H 103 -7.04 19.60 -22.52
C GLU H 103 -7.90 20.19 -21.43
N ARG H 104 -9.20 20.12 -21.62
CA ARG H 104 -10.14 20.64 -20.66
C ARG H 104 -11.24 19.59 -20.53
N PRO H 105 -11.86 19.50 -19.35
CA PRO H 105 -13.02 18.62 -19.14
C PRO H 105 -14.07 18.86 -20.22
N SER H 106 -14.71 17.79 -20.64
CA SER H 106 -15.67 17.87 -21.73
C SER H 106 -16.97 18.58 -21.42
N ILE H 107 -17.51 18.40 -20.22
CA ILE H 107 -18.79 18.98 -19.77
C ILE H 107 -18.58 19.73 -18.44
N VAL H 108 -19.26 20.86 -18.28
CA VAL H 108 -19.18 21.64 -17.06
C VAL H 108 -20.52 22.04 -16.48
N SER H 109 -20.77 21.71 -15.21
CA SER H 109 -21.97 22.23 -14.54
C SER H 109 -21.62 23.67 -14.14
N ILE H 110 -22.58 24.57 -14.19
CA ILE H 110 -22.33 26.00 -14.27
C ILE H 110 -23.35 26.84 -13.51
N SER H 111 -22.91 28.00 -13.03
CA SER H 111 -23.81 28.95 -12.39
C SER H 111 -23.33 30.32 -12.80
N TYR H 112 -24.28 31.23 -13.04
CA TYR H 112 -23.97 32.59 -13.51
C TYR H 112 -25.15 33.50 -13.35
N TYR H 113 -25.06 34.67 -13.99
CA TYR H 113 -26.09 35.71 -13.92
C TYR H 113 -26.29 36.37 -15.28
N ASP H 114 -27.53 36.60 -15.67
CA ASP H 114 -27.80 37.17 -16.98
C ASP H 114 -27.67 38.69 -16.97
N ILE H 115 -27.86 39.28 -18.16
CA ILE H 115 -27.81 40.74 -18.36
C ILE H 115 -28.72 41.54 -17.41
N ASN H 116 -29.75 40.89 -16.86
CA ASN H 116 -30.73 41.54 -16.02
C ASN H 116 -30.42 41.44 -14.52
N GLY H 117 -29.70 40.41 -14.12
CA GLY H 117 -29.30 40.28 -12.73
C GLY H 117 -29.67 38.95 -12.11
N TYR H 118 -30.33 38.13 -12.93
CA TYR H 118 -30.89 36.87 -12.48
C TYR H 118 -29.91 35.74 -12.61
N LYS H 119 -29.86 34.92 -11.56
CA LYS H 119 -28.97 33.77 -11.50
C LYS H 119 -29.51 32.68 -12.40
N HIS H 120 -28.63 31.77 -12.84
CA HIS H 120 -29.03 30.62 -13.66
C HIS H 120 -28.12 29.43 -13.43
N LEU H 121 -28.63 28.24 -13.75
CA LEU H 121 -27.90 26.99 -13.65
C LEU H 121 -27.92 26.29 -15.03
N LYS H 122 -26.77 25.98 -15.61
CA LYS H 122 -26.77 25.29 -16.88
C LYS H 122 -25.72 24.21 -16.96
N ILE H 123 -25.99 23.23 -17.82
CA ILE H 123 -25.05 22.19 -18.09
C ILE H 123 -24.54 22.55 -19.44
N LEU H 124 -23.32 23.05 -19.49
CA LEU H 124 -22.70 23.40 -20.76
C LEU H 124 -21.94 22.19 -21.16
N LYS H 125 -22.27 21.65 -22.30
CA LYS H 125 -21.57 20.53 -22.90
C LYS H 125 -21.54 20.94 -24.36
N GLY H 126 -20.40 20.86 -25.02
CA GLY H 126 -20.37 21.27 -26.40
C GLY H 126 -19.10 21.84 -26.91
N ILE H 127 -19.20 22.94 -27.63
CA ILE H 127 -18.07 23.73 -27.98
C ILE H 127 -18.37 24.89 -27.06
N HIS H 128 -19.59 24.90 -26.53
CA HIS H 128 -20.01 25.91 -25.57
C HIS H 128 -19.22 25.64 -24.29
N SER H 129 -19.07 24.36 -23.98
CA SER H 129 -18.30 23.95 -22.85
C SER H 129 -16.86 24.30 -23.10
N ARG H 130 -16.41 24.17 -24.34
CA ARG H 130 -15.05 24.55 -24.67
C ARG H 130 -14.80 26.02 -24.41
N ILE H 131 -15.61 26.86 -25.04
CA ILE H 131 -15.40 28.28 -25.02
C ILE H 131 -15.56 28.84 -23.65
N PHE H 132 -16.60 28.42 -22.95
CA PHE H 132 -16.82 28.91 -21.59
C PHE H 132 -15.53 28.77 -20.87
N GLN H 133 -15.01 27.55 -20.84
CA GLN H 133 -13.75 27.30 -20.18
C GLN H 133 -12.57 28.14 -20.65
N HIS H 134 -12.55 28.59 -21.89
CA HIS H 134 -11.45 29.43 -22.32
C HIS H 134 -11.70 30.78 -21.71
N GLU H 135 -12.94 31.23 -21.82
CA GLU H 135 -13.28 32.59 -21.47
C GLU H 135 -13.36 32.89 -19.97
N PHE H 136 -13.75 31.90 -19.19
CA PHE H 136 -13.79 31.99 -17.74
C PHE H 136 -12.36 32.14 -17.28
N ASP H 137 -11.45 31.39 -17.88
CA ASP H 137 -10.06 31.49 -17.51
C ASP H 137 -9.55 32.94 -17.71
N HIS H 138 -10.04 33.62 -18.75
CA HIS H 138 -9.59 34.98 -18.98
C HIS H 138 -10.01 35.80 -17.77
N LEU H 139 -11.12 35.44 -17.15
CA LEU H 139 -11.60 36.18 -16.01
C LEU H 139 -10.74 35.97 -14.76
N ASN H 140 -9.92 34.92 -14.75
CA ASN H 140 -9.08 34.63 -13.62
C ASN H 140 -7.62 34.70 -13.98
N GLY H 141 -7.26 35.54 -14.94
CA GLY H 141 -5.89 35.60 -15.42
C GLY H 141 -5.28 34.31 -16.00
N THR H 142 -6.06 33.27 -16.25
CA THR H 142 -5.50 32.09 -16.90
C THR H 142 -5.60 32.21 -18.43
N LEU H 143 -4.54 31.86 -19.14
CA LEU H 143 -4.50 31.96 -20.57
C LEU H 143 -4.20 30.57 -21.09
N PHE H 144 -4.59 30.27 -22.33
CA PHE H 144 -4.54 28.88 -22.87
C PHE H 144 -3.18 28.25 -23.02
N ILE H 145 -2.14 29.09 -22.97
CA ILE H 145 -0.77 28.61 -23.04
C ILE H 145 -0.41 27.99 -21.71
N ASP H 146 -1.10 28.39 -20.65
CA ASP H 146 -0.84 27.80 -19.34
C ASP H 146 -1.31 26.38 -19.28
N LYS H 147 -2.39 26.10 -20.03
CA LYS H 147 -2.96 24.76 -20.10
C LYS H 147 -2.52 23.99 -21.34
N MSE H 148 -1.81 24.66 -22.24
CA MSE H 148 -1.24 23.99 -23.42
C MSE H 148 -0.28 22.86 -23.04
O MSE H 148 0.13 22.75 -21.91
CB MSE H 148 -0.50 25.01 -24.27
CG MSE H 148 -0.44 24.77 -25.76
SE MSE H 148 -0.59 26.47 -26.63
CE MSE H 148 0.56 26.25 -27.94
N THR H 149 0.08 22.04 -24.02
CA THR H 149 0.94 20.88 -23.77
C THR H 149 2.41 21.26 -23.83
N GLN H 150 3.23 20.55 -23.05
CA GLN H 150 4.68 20.69 -23.04
C GLN H 150 5.25 20.87 -24.45
N VAL H 151 4.71 20.12 -25.40
CA VAL H 151 5.19 20.20 -26.76
C VAL H 151 4.70 21.42 -27.52
N ASP H 152 3.41 21.70 -27.46
CA ASP H 152 2.89 22.84 -28.20
C ASP H 152 3.40 24.14 -27.57
N LYS H 153 3.59 24.11 -26.26
CA LYS H 153 4.17 25.22 -25.48
C LYS H 153 5.55 25.50 -26.05
N LYS H 154 6.37 24.46 -26.10
CA LYS H 154 7.72 24.52 -26.63
C LYS H 154 7.74 25.06 -28.05
N LYS H 155 6.88 24.48 -28.89
CA LYS H 155 6.77 24.85 -30.30
C LYS H 155 6.40 26.27 -30.48
N VAL H 156 5.60 26.77 -29.59
CA VAL H 156 5.05 28.11 -29.76
C VAL H 156 5.83 29.21 -29.00
N ARG H 157 6.95 28.82 -28.38
CA ARG H 157 7.81 29.76 -27.67
C ARG H 157 8.36 30.96 -28.45
N PRO H 158 8.87 30.78 -29.70
CA PRO H 158 9.43 31.90 -30.46
C PRO H 158 8.42 32.97 -30.80
N LYS H 159 7.22 32.52 -31.17
CA LYS H 159 6.16 33.40 -31.60
C LYS H 159 5.66 34.18 -30.40
N LEU H 160 5.51 33.48 -29.28
CA LEU H 160 5.13 34.09 -28.01
C LEU H 160 6.14 35.20 -27.67
N ASN H 161 7.43 34.88 -27.76
CA ASN H 161 8.46 35.88 -27.59
C ASN H 161 8.34 37.05 -28.57
N GLU H 162 8.01 36.76 -29.83
CA GLU H 162 7.83 37.83 -30.82
C GLU H 162 6.77 38.84 -30.34
N LEU H 163 5.68 38.33 -29.78
CA LEU H 163 4.64 39.19 -29.22
C LEU H 163 5.17 39.99 -28.03
N ILE H 164 6.10 39.43 -27.27
CA ILE H 164 6.71 40.17 -26.19
C ILE H 164 7.55 41.31 -26.77
N ARG H 165 8.30 41.00 -27.84
CA ARG H 165 9.11 42.01 -28.51
C ARG H 165 8.24 43.08 -29.14
N ASP H 166 7.17 42.64 -29.79
CA ASP H 166 6.24 43.57 -30.41
C ASP H 166 5.61 44.44 -29.36
N TYR H 167 5.17 43.83 -28.26
CA TYR H 167 4.57 44.58 -27.17
C TYR H 167 5.52 45.58 -26.55
N LYS H 168 6.77 45.16 -26.28
CA LYS H 168 7.75 46.06 -25.67
C LYS H 168 7.98 47.35 -26.46
N ALA H 169 7.57 47.33 -27.72
CA ALA H 169 7.58 48.52 -28.57
C ALA H 169 6.47 49.54 -28.27
N THR H 170 5.90 49.45 -27.06
CA THR H 170 4.89 50.39 -26.55
C THR H 170 5.65 51.55 -25.95
N HIS H 171 6.74 51.24 -25.25
CA HIS H 171 7.62 52.26 -24.72
C HIS H 171 8.89 52.28 -25.56
N SER H 172 8.75 52.09 -26.87
CA SER H 172 9.93 52.08 -27.73
C SER H 172 10.04 53.29 -28.60
N GLU H 173 10.13 54.47 -28.01
CA GLU H 173 10.40 55.66 -28.79
C GLU H 173 11.92 55.68 -29.05
N GLU H 174 12.57 54.59 -28.61
CA GLU H 174 13.98 54.31 -28.82
C GLU H 174 14.20 53.46 -30.06
N ASP I 1 32.70 14.09 -21.67
CA ASP I 1 32.58 13.91 -23.15
C ASP I 1 31.44 12.93 -23.39
N GLU I 2 30.24 13.33 -23.00
CA GLU I 2 29.15 12.36 -22.89
C GLU I 2 27.82 12.52 -23.62
N ILE I 3 27.11 11.39 -23.67
CA ILE I 3 25.74 11.25 -24.18
C ILE I 3 24.86 11.38 -22.93
N LYS I 4 25.56 11.54 -21.81
CA LYS I 4 24.97 11.74 -20.51
C LYS I 4 24.46 13.17 -20.36
N ILE I 5 23.20 13.38 -20.67
CA ILE I 5 22.54 14.66 -20.42
C ILE I 5 22.40 14.81 -18.90
N VAL I 6 22.50 16.01 -18.37
CA VAL I 6 22.30 16.12 -16.93
C VAL I 6 20.99 16.81 -16.61
N LYS I 7 20.60 16.74 -15.34
CA LYS I 7 19.35 17.29 -14.88
C LYS I 7 19.59 18.20 -13.67
N TYR I 8 18.67 19.14 -13.51
CA TYR I 8 18.71 20.18 -12.48
C TYR I 8 19.65 20.09 -11.27
N PRO I 9 19.39 19.22 -10.29
CA PRO I 9 20.12 19.32 -9.01
C PRO I 9 21.53 18.76 -9.00
N ASP I 10 22.01 18.24 -10.12
CA ASP I 10 23.40 17.79 -10.23
C ASP I 10 24.27 18.97 -9.80
N PRO I 11 25.23 18.72 -8.92
CA PRO I 11 26.09 19.80 -8.43
C PRO I 11 27.12 20.22 -9.44
N ILE I 12 27.15 19.58 -10.60
CA ILE I 12 28.08 19.96 -11.66
C ILE I 12 27.49 21.18 -12.35
N LEU I 13 26.17 21.29 -12.26
CA LEU I 13 25.42 22.35 -12.87
C LEU I 13 25.62 23.63 -12.11
N ARG I 14 26.41 23.56 -11.03
CA ARG I 14 26.68 24.73 -10.22
C ARG I 14 28.16 25.10 -10.19
N ARG I 15 29.02 24.19 -10.61
CA ARG I 15 30.45 24.45 -10.68
C ARG I 15 30.81 25.39 -11.83
N ARG I 16 31.86 26.19 -11.63
CA ARG I 16 32.28 27.09 -12.69
C ARG I 16 33.15 26.34 -13.67
N SER I 17 32.68 26.26 -14.92
CA SER I 17 33.43 25.61 -15.97
C SER I 17 34.79 26.24 -16.18
N GLU I 18 35.75 25.44 -16.64
CA GLU I 18 37.09 25.95 -16.84
C GLU I 18 37.36 26.21 -18.30
N VAL I 19 38.31 27.10 -18.54
CA VAL I 19 38.71 27.53 -19.87
C VAL I 19 39.27 26.39 -20.70
N THR I 20 38.99 26.39 -22.00
CA THR I 20 39.48 25.35 -22.89
C THR I 20 40.90 25.69 -23.33
N ASN I 21 41.78 24.69 -23.39
CA ASN I 21 43.15 24.91 -23.82
C ASN I 21 43.49 24.21 -25.13
N PHE I 22 43.24 22.91 -25.15
CA PHE I 22 43.58 22.11 -26.31
C PHE I 22 42.46 22.31 -27.33
N ASP I 23 42.71 23.22 -28.26
CA ASP I 23 41.70 23.69 -29.19
C ASP I 23 41.70 22.92 -30.51
N ASP I 24 42.08 21.64 -30.50
CA ASP I 24 42.07 20.88 -31.74
C ASP I 24 41.78 19.39 -31.58
N ASN I 25 41.12 18.85 -32.62
CA ASN I 25 40.80 17.42 -32.78
C ASN I 25 39.95 16.81 -31.68
N LEU I 26 39.11 17.66 -31.12
CA LEU I 26 38.14 17.30 -30.11
C LEU I 26 36.92 18.14 -30.46
N LYS I 27 36.53 18.01 -31.73
CA LYS I 27 35.33 18.63 -32.27
C LYS I 27 34.24 17.60 -32.11
N ARG I 28 34.68 16.38 -31.81
CA ARG I 28 33.77 15.27 -31.53
C ARG I 28 33.05 15.55 -30.22
N VAL I 29 33.74 16.27 -29.34
CA VAL I 29 33.18 16.77 -28.07
C VAL I 29 31.95 17.60 -28.38
N VAL I 30 32.15 18.55 -29.29
CA VAL I 30 31.10 19.43 -29.75
C VAL I 30 30.07 18.67 -30.61
N ARG I 31 30.51 17.57 -31.21
CA ARG I 31 29.61 16.73 -32.00
C ARG I 31 28.69 15.92 -31.10
N LYS I 32 29.25 15.36 -30.03
CA LYS I 32 28.47 14.66 -29.02
C LYS I 32 27.39 15.64 -28.58
N MSE I 33 27.83 16.76 -28.04
CA MSE I 33 26.94 17.83 -27.59
C MSE I 33 25.79 18.10 -28.52
O MSE I 33 24.64 18.03 -28.12
CB MSE I 33 27.75 19.11 -27.36
CG MSE I 33 28.52 19.06 -26.08
SE MSE I 33 29.45 20.65 -25.70
CE MSE I 33 28.04 21.85 -25.95
N PHE I 34 26.08 18.40 -29.78
CA PHE I 34 25.01 18.64 -30.73
C PHE I 34 24.00 17.49 -30.80
N ASP I 35 24.49 16.25 -30.89
CA ASP I 35 23.64 15.08 -30.95
C ASP I 35 22.67 14.98 -29.77
N ILE I 36 23.19 15.10 -28.54
CA ILE I 36 22.32 14.99 -27.36
C ILE I 36 21.27 16.09 -27.35
N MSE I 37 21.61 17.24 -27.92
CA MSE I 37 20.68 18.34 -28.04
C MSE I 37 19.63 18.06 -29.13
O MSE I 37 18.45 18.35 -28.96
CB MSE I 37 21.44 19.64 -28.37
CG MSE I 37 20.57 20.89 -28.40
SE MSE I 37 21.24 22.34 -29.52
CE MSE I 37 20.37 21.92 -31.19
N TYR I 38 20.08 17.47 -30.25
CA TYR I 38 19.21 17.17 -31.38
C TYR I 38 18.11 16.18 -31.01
N GLU I 39 18.49 15.10 -30.35
CA GLU I 39 17.52 14.06 -30.02
C GLU I 39 16.62 14.45 -28.86
N SER I 40 17.11 15.37 -28.01
CA SER I 40 16.34 15.84 -26.88
C SER I 40 15.40 16.96 -27.29
N LYS I 41 15.46 17.32 -28.57
CA LYS I 41 14.75 18.47 -29.18
C LYS I 41 14.78 19.77 -28.38
N GLY I 42 15.90 20.48 -28.44
CA GLY I 42 16.07 21.70 -27.70
C GLY I 42 16.93 22.68 -28.46
N ILE I 43 16.73 23.97 -28.22
CA ILE I 43 17.42 25.01 -28.97
C ILE I 43 18.90 25.21 -28.69
N GLY I 44 19.34 25.01 -27.45
CA GLY I 44 20.73 25.27 -27.14
C GLY I 44 21.36 24.23 -26.26
N LEU I 45 22.68 24.31 -26.10
CA LEU I 45 23.38 23.41 -25.20
C LEU I 45 24.79 23.88 -24.86
N SER I 46 25.08 23.91 -23.57
CA SER I 46 26.43 24.14 -23.13
C SER I 46 27.00 22.82 -22.65
N ALA I 47 28.33 22.73 -22.60
CA ALA I 47 29.02 21.54 -22.12
C ALA I 47 28.64 21.03 -20.74
N PRO I 48 28.51 21.87 -19.71
CA PRO I 48 28.11 21.35 -18.39
C PRO I 48 26.87 20.50 -18.48
N GLN I 49 26.01 20.80 -19.42
CA GLN I 49 24.76 20.07 -19.51
C GLN I 49 24.90 18.64 -20.03
N VAL I 50 26.11 18.27 -20.46
CA VAL I 50 26.43 16.89 -20.84
C VAL I 50 27.60 16.36 -20.00
N ASN I 51 27.72 16.91 -18.78
CA ASN I 51 28.64 16.43 -17.78
C ASN I 51 30.11 16.69 -18.14
N ILE I 52 30.35 17.77 -18.90
CA ILE I 52 31.71 18.26 -19.16
C ILE I 52 31.85 19.65 -18.59
N SER I 53 32.69 19.82 -17.59
CA SER I 53 32.82 21.15 -16.99
C SER I 53 33.73 22.08 -17.75
N LYS I 54 33.43 22.26 -19.04
CA LYS I 54 34.27 23.07 -19.92
C LYS I 54 33.51 24.27 -20.52
N ARG I 55 34.24 25.33 -20.88
CA ARG I 55 33.60 26.54 -21.39
C ARG I 55 33.14 26.49 -22.84
N ILE I 56 32.25 25.56 -23.13
CA ILE I 56 31.75 25.37 -24.49
C ILE I 56 30.23 25.53 -24.56
N ILE I 57 29.78 26.36 -25.51
CA ILE I 57 28.38 26.68 -25.70
C ILE I 57 28.10 26.43 -27.14
N VAL I 58 27.04 25.71 -27.46
CA VAL I 58 26.60 25.59 -28.85
C VAL I 58 25.10 25.77 -28.94
N TRP I 59 24.61 26.16 -30.13
CA TRP I 59 23.18 26.21 -30.38
C TRP I 59 22.78 26.18 -31.85
N ASN I 60 21.47 26.26 -32.08
CA ASN I 60 20.87 26.25 -33.41
C ASN I 60 19.42 26.66 -33.31
N ALA I 61 19.13 27.90 -33.72
CA ALA I 61 17.77 28.45 -33.69
C ALA I 61 16.81 27.69 -34.59
N LEU I 62 17.37 26.96 -35.55
CA LEU I 62 16.60 26.12 -36.44
C LEU I 62 16.94 24.65 -36.17
N TYR I 63 16.28 24.08 -35.18
CA TYR I 63 16.57 22.71 -34.74
C TYR I 63 15.57 21.65 -35.21
N GLU I 64 14.40 22.09 -35.68
CA GLU I 64 13.42 21.18 -36.26
C GLU I 64 13.95 20.67 -37.61
N LYS I 65 14.85 21.47 -38.20
CA LYS I 65 15.50 21.15 -39.47
C LYS I 65 16.98 21.35 -39.29
N ARG I 66 17.71 20.27 -39.01
CA ARG I 66 19.15 20.34 -38.80
C ARG I 66 19.90 20.75 -40.06
N LYS I 67 20.97 21.53 -39.91
CA LYS I 67 21.87 21.93 -41.00
C LYS I 67 23.24 22.38 -40.48
N GLU I 68 24.32 21.83 -41.04
CA GLU I 68 25.68 22.26 -40.68
C GLU I 68 25.90 23.72 -41.03
N GLU I 69 26.76 24.38 -40.26
CA GLU I 69 26.99 25.84 -40.32
C GLU I 69 25.71 26.72 -40.35
N ASN I 70 24.68 26.19 -39.69
CA ASN I 70 23.48 26.90 -39.35
C ASN I 70 23.50 26.63 -37.85
N GLU I 71 24.56 25.93 -37.46
CA GLU I 71 24.90 25.62 -36.08
C GLU I 71 25.84 26.70 -35.59
N ARG I 72 25.65 27.13 -34.35
CA ARG I 72 26.52 28.13 -33.74
C ARG I 72 27.38 27.46 -32.67
N ILE I 73 28.69 27.64 -32.75
CA ILE I 73 29.62 27.07 -31.79
C ILE I 73 30.43 28.20 -31.15
N PHE I 74 30.51 28.22 -29.82
CA PHE I 74 31.26 29.26 -29.11
C PHE I 74 32.15 28.71 -28.01
N ILE I 75 33.46 28.70 -28.24
CA ILE I 75 34.40 28.29 -27.22
C ILE I 75 34.91 29.50 -26.46
N ASN I 76 35.03 29.33 -25.15
CA ASN I 76 35.52 30.35 -24.23
C ASN I 76 34.94 31.76 -24.36
N PRO I 77 33.62 31.91 -24.32
CA PRO I 77 33.02 33.22 -24.49
C PRO I 77 33.13 34.04 -23.21
N SER I 78 32.76 35.29 -23.36
CA SER I 78 32.87 36.30 -22.33
C SER I 78 31.90 37.42 -22.74
N ILE I 79 31.24 38.08 -21.78
CA ILE I 79 30.34 39.17 -22.15
C ILE I 79 31.03 40.49 -21.88
N VAL I 80 31.32 41.21 -22.97
CA VAL I 80 32.14 42.40 -22.83
C VAL I 80 31.35 43.66 -22.61
N GLU I 81 30.09 43.65 -23.05
CA GLU I 81 29.15 44.74 -22.87
C GLU I 81 27.75 44.26 -23.20
N GLN I 82 26.74 44.93 -22.64
CA GLN I 82 25.35 44.54 -22.86
C GLN I 82 24.43 45.73 -23.04
N SER I 83 23.30 45.51 -23.70
CA SER I 83 22.32 46.55 -23.93
C SER I 83 21.61 47.00 -22.66
N LEU I 84 20.86 48.07 -22.76
CA LEU I 84 20.14 48.60 -21.62
C LEU I 84 18.69 48.19 -21.66
N VAL I 85 18.10 48.12 -22.84
CA VAL I 85 16.77 47.56 -22.99
C VAL I 85 16.87 46.09 -22.65
N LYS I 86 16.02 45.64 -21.72
CA LYS I 86 15.99 44.24 -21.36
C LYS I 86 14.63 43.72 -21.74
N LEU I 87 14.48 42.40 -21.83
CA LEU I 87 13.25 41.79 -22.30
C LEU I 87 12.95 40.53 -21.52
N LYS I 88 11.71 40.39 -21.06
CA LYS I 88 11.23 39.20 -20.36
C LYS I 88 10.70 38.20 -21.38
N LEU I 89 11.45 37.14 -21.67
CA LEU I 89 11.02 36.14 -22.63
C LEU I 89 10.93 34.77 -22.00
N ILE I 90 9.92 33.99 -22.42
CA ILE I 90 9.75 32.60 -21.99
C ILE I 90 10.98 31.85 -22.48
N GLU I 91 11.39 30.84 -21.71
CA GLU I 91 12.67 30.18 -21.93
C GLU I 91 12.53 28.75 -21.47
N GLY I 92 13.34 27.88 -22.05
CA GLY I 92 13.29 26.48 -21.69
C GLY I 92 14.70 26.04 -21.41
N CYS I 93 14.88 24.83 -20.87
CA CYS I 93 16.21 24.31 -20.59
C CYS I 93 16.21 22.78 -20.62
N LEU I 94 17.26 22.17 -21.13
CA LEU I 94 17.27 20.71 -21.29
C LEU I 94 17.43 19.98 -20.00
N SER I 95 17.85 20.70 -18.98
CA SER I 95 18.07 20.11 -17.69
C SER I 95 16.92 20.44 -16.75
N PHE I 96 15.75 20.71 -17.31
CA PHE I 96 14.56 21.05 -16.54
C PHE I 96 13.30 20.81 -17.41
N GLY I 97 12.46 19.80 -17.13
CA GLY I 97 11.18 19.67 -17.85
C GLY I 97 10.19 20.84 -17.62
N ILE I 98 10.77 22.03 -17.41
CA ILE I 98 10.15 23.26 -16.90
C ILE I 98 10.37 24.39 -17.91
N GLU I 99 9.53 25.42 -17.88
CA GLU I 99 9.75 26.59 -18.71
C GLU I 99 9.13 27.85 -18.07
N GLY I 100 9.58 29.04 -18.50
CA GLY I 100 9.09 30.29 -17.94
C GLY I 100 9.99 31.50 -18.15
N LYS I 101 9.43 32.69 -17.93
CA LYS I 101 10.10 33.97 -18.20
C LYS I 101 11.27 34.40 -17.29
N VAL I 102 12.33 34.91 -17.91
CA VAL I 102 13.53 35.41 -17.23
C VAL I 102 13.90 36.70 -17.91
N GLU I 103 14.32 37.73 -17.16
CA GLU I 103 14.66 39.00 -17.80
C GLU I 103 16.17 39.22 -18.00
N ARG I 104 16.55 39.39 -19.26
CA ARG I 104 17.95 39.55 -19.64
C ARG I 104 18.03 40.70 -20.64
N PRO I 105 19.21 41.30 -20.82
CA PRO I 105 19.35 42.35 -21.83
C PRO I 105 19.04 41.82 -23.24
N SER I 106 18.65 42.74 -24.11
CA SER I 106 18.24 42.39 -25.45
C SER I 106 19.39 42.06 -26.40
N ILE I 107 20.49 42.82 -26.31
CA ILE I 107 21.65 42.72 -27.21
C ILE I 107 22.93 42.54 -26.38
N VAL I 108 23.88 41.75 -26.85
CA VAL I 108 25.11 41.59 -26.10
C VAL I 108 26.37 41.63 -26.94
N SER I 109 27.37 42.37 -26.44
CA SER I 109 28.67 42.41 -27.08
C SER I 109 29.46 41.21 -26.60
N ILE I 110 29.83 40.36 -27.55
CA ILE I 110 30.45 39.05 -27.30
C ILE I 110 31.91 39.06 -27.67
N SER I 111 32.68 38.17 -27.05
CA SER I 111 34.06 37.87 -27.47
C SER I 111 34.28 36.41 -27.20
N TYR I 112 34.66 35.67 -28.24
CA TYR I 112 34.86 34.23 -28.07
C TYR I 112 35.97 33.72 -28.97
N TYR I 113 36.25 32.42 -28.87
CA TYR I 113 37.24 31.79 -29.71
C TYR I 113 36.57 30.71 -30.56
N ASP I 114 37.02 30.51 -31.80
CA ASP I 114 36.42 29.46 -32.64
C ASP I 114 36.97 28.09 -32.31
N ILE I 115 36.72 27.15 -33.19
CA ILE I 115 37.18 25.79 -32.95
C ILE I 115 38.70 25.64 -33.09
N ASN I 116 39.34 26.53 -33.84
CA ASN I 116 40.79 26.50 -34.01
C ASN I 116 41.49 27.50 -33.09
N GLY I 117 40.72 28.13 -32.20
CA GLY I 117 41.29 29.01 -31.21
C GLY I 117 41.45 30.45 -31.64
N TYR I 118 40.81 30.83 -32.73
CA TYR I 118 40.91 32.21 -33.16
C TYR I 118 39.84 33.03 -32.46
N LYS I 119 40.23 34.17 -31.88
CA LYS I 119 39.31 35.11 -31.26
C LYS I 119 38.38 35.77 -32.28
N HIS I 120 37.15 36.06 -31.87
CA HIS I 120 36.19 36.77 -32.71
C HIS I 120 35.49 37.83 -31.86
N LEU I 121 35.09 38.93 -32.48
CA LEU I 121 34.28 39.93 -31.78
C LEU I 121 32.91 39.97 -32.46
N LYS I 122 31.83 40.08 -31.67
CA LYS I 122 30.47 39.94 -32.22
C LYS I 122 29.34 40.58 -31.42
N ILE I 123 28.37 41.14 -32.15
CA ILE I 123 27.17 41.69 -31.51
C ILE I 123 26.02 40.75 -31.78
N LEU I 124 25.52 40.13 -30.72
CA LEU I 124 24.42 39.20 -30.83
C LEU I 124 23.15 39.90 -30.44
N LYS I 125 22.13 39.82 -31.28
CA LYS I 125 20.87 40.42 -30.94
C LYS I 125 19.74 39.41 -31.17
N GLY I 126 18.54 39.75 -30.69
CA GLY I 126 17.35 38.94 -30.94
C GLY I 126 17.36 37.58 -30.28
N ILE I 127 16.91 36.56 -30.99
CA ILE I 127 16.81 35.23 -30.44
C ILE I 127 18.15 34.63 -30.18
N HIS I 128 19.16 35.05 -30.92
CA HIS I 128 20.49 34.50 -30.80
C HIS I 128 21.12 35.05 -29.56
N SER I 129 20.71 36.26 -29.21
CA SER I 129 21.17 36.89 -27.99
C SER I 129 20.52 36.28 -26.77
N ARG I 130 19.38 35.64 -26.96
CA ARG I 130 18.67 35.06 -25.83
C ARG I 130 19.33 33.79 -25.36
N ILE I 131 19.48 32.86 -26.29
CA ILE I 131 20.08 31.59 -25.98
C ILE I 131 21.51 31.72 -25.50
N PHE I 132 22.29 32.61 -26.10
CA PHE I 132 23.71 32.73 -25.70
C PHE I 132 23.79 32.94 -24.21
N GLN I 133 22.96 33.87 -23.76
CA GLN I 133 22.91 34.26 -22.38
C GLN I 133 22.47 33.16 -21.46
N HIS I 134 21.56 32.30 -21.92
CA HIS I 134 21.11 31.16 -21.11
C HIS I 134 22.32 30.29 -20.96
N GLU I 135 22.96 29.97 -22.06
CA GLU I 135 24.08 29.04 -22.05
C GLU I 135 25.34 29.55 -21.38
N PHE I 136 25.62 30.84 -21.51
CA PHE I 136 26.76 31.43 -20.84
C PHE I 136 26.65 31.27 -19.32
N ASP I 137 25.44 31.42 -18.81
CA ASP I 137 25.17 31.31 -17.40
C ASP I 137 25.51 29.90 -16.88
N HIS I 138 25.26 28.87 -17.70
CA HIS I 138 25.58 27.49 -17.34
C HIS I 138 27.07 27.33 -17.13
N LEU I 139 27.86 28.09 -17.88
CA LEU I 139 29.30 28.04 -17.73
C LEU I 139 29.76 28.65 -16.42
N ASN I 140 28.85 29.36 -15.78
CA ASN I 140 29.15 30.10 -14.57
C ASN I 140 28.37 29.58 -13.35
N GLY I 141 27.62 28.50 -13.55
CA GLY I 141 26.87 27.87 -12.46
C GLY I 141 25.50 28.48 -12.27
N THR I 142 25.22 29.55 -13.00
CA THR I 142 23.94 30.19 -12.92
C THR I 142 22.93 29.40 -13.75
N LEU I 143 21.81 29.07 -13.11
CA LEU I 143 20.71 28.33 -13.67
C LEU I 143 19.59 29.31 -13.88
N PHE I 144 18.72 29.04 -14.85
CA PHE I 144 17.71 30.02 -15.22
C PHE I 144 16.61 30.18 -14.18
N ILE I 145 16.58 29.26 -13.21
CA ILE I 145 15.63 29.41 -12.12
C ILE I 145 16.03 30.54 -11.18
N ASP I 146 17.32 30.90 -11.16
CA ASP I 146 17.83 31.94 -10.28
C ASP I 146 17.49 33.35 -10.79
N LYS I 147 17.17 33.48 -12.08
CA LYS I 147 16.88 34.78 -12.66
C LYS I 147 15.43 34.90 -13.06
N MSE I 148 14.66 33.83 -12.85
CA MSE I 148 13.25 33.78 -13.23
C MSE I 148 12.37 34.73 -12.44
O MSE I 148 12.75 35.22 -11.38
CB MSE I 148 12.74 32.37 -13.03
CG MSE I 148 11.82 31.87 -14.10
SE MSE I 148 11.13 30.18 -13.61
CE MSE I 148 11.12 29.28 -15.26
N THR I 149 11.20 35.00 -12.97
CA THR I 149 10.21 35.89 -12.36
C THR I 149 9.60 35.27 -11.12
N GLN I 150 9.26 36.07 -10.13
CA GLN I 150 8.70 35.57 -8.90
C GLN I 150 7.41 34.79 -9.12
N VAL I 151 6.63 35.21 -10.09
CA VAL I 151 5.41 34.52 -10.48
C VAL I 151 5.72 33.15 -11.07
N ASP I 152 6.76 33.08 -11.88
CA ASP I 152 7.07 31.83 -12.54
C ASP I 152 7.75 30.84 -11.61
N LYS I 153 8.67 31.32 -10.76
CA LYS I 153 9.40 30.46 -9.83
C LYS I 153 8.43 29.80 -8.82
N LYS I 154 7.35 30.51 -8.52
CA LYS I 154 6.34 29.99 -7.64
C LYS I 154 5.50 28.96 -8.36
N LYS I 155 5.14 29.24 -9.61
CA LYS I 155 4.25 28.41 -10.45
C LYS I 155 4.94 27.11 -10.80
N VAL I 156 6.25 27.12 -10.70
CA VAL I 156 7.03 25.98 -11.08
C VAL I 156 7.59 25.22 -9.89
N ARG I 157 7.29 25.69 -8.68
CA ARG I 157 7.87 25.10 -7.46
C ARG I 157 7.71 23.56 -7.27
N PRO I 158 6.49 23.02 -7.29
CA PRO I 158 6.32 21.57 -7.19
C PRO I 158 7.18 20.77 -8.13
N LYS I 159 7.28 21.22 -9.39
CA LYS I 159 8.08 20.52 -10.40
C LYS I 159 9.53 20.46 -10.01
N LEU I 160 10.01 21.55 -9.41
CA LEU I 160 11.40 21.64 -8.98
C LEU I 160 11.63 20.67 -7.84
N ASN I 161 10.69 20.64 -6.90
CA ASN I 161 10.78 19.70 -5.79
C ASN I 161 10.73 18.28 -6.32
N GLU I 162 9.81 18.03 -7.26
CA GLU I 162 9.70 16.74 -7.97
C GLU I 162 11.04 16.27 -8.49
N LEU I 163 11.74 17.17 -9.19
CA LEU I 163 13.07 16.86 -9.73
C LEU I 163 14.16 16.67 -8.68
N ILE I 164 14.07 17.35 -7.55
CA ILE I 164 15.06 17.12 -6.50
C ILE I 164 14.93 15.70 -5.96
N ARG I 165 13.69 15.30 -5.60
CA ARG I 165 13.42 13.94 -5.12
C ARG I 165 13.85 12.86 -6.12
N ASP I 166 13.42 13.00 -7.38
CA ASP I 166 13.83 12.11 -8.46
C ASP I 166 15.33 11.91 -8.43
N TYR I 167 16.06 13.02 -8.34
CA TYR I 167 17.51 12.97 -8.28
C TYR I 167 17.97 12.30 -7.02
N LYS I 168 17.33 12.56 -5.88
CA LYS I 168 17.83 11.98 -4.62
C LYS I 168 17.79 10.46 -4.56
N ALA I 169 16.99 9.87 -5.44
CA ALA I 169 17.01 8.43 -5.62
C ALA I 169 18.15 7.99 -6.56
N THR I 170 19.20 8.81 -6.65
CA THR I 170 20.45 8.49 -7.34
C THR I 170 21.28 7.69 -6.36
N HIS I 171 21.03 7.92 -5.07
CA HIS I 171 21.73 7.16 -4.02
C HIS I 171 20.80 6.32 -3.17
N SER I 172 21.28 5.12 -2.81
CA SER I 172 20.48 4.18 -2.04
C SER I 172 21.31 3.60 -0.92
N ASP J 1 -11.20 30.03 14.64
CA ASP J 1 -12.50 30.39 14.02
C ASP J 1 -12.31 31.63 13.16
N GLU J 2 -11.13 32.23 13.26
CA GLU J 2 -10.86 33.48 12.58
C GLU J 2 -10.43 33.33 11.13
N ILE J 3 -10.93 34.24 10.30
CA ILE J 3 -10.53 34.39 8.91
C ILE J 3 -9.33 35.36 8.92
N LYS J 4 -8.63 35.32 10.06
CA LYS J 4 -7.46 36.12 10.26
C LYS J 4 -6.23 35.28 10.03
N ILE J 5 -5.86 35.11 8.77
CA ILE J 5 -4.56 34.54 8.46
C ILE J 5 -3.52 35.58 8.93
N VAL J 6 -2.44 35.17 9.58
CA VAL J 6 -1.46 36.17 10.00
C VAL J 6 -0.31 36.22 9.04
N LYS J 7 0.54 37.23 9.19
CA LYS J 7 1.67 37.47 8.30
C LYS J 7 2.96 37.46 9.14
N TYR J 8 4.13 37.51 8.50
CA TYR J 8 5.47 37.46 9.15
C TYR J 8 5.70 38.09 10.51
N PRO J 9 5.42 39.38 10.66
CA PRO J 9 5.90 40.07 11.86
C PRO J 9 5.08 39.90 13.14
N ASP J 10 3.85 39.40 13.06
CA ASP J 10 2.97 39.31 14.23
C ASP J 10 3.60 38.45 15.33
N PRO J 11 3.59 38.94 16.57
CA PRO J 11 4.31 38.29 17.68
C PRO J 11 3.81 36.92 18.09
N ILE J 12 2.55 36.59 17.77
CA ILE J 12 2.00 35.27 18.09
C ILE J 12 2.71 34.18 17.31
N LEU J 13 3.20 34.55 16.13
CA LEU J 13 3.90 33.64 15.29
C LEU J 13 5.21 33.14 15.88
N ARG J 14 5.63 33.72 17.00
CA ARG J 14 6.89 33.29 17.64
C ARG J 14 6.70 32.69 19.02
N ARG J 15 5.47 32.72 19.52
CA ARG J 15 5.16 32.12 20.82
C ARG J 15 5.11 30.61 20.70
N ARG J 16 5.18 29.93 21.84
CA ARG J 16 5.09 28.48 21.85
C ARG J 16 3.64 28.08 22.09
N SER J 17 3.03 27.47 21.08
CA SER J 17 1.63 27.05 21.15
C SER J 17 1.34 26.14 22.32
N GLU J 18 0.16 26.30 22.92
CA GLU J 18 -0.18 25.46 24.08
C GLU J 18 -0.94 24.20 23.74
N VAL J 19 -0.70 23.18 24.55
CA VAL J 19 -1.22 21.84 24.37
C VAL J 19 -2.74 21.81 24.50
N THR J 20 -3.39 21.13 23.58
CA THR J 20 -4.85 21.04 23.58
C THR J 20 -5.40 20.19 24.72
N ASN J 21 -6.26 20.80 25.53
CA ASN J 21 -7.04 20.08 26.51
C ASN J 21 -8.44 20.15 25.96
N PHE J 22 -9.33 19.33 26.51
CA PHE J 22 -10.72 19.28 26.07
C PHE J 22 -10.77 18.86 24.61
N ASP J 23 -10.59 17.58 24.37
CA ASP J 23 -10.53 17.06 23.01
C ASP J 23 -11.84 16.91 22.24
N ASP J 24 -12.79 17.82 22.40
CA ASP J 24 -14.08 17.63 21.75
C ASP J 24 -14.96 18.88 21.56
N ASN J 25 -15.84 18.77 20.57
CA ASN J 25 -16.84 19.76 20.19
C ASN J 25 -16.29 21.12 19.78
N LEU J 26 -15.04 21.11 19.31
CA LEU J 26 -14.40 22.26 18.73
C LEU J 26 -13.75 21.69 17.47
N LYS J 27 -14.59 21.03 16.69
CA LYS J 27 -14.24 20.45 15.41
C LYS J 27 -14.36 21.54 14.37
N ARG J 28 -15.15 22.57 14.70
CA ARG J 28 -15.33 23.72 13.83
C ARG J 28 -14.06 24.55 13.75
N VAL J 29 -13.34 24.62 14.88
CA VAL J 29 -12.03 25.25 14.95
C VAL J 29 -11.17 24.71 13.79
N VAL J 30 -11.05 23.39 13.76
CA VAL J 30 -10.35 22.68 12.69
C VAL J 30 -10.93 22.95 11.31
N ARG J 31 -12.25 23.04 11.23
CA ARG J 31 -12.87 23.27 9.94
C ARG J 31 -12.57 24.66 9.45
N LYS J 32 -12.70 25.62 10.35
CA LYS J 32 -12.39 27.00 10.00
C LYS J 32 -10.91 27.17 9.76
N MSE J 33 -10.11 26.21 10.21
CA MSE J 33 -8.69 26.25 9.92
C MSE J 33 -8.45 25.75 8.52
O MSE J 33 -7.54 26.20 7.84
CB MSE J 33 -7.91 25.41 10.90
CG MSE J 33 -7.58 26.12 12.16
SE MSE J 33 -6.41 24.98 13.10
CE MSE J 33 -5.14 24.68 11.72
N PHE J 34 -9.26 24.80 8.08
CA PHE J 34 -9.14 24.31 6.72
C PHE J 34 -9.70 25.36 5.77
N ASP J 35 -10.86 25.92 6.15
CA ASP J 35 -11.54 26.95 5.38
C ASP J 35 -10.58 28.02 4.91
N ILE J 36 -9.93 28.60 5.90
CA ILE J 36 -8.99 29.69 5.73
C ILE J 36 -7.91 29.27 4.77
N MSE J 37 -7.39 28.06 5.00
CA MSE J 37 -6.32 27.50 4.20
C MSE J 37 -6.79 27.27 2.78
O MSE J 37 -6.09 27.63 1.85
CB MSE J 37 -5.85 26.18 4.84
CG MSE J 37 -4.56 25.65 4.28
SE MSE J 37 -4.48 23.73 4.53
CE MSE J 37 -5.72 23.18 3.14
N TYR J 38 -8.00 26.72 2.65
CA TYR J 38 -8.57 26.47 1.32
C TYR J 38 -8.69 27.72 0.46
N GLU J 39 -9.19 28.80 1.05
CA GLU J 39 -9.33 30.05 0.31
C GLU J 39 -7.98 30.75 0.07
N SER J 40 -6.98 30.44 0.90
CA SER J 40 -5.67 31.05 0.76
C SER J 40 -4.82 30.29 -0.25
N LYS J 41 -5.38 29.20 -0.78
CA LYS J 41 -4.73 28.32 -1.74
C LYS J 41 -3.41 27.85 -1.19
N GLY J 42 -3.45 27.28 0.01
CA GLY J 42 -2.25 26.82 0.69
C GLY J 42 -2.25 25.34 1.02
N ILE J 43 -1.07 24.72 0.97
CA ILE J 43 -0.96 23.28 1.16
C ILE J 43 -1.17 22.81 2.59
N GLY J 44 -0.88 23.65 3.56
CA GLY J 44 -0.98 23.24 4.95
C GLY J 44 -1.25 24.40 5.87
N LEU J 45 -1.58 24.10 7.11
CA LEU J 45 -1.88 25.14 8.07
C LEU J 45 -1.73 24.71 9.52
N SER J 46 -1.20 25.61 10.34
CA SER J 46 -1.12 25.42 11.77
C SER J 46 -2.02 26.46 12.41
N ALA J 47 -2.51 26.14 13.60
CA ALA J 47 -3.40 27.04 14.33
C ALA J 47 -2.89 28.46 14.65
N PRO J 48 -1.62 28.68 15.03
CA PRO J 48 -1.17 30.05 15.25
C PRO J 48 -1.31 30.91 14.01
N GLN J 49 -1.34 30.29 12.84
CA GLN J 49 -1.49 31.04 11.60
C GLN J 49 -2.89 31.58 11.43
N VAL J 50 -3.81 31.24 12.33
CA VAL J 50 -5.14 31.85 12.35
C VAL J 50 -5.39 32.51 13.71
N ASN J 51 -4.30 32.78 14.44
CA ASN J 51 -4.35 33.51 15.71
C ASN J 51 -4.88 32.70 16.89
N ILE J 52 -4.93 31.39 16.77
CA ILE J 52 -5.20 30.55 17.94
C ILE J 52 -3.89 29.91 18.34
N SER J 53 -3.42 30.16 19.54
CA SER J 53 -2.14 29.59 19.96
C SER J 53 -2.26 28.17 20.51
N LYS J 54 -2.97 27.30 19.80
CA LYS J 54 -3.05 25.90 20.22
C LYS J 54 -2.30 24.99 19.28
N ARG J 55 -1.89 23.84 19.79
CA ARG J 55 -1.06 22.91 19.06
C ARG J 55 -1.80 22.07 18.06
N ILE J 56 -2.34 22.70 17.02
CA ILE J 56 -3.11 21.98 16.01
C ILE J 56 -2.44 22.07 14.63
N ILE J 57 -2.42 20.98 13.87
CA ILE J 57 -1.77 20.95 12.56
C ILE J 57 -2.65 20.21 11.57
N VAL J 58 -2.97 20.83 10.44
CA VAL J 58 -3.73 20.16 9.37
C VAL J 58 -3.11 20.38 7.99
N TRP J 59 -3.51 19.55 7.02
CA TRP J 59 -3.09 19.70 5.61
C TRP J 59 -3.75 18.80 4.61
N ASN J 60 -3.35 19.00 3.36
CA ASN J 60 -3.83 18.23 2.22
C ASN J 60 -2.81 18.34 1.11
N ALA J 61 -2.25 17.20 0.71
CA ALA J 61 -1.24 17.17 -0.36
C ALA J 61 -1.86 17.52 -1.70
N LEU J 62 -3.18 17.42 -1.76
CA LEU J 62 -3.93 17.78 -2.94
C LEU J 62 -4.99 18.79 -2.50
N TYR J 63 -4.58 20.02 -2.27
CA TYR J 63 -5.50 21.07 -1.86
C TYR J 63 -6.06 21.76 -3.09
N GLU J 64 -5.38 21.55 -4.22
CA GLU J 64 -5.81 22.07 -5.51
C GLU J 64 -7.09 21.37 -5.99
N LYS J 65 -7.42 20.25 -5.36
CA LYS J 65 -8.67 19.52 -5.54
C LYS J 65 -9.13 19.18 -4.14
N ARG J 66 -10.12 19.88 -3.59
CA ARG J 66 -10.49 19.62 -2.20
C ARG J 66 -11.49 18.49 -1.95
N LYS J 67 -11.00 17.43 -1.33
CA LYS J 67 -11.83 16.30 -0.93
C LYS J 67 -11.63 16.06 0.56
N GLU J 68 -12.70 15.69 1.27
CA GLU J 68 -12.60 15.33 2.68
C GLU J 68 -11.94 13.96 2.78
N GLU J 69 -11.43 13.63 3.97
CA GLU J 69 -10.64 12.42 4.22
C GLU J 69 -9.44 12.31 3.28
N ASN J 70 -8.95 13.47 2.86
CA ASN J 70 -7.74 13.63 2.06
C ASN J 70 -7.04 14.70 2.86
N GLU J 71 -7.75 15.06 3.93
CA GLU J 71 -7.37 16.03 4.91
C GLU J 71 -6.69 15.31 6.07
N ARG J 72 -5.51 15.77 6.46
CA ARG J 72 -4.79 15.16 7.57
C ARG J 72 -4.86 16.14 8.73
N ILE J 73 -5.17 15.66 9.93
CA ILE J 73 -5.32 16.51 11.13
C ILE J 73 -4.47 15.99 12.29
N PHE J 74 -3.63 16.84 12.87
CA PHE J 74 -2.71 16.37 13.92
C PHE J 74 -2.72 17.27 15.17
N ILE J 75 -3.11 16.71 16.31
CA ILE J 75 -3.26 17.50 17.54
C ILE J 75 -2.29 17.11 18.65
N ASN J 76 -1.66 18.11 19.30
CA ASN J 76 -0.59 17.96 20.31
C ASN J 76 0.49 17.00 19.87
N PRO J 77 1.15 17.28 18.76
CA PRO J 77 2.12 16.36 18.20
C PRO J 77 3.49 16.56 18.73
N SER J 78 4.31 15.56 18.44
CA SER J 78 5.72 15.55 18.70
C SER J 78 6.40 14.69 17.64
N ILE J 79 7.73 14.82 17.55
CA ILE J 79 8.54 14.05 16.61
C ILE J 79 9.40 13.09 17.40
N VAL J 80 9.05 11.80 17.41
CA VAL J 80 9.80 10.85 18.21
C VAL J 80 11.15 10.44 17.62
N GLU J 81 11.25 10.45 16.28
CA GLU J 81 12.50 10.15 15.58
C GLU J 81 12.47 10.78 14.20
N GLN J 82 13.64 10.88 13.59
CA GLN J 82 13.78 11.50 12.28
C GLN J 82 14.99 10.97 11.56
N SER J 83 14.91 10.94 10.24
CA SER J 83 15.95 10.39 9.37
C SER J 83 17.27 11.12 9.47
N LEU J 84 18.36 10.42 9.18
CA LEU J 84 19.65 11.07 9.25
C LEU J 84 19.91 11.78 7.94
N VAL J 85 19.49 11.11 6.86
CA VAL J 85 19.51 11.61 5.48
C VAL J 85 18.63 12.85 5.40
N LYS J 86 19.17 13.97 4.90
CA LYS J 86 18.36 15.20 4.86
C LYS J 86 18.14 15.75 3.43
N LEU J 87 17.28 16.75 3.30
CA LEU J 87 16.83 17.19 1.99
C LEU J 87 16.54 18.68 1.87
N LYS J 88 17.14 19.35 0.88
CA LYS J 88 16.80 20.74 0.61
C LYS J 88 15.67 20.76 -0.43
N LEU J 89 14.52 21.33 -0.05
CA LEU J 89 13.43 21.49 -0.96
C LEU J 89 12.94 22.92 -0.84
N ILE J 90 12.24 23.42 -1.88
CA ILE J 90 11.75 24.77 -1.86
C ILE J 90 10.44 24.90 -1.12
N GLU J 91 10.40 25.72 -0.07
CA GLU J 91 9.16 25.89 0.69
C GLU J 91 8.58 27.28 0.56
N GLY J 92 7.27 27.39 0.73
CA GLY J 92 6.57 28.64 0.79
C GLY J 92 5.76 28.60 2.08
N CYS J 93 4.99 29.65 2.39
CA CYS J 93 4.20 29.68 3.62
C CYS J 93 3.08 30.74 3.55
N LEU J 94 1.95 30.45 4.16
CA LEU J 94 0.80 31.35 4.13
C LEU J 94 0.97 32.65 4.95
N SER J 95 2.05 32.75 5.69
CA SER J 95 2.31 33.97 6.42
C SER J 95 3.39 34.80 5.70
N PHE J 96 3.76 34.38 4.49
CA PHE J 96 4.86 35.02 3.79
C PHE J 96 4.76 34.87 2.27
N GLY J 97 4.26 35.88 1.52
CA GLY J 97 4.25 35.84 0.04
C GLY J 97 5.62 35.58 -0.59
N ILE J 98 6.51 34.98 0.22
CA ILE J 98 7.95 34.74 0.01
C ILE J 98 8.21 33.25 -0.15
N GLU J 99 9.35 32.87 -0.75
CA GLU J 99 9.73 31.47 -0.88
C GLU J 99 11.25 31.15 -0.78
N GLY J 100 11.60 29.99 -0.22
CA GLY J 100 12.98 29.61 -0.19
C GLY J 100 13.25 28.13 -0.04
N LYS J 101 14.51 27.72 -0.23
CA LYS J 101 14.97 26.35 -0.04
C LYS J 101 15.37 26.10 1.42
N VAL J 102 14.74 25.13 2.06
CA VAL J 102 14.99 24.82 3.45
C VAL J 102 15.41 23.36 3.51
N GLU J 103 16.44 23.03 4.29
CA GLU J 103 16.91 21.65 4.37
C GLU J 103 16.28 20.99 5.55
N ARG J 104 15.52 19.91 5.35
CA ARG J 104 14.93 19.19 6.50
C ARG J 104 15.21 17.69 6.37
N PRO J 105 15.12 16.93 7.46
CA PRO J 105 15.30 15.48 7.36
C PRO J 105 14.14 14.92 6.54
N SER J 106 14.42 13.88 5.78
CA SER J 106 13.47 13.31 4.84
C SER J 106 12.30 12.57 5.45
N ILE J 107 12.57 11.76 6.46
CA ILE J 107 11.49 10.99 7.08
C ILE J 107 11.44 11.29 8.56
N VAL J 108 10.25 11.50 9.08
CA VAL J 108 10.07 11.70 10.49
C VAL J 108 9.21 10.60 11.08
N SER J 109 9.45 10.26 12.36
CA SER J 109 8.59 9.34 13.10
C SER J 109 7.77 10.11 14.09
N ILE J 110 6.46 10.04 13.94
CA ILE J 110 5.53 10.90 14.67
C ILE J 110 4.74 10.20 15.74
N SER J 111 4.32 10.97 16.74
CA SER J 111 3.34 10.57 17.73
C SER J 111 2.37 11.74 17.76
N TYR J 112 1.08 11.50 17.80
CA TYR J 112 0.11 12.58 17.84
C TYR J 112 -1.23 12.11 18.43
N TYR J 113 -2.19 13.03 18.50
CA TYR J 113 -3.54 12.71 18.97
C TYR J 113 -4.49 13.15 17.89
N ASP J 114 -5.64 12.47 17.75
CA ASP J 114 -6.58 12.89 16.71
C ASP J 114 -7.64 13.85 17.20
N ILE J 115 -8.71 13.95 16.43
CA ILE J 115 -9.80 14.85 16.74
C ILE J 115 -10.58 14.42 17.99
N ASN J 116 -10.41 13.16 18.39
CA ASN J 116 -11.15 12.59 19.51
C ASN J 116 -10.34 12.37 20.79
N GLY J 117 -9.02 12.43 20.70
CA GLY J 117 -8.19 12.31 21.89
C GLY J 117 -7.37 11.06 22.01
N TYR J 118 -7.30 10.30 20.93
CA TYR J 118 -6.61 9.03 20.93
C TYR J 118 -5.21 9.13 20.32
N LYS J 119 -4.20 8.61 21.04
CA LYS J 119 -2.81 8.73 20.60
C LYS J 119 -2.55 7.82 19.43
N HIS J 120 -1.88 8.33 18.42
CA HIS J 120 -1.51 7.52 17.27
C HIS J 120 -0.02 7.58 17.05
N LEU J 121 0.48 6.65 16.28
CA LEU J 121 1.89 6.55 15.96
C LEU J 121 1.98 6.39 14.44
N LYS J 122 2.89 7.12 13.78
CA LYS J 122 3.00 7.09 12.33
C LYS J 122 4.37 7.50 11.81
N ILE J 123 4.81 6.89 10.71
CA ILE J 123 6.03 7.30 9.99
C ILE J 123 5.64 8.14 8.78
N LEU J 124 5.72 9.45 8.88
CA LEU J 124 5.43 10.31 7.73
C LEU J 124 6.65 10.39 6.86
N LYS J 125 6.48 10.18 5.56
CA LYS J 125 7.60 10.32 4.66
C LYS J 125 7.22 10.99 3.36
N GLY J 126 8.09 11.87 2.87
CA GLY J 126 7.90 12.49 1.57
C GLY J 126 7.42 13.92 1.60
N ILE J 127 6.29 14.15 0.94
CA ILE J 127 5.73 15.49 0.87
C ILE J 127 4.91 15.70 2.13
N HIS J 128 4.55 14.60 2.79
CA HIS J 128 3.80 14.70 4.02
C HIS J 128 4.76 14.94 5.16
N SER J 129 6.02 14.59 4.93
CA SER J 129 7.06 14.80 5.89
C SER J 129 7.46 16.24 5.89
N ARG J 130 7.52 16.83 4.70
CA ARG J 130 7.98 18.21 4.56
C ARG J 130 7.07 19.14 5.34
N ILE J 131 5.82 19.13 4.92
CA ILE J 131 4.75 19.92 5.45
C ILE J 131 4.59 19.72 6.93
N PHE J 132 4.70 18.49 7.43
CA PHE J 132 4.49 18.28 8.87
C PHE J 132 5.50 19.09 9.63
N GLN J 133 6.75 18.96 9.20
CA GLN J 133 7.86 19.63 9.82
C GLN J 133 7.75 21.16 9.69
N HIS J 134 7.24 21.65 8.57
CA HIS J 134 7.00 23.09 8.43
C HIS J 134 6.06 23.51 9.50
N GLU J 135 4.86 22.97 9.42
CA GLU J 135 3.78 23.32 10.32
C GLU J 135 4.07 23.04 11.80
N PHE J 136 4.81 21.98 12.09
CA PHE J 136 5.20 21.66 13.46
C PHE J 136 6.04 22.81 13.98
N ASP J 137 7.03 23.22 13.19
CA ASP J 137 7.81 24.38 13.54
C ASP J 137 6.95 25.61 13.89
N HIS J 138 5.67 25.66 13.55
CA HIS J 138 4.90 26.83 13.92
C HIS J 138 4.53 26.67 15.38
N LEU J 139 4.26 25.44 15.78
CA LEU J 139 3.88 25.16 17.15
C LEU J 139 5.02 25.46 18.15
N ASN J 140 6.24 25.58 17.64
CA ASN J 140 7.38 25.88 18.47
C ASN J 140 7.87 27.34 18.37
N GLY J 141 7.32 28.09 17.44
CA GLY J 141 7.70 29.47 17.21
C GLY J 141 8.82 29.58 16.19
N THR J 142 9.14 28.49 15.51
CA THR J 142 10.15 28.53 14.46
C THR J 142 9.46 28.93 13.16
N LEU J 143 10.09 29.78 12.38
CA LEU J 143 9.54 30.27 11.14
C LEU J 143 10.49 29.77 10.04
N PHE J 144 10.00 29.70 8.82
CA PHE J 144 10.81 29.05 7.79
C PHE J 144 12.00 29.86 7.42
N ILE J 145 11.89 31.17 7.63
CA ILE J 145 13.02 32.02 7.37
C ILE J 145 14.15 31.69 8.37
N ASP J 146 13.85 31.10 9.53
CA ASP J 146 14.92 30.75 10.46
C ASP J 146 15.94 29.74 9.91
N LYS J 147 15.51 28.91 8.96
CA LYS J 147 16.40 27.92 8.40
C LYS J 147 16.74 28.04 6.93
N MSE J 148 16.57 29.23 6.38
CA MSE J 148 16.89 29.47 5.00
C MSE J 148 18.39 29.65 4.91
O MSE J 148 19.03 29.99 5.89
CB MSE J 148 16.21 30.76 4.57
CG MSE J 148 15.65 30.75 3.18
SE MSE J 148 14.07 31.82 3.08
CE MSE J 148 14.19 32.56 1.35
N THR J 149 18.97 29.40 3.75
CA THR J 149 20.40 29.64 3.57
C THR J 149 20.62 31.14 3.57
N GLN J 150 21.85 31.57 3.89
CA GLN J 150 22.22 32.98 3.96
C GLN J 150 21.81 33.71 2.70
N VAL J 151 22.19 33.07 1.58
CA VAL J 151 21.90 33.55 0.23
C VAL J 151 20.43 33.81 0.09
N ASP J 152 19.62 32.82 0.39
CA ASP J 152 18.21 33.02 0.23
C ASP J 152 17.63 33.99 1.24
N LYS J 153 18.20 34.03 2.44
CA LYS J 153 17.82 35.00 3.49
C LYS J 153 18.02 36.44 2.99
N LYS J 154 19.20 36.71 2.44
CA LYS J 154 19.57 38.00 1.85
C LYS J 154 18.70 38.31 0.68
N LYS J 155 18.53 37.32 -0.18
CA LYS J 155 17.75 37.46 -1.41
C LYS J 155 16.29 37.81 -1.12
N VAL J 156 15.86 37.57 0.11
CA VAL J 156 14.46 37.86 0.43
C VAL J 156 14.24 38.97 1.45
N ARG J 157 15.35 39.59 1.87
CA ARG J 157 15.35 40.77 2.73
C ARG J 157 14.26 41.81 2.40
N PRO J 158 14.24 42.38 1.20
CA PRO J 158 13.29 43.46 0.94
C PRO J 158 11.86 43.09 1.32
N LYS J 159 11.46 41.86 1.03
CA LYS J 159 10.10 41.42 1.27
C LYS J 159 9.80 41.24 2.75
N LEU J 160 10.81 40.81 3.48
CA LEU J 160 10.69 40.69 4.91
C LEU J 160 10.54 42.12 5.45
N ASN J 161 11.32 43.08 4.93
CA ASN J 161 11.10 44.48 5.39
C ASN J 161 9.75 45.03 4.92
N GLU J 162 9.32 44.64 3.72
CA GLU J 162 8.02 45.09 3.19
C GLU J 162 6.92 44.66 4.11
N LEU J 163 7.00 43.43 4.59
CA LEU J 163 6.00 42.85 5.49
C LEU J 163 6.01 43.49 6.86
N ILE J 164 7.18 43.89 7.32
CA ILE J 164 7.28 44.64 8.58
C ILE J 164 6.68 46.06 8.41
N ARG J 165 6.80 46.65 7.20
CA ARG J 165 6.24 48.01 6.97
C ARG J 165 4.76 47.96 7.16
N ASP J 166 4.15 47.07 6.37
CA ASP J 166 2.72 46.79 6.27
C ASP J 166 2.15 46.58 7.63
N TYR J 167 2.90 45.86 8.43
CA TYR J 167 2.41 45.54 9.75
C TYR J 167 2.30 46.77 10.63
N LYS J 168 3.29 47.65 10.57
CA LYS J 168 3.32 48.85 11.40
C LYS J 168 2.13 49.77 11.18
N ALA J 169 1.38 49.55 10.11
CA ALA J 169 0.14 50.28 9.83
C ALA J 169 -1.04 49.74 10.64
N THR J 170 -0.84 48.64 11.35
CA THR J 170 -1.77 48.22 12.40
C THR J 170 -1.82 49.36 13.45
N HIS J 171 -0.66 49.82 13.89
CA HIS J 171 -0.59 50.92 14.85
C HIS J 171 -0.31 52.25 14.13
N SER J 172 -1.12 52.56 13.12
CA SER J 172 -0.97 53.81 12.41
C SER J 172 -1.67 54.91 13.19
CO CO K . -4.03 -40.74 2.24
CO CO L . 30.31 -16.97 -20.19
CO CO M . -36.05 -61.22 49.89
CO CO N . -19.13 -24.82 23.73
CO CO O . 11.17 -16.78 21.62
CO CO P . -41.23 10.60 0.53
CO CO Q . 42.89 63.42 -36.89
CO CO R . -9.30 34.18 -25.18
CO CO S . 19.98 25.53 -19.83
CO CO T . 3.99 28.17 7.55
#